data_5YAK
#
_entry.id   5YAK
#
_cell.length_a   105.079
_cell.length_b   105.079
_cell.length_c   300.202
_cell.angle_alpha   90.00
_cell.angle_beta   90.00
_cell.angle_gamma   120.00
#
_symmetry.space_group_name_H-M   'P 61'
#
loop_
_entity.id
_entity.type
_entity.pdbx_description
1 polymer 'Iodotyrosine deiodinase 1'
2 non-polymer 'FLAVIN MONONUCLEOTIDE'
3 non-polymer 3-FLUOROTYROSINE
4 water water
#
_entity_poly.entity_id   1
_entity_poly.type   'polypeptide(L)'
_entity_poly.pdbx_seq_one_letter_code
;GEPRTRAEARPWVDEDLKDSSDLHQAEEDADEWQESEENVEHIPFSHNHYPEKEMVKRSQEFYELLNKRRSVRFISNEQV
PMEVIDNVIRTAGTAPSGAHTEPWTFVVVKDPDVKHKIRKIIEEEEEINYMKRMGHRWVTDLKKLRTNWIKEYLDTAPIL
ILIFKQVHGFAANGKKKVHYYNEISVSIACGILLAALQNAGLVTVTTAPLNCGPRLRVLLGRPAHEKLLMLLPVGYPSKE
ATVPDLKRKPLDQIMVTVHHHHHH
;
_entity_poly.pdbx_strand_id   A,B,C,D,E,F
#
# COMPACT_ATOMS: atom_id res chain seq x y z
N GLU A 41 45.02 4.44 4.45
CA GLU A 41 44.17 4.49 5.70
C GLU A 41 42.87 3.65 5.65
N HIS A 42 42.57 2.88 6.72
CA HIS A 42 41.45 1.91 6.68
C HIS A 42 40.23 2.29 7.51
N ILE A 43 39.04 2.18 6.92
CA ILE A 43 37.81 2.67 7.54
C ILE A 43 36.74 1.62 7.73
N PRO A 44 35.78 1.88 8.63
CA PRO A 44 34.71 0.90 8.85
C PRO A 44 33.83 0.70 7.65
N PHE A 45 33.41 -0.54 7.44
CA PHE A 45 32.67 -0.82 6.25
C PHE A 45 31.23 -0.77 6.65
N SER A 46 30.48 0.13 6.00
CA SER A 46 29.05 0.29 6.25
C SER A 46 28.24 -0.45 5.18
N HIS A 47 27.58 -1.52 5.61
CA HIS A 47 26.84 -2.38 4.70
C HIS A 47 25.39 -1.97 4.61
N ASN A 48 24.75 -2.23 3.48
CA ASN A 48 23.29 -2.19 3.41
C ASN A 48 22.64 -3.57 3.28
N HIS A 49 21.98 -3.95 4.37
CA HIS A 49 21.56 -5.32 4.67
C HIS A 49 20.09 -5.49 4.34
N TYR A 50 19.74 -6.63 3.74
CA TYR A 50 18.34 -6.99 3.60
C TYR A 50 18.02 -8.22 4.44
N PRO A 51 16.77 -8.29 4.95
CA PRO A 51 16.31 -9.55 5.53
C PRO A 51 16.23 -10.66 4.47
N GLU A 52 16.38 -11.91 4.91
CA GLU A 52 16.43 -13.04 4.03
C GLU A 52 15.39 -13.03 2.96
N LYS A 53 14.20 -12.53 3.28
CA LYS A 53 13.12 -12.63 2.33
C LYS A 53 13.27 -11.56 1.28
N GLU A 54 13.79 -10.39 1.64
CA GLU A 54 14.05 -9.36 0.62
C GLU A 54 15.31 -9.78 -0.23
N MET A 55 16.28 -10.43 0.41
CA MET A 55 17.43 -11.00 -0.30
C MET A 55 16.98 -11.92 -1.41
N VAL A 56 16.09 -12.86 -1.07
CA VAL A 56 15.55 -13.85 -2.01
C VAL A 56 14.82 -13.17 -3.14
N LYS A 57 14.03 -12.17 -2.81
CA LYS A 57 13.16 -11.54 -3.79
C LYS A 57 14.00 -10.67 -4.78
N ARG A 58 14.88 -9.83 -4.25
CA ARG A 58 15.76 -9.01 -5.06
C ARG A 58 16.60 -9.85 -6.03
N SER A 59 17.07 -11.00 -5.55
CA SER A 59 17.98 -11.88 -6.28
C SER A 59 17.25 -12.66 -7.35
N GLN A 60 16.04 -13.05 -7.02
CA GLN A 60 15.15 -13.69 -7.96
C GLN A 60 14.80 -12.73 -9.10
N GLU A 61 14.40 -11.52 -8.78
CA GLU A 61 14.01 -10.55 -9.81
C GLU A 61 15.18 -10.05 -10.66
N PHE A 62 16.38 -10.03 -10.08
CA PHE A 62 17.57 -9.61 -10.81
C PHE A 62 17.94 -10.71 -11.79
N TYR A 63 17.88 -11.98 -11.35
CA TYR A 63 18.02 -13.09 -12.29
C TYR A 63 17.08 -12.96 -13.48
N GLU A 64 15.83 -12.55 -13.22
CA GLU A 64 14.81 -12.53 -14.26
C GLU A 64 15.06 -11.43 -15.31
N LEU A 65 15.41 -10.26 -14.79
CA LEU A 65 15.86 -9.16 -15.61
C LEU A 65 17.08 -9.55 -16.48
N LEU A 66 18.09 -10.20 -15.90
CA LEU A 66 19.31 -10.49 -16.68
C LEU A 66 19.14 -11.64 -17.64
N ASN A 67 18.28 -12.58 -17.29
CA ASN A 67 17.99 -13.69 -18.18
C ASN A 67 17.23 -13.28 -19.46
N LYS A 68 16.67 -12.08 -19.46
CA LYS A 68 16.09 -11.50 -20.67
C LYS A 68 17.11 -10.87 -21.63
N ARG A 69 18.25 -10.41 -21.09
CA ARG A 69 19.41 -10.03 -21.90
C ARG A 69 19.76 -11.05 -22.96
N ARG A 70 19.80 -10.59 -24.20
CA ARG A 70 20.28 -11.36 -25.32
C ARG A 70 21.22 -10.50 -26.15
N SER A 71 22.21 -11.13 -26.78
CA SER A 71 23.11 -10.38 -27.67
C SER A 71 22.27 -10.02 -28.88
N VAL A 72 22.14 -8.72 -29.13
CA VAL A 72 21.31 -8.21 -30.25
C VAL A 72 22.20 -7.58 -31.34
N ARG A 73 22.16 -8.15 -32.53
CA ARG A 73 23.02 -7.72 -33.61
C ARG A 73 22.31 -6.77 -34.61
N PHE A 74 21.12 -6.27 -34.25
CA PHE A 74 20.34 -5.38 -35.11
C PHE A 74 19.76 -4.26 -34.27
N ILE A 75 20.26 -3.06 -34.49
CA ILE A 75 20.10 -1.96 -33.60
C ILE A 75 19.59 -0.78 -34.39
N SER A 76 18.56 -0.15 -33.83
CA SER A 76 17.90 0.99 -34.38
C SER A 76 18.79 2.22 -34.29
N ASN A 77 18.60 3.17 -35.20
CA ASN A 77 19.36 4.42 -35.14
C ASN A 77 18.70 5.47 -34.24
N GLU A 78 17.58 5.14 -33.59
CA GLU A 78 16.95 6.08 -32.66
C GLU A 78 17.93 6.46 -31.55
N GLN A 79 18.16 7.76 -31.33
CA GLN A 79 19.09 8.22 -30.31
C GLN A 79 18.59 7.84 -28.91
N VAL A 80 19.55 7.81 -28.00
CA VAL A 80 19.37 7.39 -26.64
C VAL A 80 19.93 8.50 -25.75
N PRO A 81 19.42 8.61 -24.52
CA PRO A 81 19.89 9.70 -23.65
C PRO A 81 21.34 9.49 -23.13
N MET A 82 22.22 10.42 -23.45
CA MET A 82 23.63 10.39 -23.01
C MET A 82 23.82 10.33 -21.49
N GLU A 83 22.83 10.78 -20.71
CA GLU A 83 22.86 10.67 -19.27
C GLU A 83 22.85 9.20 -18.84
N VAL A 84 22.15 8.35 -19.58
CA VAL A 84 22.18 6.93 -19.30
C VAL A 84 23.56 6.36 -19.62
N ILE A 85 24.17 6.82 -20.71
CA ILE A 85 25.40 6.24 -21.17
C ILE A 85 26.44 6.59 -20.13
N ASP A 86 26.41 7.83 -19.65
CA ASP A 86 27.32 8.30 -18.60
C ASP A 86 27.16 7.46 -17.35
N ASN A 87 25.91 7.20 -17.00
CA ASN A 87 25.59 6.40 -15.85
C ASN A 87 26.08 4.96 -15.93
N VAL A 88 25.86 4.29 -17.06
CA VAL A 88 26.28 2.88 -17.21
C VAL A 88 27.81 2.75 -17.23
N ILE A 89 28.49 3.68 -17.89
CA ILE A 89 29.94 3.66 -17.81
C ILE A 89 30.43 3.88 -16.35
N ARG A 90 29.88 4.89 -15.68
CA ARG A 90 30.13 5.18 -14.25
C ARG A 90 29.95 3.89 -13.45
N THR A 91 28.91 3.15 -13.75
CA THR A 91 28.66 1.90 -13.09
C THR A 91 29.80 0.87 -13.32
N ALA A 92 30.23 0.76 -14.58
CA ALA A 92 31.34 -0.15 -14.98
C ALA A 92 32.58 0.17 -14.23
N GLY A 93 32.80 1.45 -13.98
CA GLY A 93 33.95 1.93 -13.24
C GLY A 93 33.98 1.62 -11.74
N THR A 94 32.88 1.05 -11.23
CA THR A 94 32.79 0.58 -9.85
C THR A 94 33.34 -0.81 -9.66
N ALA A 95 33.76 -1.45 -10.76
CA ALA A 95 34.27 -2.82 -10.70
C ALA A 95 35.52 -2.92 -9.86
N PRO A 96 35.73 -4.09 -9.27
CA PRO A 96 36.97 -4.27 -8.55
C PRO A 96 38.10 -4.33 -9.58
N SER A 97 39.34 -4.21 -9.14
CA SER A 97 40.48 -4.36 -10.05
C SER A 97 41.73 -4.71 -9.27
N GLY A 98 42.62 -5.49 -9.89
CA GLY A 98 43.86 -5.90 -9.24
C GLY A 98 44.64 -4.75 -8.65
N ALA A 99 45.06 -4.91 -7.41
CA ALA A 99 45.73 -3.85 -6.61
C ALA A 99 45.18 -2.41 -6.76
N HIS A 100 43.87 -2.31 -6.96
CA HIS A 100 43.17 -1.06 -7.17
C HIS A 100 43.81 -0.22 -8.24
N THR A 101 43.82 -0.76 -9.46
CA THR A 101 44.49 -0.11 -10.60
C THR A 101 43.51 0.47 -11.61
N GLU A 102 42.28 -0.01 -11.64
CA GLU A 102 41.30 0.60 -12.52
C GLU A 102 41.78 0.70 -13.99
N PRO A 103 42.17 -0.41 -14.59
CA PRO A 103 42.90 -0.30 -15.86
C PRO A 103 42.03 -0.23 -17.09
N TRP A 104 40.92 0.52 -17.04
CA TRP A 104 39.97 0.54 -18.14
C TRP A 104 39.82 1.92 -18.77
N THR A 105 39.67 1.97 -20.10
CA THR A 105 39.24 3.18 -20.80
C THR A 105 38.04 2.83 -21.68
N PHE A 106 36.93 3.56 -21.50
CA PHE A 106 35.71 3.31 -22.22
C PHE A 106 35.61 4.40 -23.28
N VAL A 107 35.69 4.04 -24.55
CA VAL A 107 35.73 5.06 -25.60
C VAL A 107 34.41 5.00 -26.32
N VAL A 108 33.68 6.11 -26.24
CA VAL A 108 32.30 6.18 -26.66
C VAL A 108 32.32 6.98 -27.94
N VAL A 109 31.77 6.41 -29.01
CA VAL A 109 31.75 7.07 -30.30
C VAL A 109 30.29 7.29 -30.73
N LYS A 110 29.89 8.54 -30.91
CA LYS A 110 28.56 8.87 -31.48
C LYS A 110 28.67 9.39 -32.92
N ASP A 111 29.83 9.95 -33.28
CA ASP A 111 29.97 10.64 -34.56
C ASP A 111 29.93 9.70 -35.79
N PRO A 112 28.95 9.94 -36.70
CA PRO A 112 28.73 9.15 -37.92
C PRO A 112 29.98 8.82 -38.72
N ASP A 113 30.90 9.78 -38.87
CA ASP A 113 32.02 9.60 -39.77
C ASP A 113 33.05 8.68 -39.19
N VAL A 114 33.28 8.80 -37.89
CA VAL A 114 34.27 7.96 -37.25
C VAL A 114 33.72 6.56 -37.22
N LYS A 115 32.44 6.47 -36.92
CA LYS A 115 31.75 5.20 -36.91
C LYS A 115 31.81 4.47 -38.24
N HIS A 116 31.67 5.20 -39.33
CA HIS A 116 31.77 4.59 -40.65
C HIS A 116 33.22 4.14 -40.91
N LYS A 117 34.20 4.90 -40.41
CA LYS A 117 35.59 4.43 -40.44
C LYS A 117 35.86 3.17 -39.59
N ILE A 118 35.22 3.07 -38.42
CA ILE A 118 35.34 1.86 -37.62
C ILE A 118 34.79 0.66 -38.39
N ARG A 119 33.65 0.87 -39.03
CA ARG A 119 32.97 -0.18 -39.81
C ARG A 119 33.79 -0.69 -40.95
N LYS A 120 34.39 0.23 -41.70
CA LYS A 120 35.27 -0.15 -42.79
C LYS A 120 36.41 -0.97 -42.22
N ILE A 121 37.01 -0.51 -41.13
CA ILE A 121 38.12 -1.29 -40.57
C ILE A 121 37.71 -2.72 -40.22
N ILE A 122 36.58 -2.85 -39.54
CA ILE A 122 36.20 -4.15 -38.95
C ILE A 122 35.72 -5.11 -40.04
N GLU A 123 34.97 -4.57 -41.00
CA GLU A 123 34.53 -5.40 -42.12
C GLU A 123 35.70 -5.94 -42.91
N GLU A 124 36.69 -5.11 -43.22
CA GLU A 124 37.91 -5.58 -43.91
C GLU A 124 38.58 -6.71 -43.15
N GLU A 125 38.89 -6.45 -41.88
CA GLU A 125 39.61 -7.44 -41.08
C GLU A 125 38.78 -8.71 -40.80
N GLU A 126 37.46 -8.58 -40.62
CA GLU A 126 36.63 -9.78 -40.39
C GLU A 126 36.45 -10.60 -41.67
N GLU A 127 36.45 -9.94 -42.82
CA GLU A 127 36.48 -10.67 -44.08
C GLU A 127 37.66 -11.61 -44.15
N ILE A 128 38.85 -11.09 -43.86
CA ILE A 128 40.06 -11.94 -43.88
C ILE A 128 40.04 -12.97 -42.76
N ASN A 129 39.39 -12.63 -41.65
CA ASN A 129 39.24 -13.57 -40.55
C ASN A 129 38.38 -14.75 -40.99
N TYR A 130 37.24 -14.47 -41.63
CA TYR A 130 36.31 -15.54 -42.04
C TYR A 130 36.88 -16.36 -43.20
N MET A 131 37.62 -15.70 -44.08
CA MET A 131 38.17 -16.37 -45.28
C MET A 131 39.42 -17.15 -44.93
N LYS A 132 40.26 -16.58 -44.08
CA LYS A 132 41.60 -17.12 -43.97
C LYS A 132 42.01 -17.45 -42.54
N ARG A 133 41.77 -16.54 -41.61
CA ARG A 133 42.53 -16.48 -40.36
C ARG A 133 41.94 -17.34 -39.22
N MET A 134 40.61 -17.38 -39.11
CA MET A 134 39.91 -18.11 -38.00
C MET A 134 40.03 -19.61 -38.13
N GLY A 135 39.99 -20.12 -39.35
CA GLY A 135 40.02 -21.58 -39.54
C GLY A 135 38.61 -22.15 -39.67
N HIS A 136 38.53 -23.34 -40.28
CA HIS A 136 37.27 -24.01 -40.62
C HIS A 136 36.42 -24.32 -39.38
N ARG A 137 37.02 -24.92 -38.35
CA ARG A 137 36.31 -25.29 -37.11
C ARG A 137 35.55 -24.07 -36.58
N TRP A 138 36.26 -22.96 -36.48
CA TRP A 138 35.73 -21.77 -35.84
C TRP A 138 34.57 -21.25 -36.70
N VAL A 139 34.78 -21.19 -38.00
CA VAL A 139 33.72 -20.74 -38.90
C VAL A 139 32.51 -21.69 -38.84
N THR A 140 32.74 -22.99 -38.87
CA THR A 140 31.65 -23.93 -38.67
C THR A 140 30.92 -23.71 -37.31
N ASP A 141 31.68 -23.41 -36.26
CA ASP A 141 31.12 -23.22 -34.92
C ASP A 141 30.22 -21.98 -34.85
N LEU A 142 30.39 -21.04 -35.78
CA LEU A 142 29.55 -19.84 -35.84
C LEU A 142 28.32 -19.90 -36.73
N LYS A 143 28.17 -20.95 -37.51
CA LYS A 143 26.97 -21.09 -38.40
C LYS A 143 25.67 -20.79 -37.65
N LYS A 144 25.44 -21.44 -36.51
CA LYS A 144 24.19 -21.24 -35.76
C LYS A 144 23.87 -19.78 -35.46
N LEU A 145 24.89 -18.94 -35.39
CA LEU A 145 24.67 -17.56 -35.01
C LEU A 145 24.43 -16.74 -36.25
N ARG A 146 24.87 -17.26 -37.41
CA ARG A 146 24.69 -16.61 -38.74
C ARG A 146 25.45 -15.29 -38.90
N THR A 147 26.46 -15.08 -38.08
CA THR A 147 27.38 -13.96 -38.24
C THR A 147 28.26 -14.09 -39.51
N ASN A 148 28.61 -12.95 -40.10
CA ASN A 148 29.59 -12.92 -41.18
C ASN A 148 30.43 -11.67 -41.01
N TRP A 149 31.06 -11.17 -42.07
CA TRP A 149 31.88 -9.97 -41.92
C TRP A 149 31.16 -8.69 -42.19
N ILE A 150 29.85 -8.74 -42.43
CA ILE A 150 29.05 -7.49 -42.54
C ILE A 150 28.52 -7.04 -41.17
N LYS A 151 28.83 -5.81 -40.78
CA LYS A 151 28.55 -5.35 -39.42
C LYS A 151 27.84 -4.02 -39.51
N GLU A 152 26.62 -4.10 -39.98
CA GLU A 152 25.77 -2.95 -40.21
C GLU A 152 25.49 -2.15 -38.94
N TYR A 153 25.49 -2.84 -37.79
CA TYR A 153 25.24 -2.18 -36.52
C TYR A 153 26.26 -1.09 -36.19
N LEU A 154 27.44 -1.18 -36.80
CA LEU A 154 28.48 -0.16 -36.62
C LEU A 154 28.10 1.20 -37.21
N ASP A 155 27.24 1.22 -38.24
CA ASP A 155 26.65 2.47 -38.70
C ASP A 155 25.35 2.79 -38.02
N THR A 156 24.45 1.83 -37.85
CA THR A 156 23.12 2.20 -37.34
C THR A 156 23.06 2.44 -35.83
N ALA A 157 23.93 1.80 -35.06
CA ALA A 157 23.90 2.06 -33.62
C ALA A 157 24.21 3.53 -33.34
N PRO A 158 23.39 4.22 -32.54
CA PRO A 158 23.75 5.60 -32.19
C PRO A 158 25.08 5.73 -31.40
N ILE A 159 25.41 4.71 -30.62
CA ILE A 159 26.57 4.73 -29.74
C ILE A 159 27.35 3.47 -29.99
N LEU A 160 28.67 3.60 -30.11
CA LEU A 160 29.57 2.47 -29.98
C LEU A 160 30.33 2.67 -28.69
N ILE A 161 30.46 1.60 -27.89
CA ILE A 161 31.41 1.62 -26.78
C ILE A 161 32.58 0.66 -27.04
N LEU A 162 33.78 1.22 -27.11
CA LEU A 162 34.95 0.42 -27.31
C LEU A 162 35.69 0.34 -25.97
N ILE A 163 36.02 -0.86 -25.54
CA ILE A 163 36.64 -1.01 -24.23
C ILE A 163 38.11 -1.36 -24.35
N PHE A 164 38.94 -0.47 -23.85
CA PHE A 164 40.39 -0.66 -23.92
C PHE A 164 40.94 -1.06 -22.55
N LYS A 165 41.77 -2.09 -22.50
CA LYS A 165 42.48 -2.39 -21.28
C LYS A 165 43.79 -1.63 -21.33
N GLN A 166 44.25 -1.20 -20.17
CA GLN A 166 45.52 -0.57 -20.02
C GLN A 166 46.42 -1.66 -19.51
N VAL A 167 47.32 -2.17 -20.36
CA VAL A 167 48.17 -3.31 -19.98
C VAL A 167 49.26 -2.91 -18.99
N HIS A 168 49.44 -1.61 -18.83
CA HIS A 168 50.23 -1.02 -17.73
C HIS A 168 49.82 0.44 -17.66
N GLY A 169 50.31 1.17 -16.64
CA GLY A 169 50.06 2.62 -16.52
C GLY A 169 51.33 3.43 -16.29
N PHE A 170 51.16 4.70 -15.92
CA PHE A 170 52.30 5.54 -15.57
C PHE A 170 51.96 6.32 -14.34
N ALA A 171 52.87 6.33 -13.35
CA ALA A 171 52.82 7.27 -12.19
C ALA A 171 52.94 8.78 -12.52
N GLY A 174 56.46 10.05 -13.05
CA GLY A 174 57.51 9.48 -13.91
C GLY A 174 57.26 8.13 -14.62
N LYS A 175 57.45 7.02 -13.89
CA LYS A 175 57.57 5.64 -14.46
C LYS A 175 56.26 4.77 -14.56
N LYS A 176 56.37 3.59 -15.13
CA LYS A 176 55.24 2.71 -15.32
C LYS A 176 54.80 1.96 -14.11
N LYS A 177 53.49 1.88 -13.99
CA LYS A 177 52.84 1.12 -12.95
C LYS A 177 52.39 -0.21 -13.52
N VAL A 178 52.47 -1.23 -12.67
CA VAL A 178 51.99 -2.55 -13.00
C VAL A 178 50.45 -2.58 -12.86
N HIS A 179 49.78 -3.11 -13.87
CA HIS A 179 48.35 -3.34 -13.81
C HIS A 179 48.10 -4.87 -13.68
N TYR A 180 48.12 -5.34 -12.43
CA TYR A 180 47.88 -6.73 -12.03
C TYR A 180 46.50 -7.21 -12.48
N TYR A 181 46.46 -8.31 -13.25
CA TYR A 181 45.23 -8.92 -13.72
C TYR A 181 44.39 -7.95 -14.54
N ASN A 182 45.00 -7.20 -15.46
CA ASN A 182 44.26 -6.15 -16.13
C ASN A 182 43.16 -6.62 -17.05
N GLU A 183 43.45 -7.66 -17.82
CA GLU A 183 42.45 -8.17 -18.70
C GLU A 183 41.24 -8.73 -17.94
N ILE A 184 41.51 -9.52 -16.93
CA ILE A 184 40.43 -10.05 -16.11
C ILE A 184 39.64 -8.85 -15.47
N SER A 185 40.33 -7.83 -14.96
CA SER A 185 39.63 -6.68 -14.36
C SER A 185 38.75 -5.99 -15.36
N VAL A 186 39.28 -5.79 -16.56
CA VAL A 186 38.50 -5.08 -17.55
C VAL A 186 37.29 -5.85 -17.96
N SER A 187 37.45 -7.16 -18.08
CA SER A 187 36.40 -8.04 -18.47
C SER A 187 35.31 -8.08 -17.41
N ILE A 188 35.69 -8.00 -16.14
CA ILE A 188 34.75 -7.94 -15.04
C ILE A 188 33.96 -6.62 -15.14
N ALA A 189 34.66 -5.54 -15.45
CA ALA A 189 33.97 -4.30 -15.74
C ALA A 189 32.97 -4.36 -16.88
N CYS A 190 33.30 -5.11 -17.92
CA CYS A 190 32.40 -5.24 -19.04
C CYS A 190 31.15 -6.04 -18.65
N GLY A 191 31.31 -7.03 -17.79
CA GLY A 191 30.14 -7.77 -17.25
C GLY A 191 29.18 -6.84 -16.50
N ILE A 192 29.73 -6.04 -15.63
CA ILE A 192 28.95 -5.06 -14.91
C ILE A 192 28.26 -4.07 -15.86
N LEU A 193 29.00 -3.60 -16.87
CA LEU A 193 28.43 -2.76 -17.90
C LEU A 193 27.26 -3.43 -18.63
N LEU A 194 27.38 -4.69 -18.97
CA LEU A 194 26.28 -5.39 -19.60
C LEU A 194 25.03 -5.49 -18.70
N ALA A 195 25.20 -5.74 -17.42
CA ALA A 195 24.04 -5.81 -16.53
C ALA A 195 23.40 -4.42 -16.47
N ALA A 196 24.25 -3.40 -16.40
CA ALA A 196 23.79 -2.03 -16.33
C ALA A 196 23.01 -1.65 -17.57
N LEU A 197 23.48 -2.07 -18.74
CA LEU A 197 22.82 -1.73 -19.97
C LEU A 197 21.47 -2.40 -19.98
N GLN A 198 21.44 -3.64 -19.53
CA GLN A 198 20.22 -4.40 -19.53
C GLN A 198 19.24 -3.73 -18.53
N ASN A 199 19.73 -3.34 -17.37
CA ASN A 199 18.91 -2.62 -16.43
C ASN A 199 18.34 -1.30 -16.90
N ALA A 200 19.00 -0.64 -17.85
CA ALA A 200 18.59 0.70 -18.25
C ALA A 200 17.76 0.69 -19.51
N GLY A 201 17.41 -0.51 -19.97
CA GLY A 201 16.57 -0.71 -21.14
C GLY A 201 17.27 -0.62 -22.49
N LEU A 202 18.61 -0.72 -22.53
CA LEU A 202 19.33 -0.71 -23.81
C LEU A 202 19.79 -2.11 -24.17
N VAL A 203 20.18 -2.29 -25.43
CA VAL A 203 20.68 -3.58 -25.89
C VAL A 203 22.03 -3.42 -26.53
N THR A 204 22.72 -4.54 -26.68
CA THR A 204 24.04 -4.52 -27.29
C THR A 204 24.44 -5.91 -27.71
N VAL A 205 25.64 -6.01 -28.26
CA VAL A 205 26.28 -7.33 -28.42
C VAL A 205 27.77 -7.19 -28.16
N THR A 206 28.27 -8.11 -27.37
CA THR A 206 29.65 -8.11 -26.95
C THR A 206 30.45 -8.61 -28.13
N THR A 207 31.28 -7.76 -28.72
CA THR A 207 32.13 -8.24 -29.83
C THR A 207 33.62 -8.13 -29.60
N ALA A 208 34.35 -9.06 -30.23
CA ALA A 208 35.79 -9.10 -30.18
C ALA A 208 36.31 -9.06 -31.63
N PRO A 209 36.50 -7.84 -32.17
CA PRO A 209 36.96 -7.70 -33.54
C PRO A 209 38.45 -8.08 -33.70
N LEU A 210 38.68 -9.37 -33.96
CA LEU A 210 40.00 -9.96 -34.05
C LEU A 210 40.88 -9.20 -35.08
N ASN A 211 42.11 -8.90 -34.67
CA ASN A 211 43.11 -8.29 -35.51
C ASN A 211 42.84 -6.86 -35.89
N CYS A 212 41.97 -6.16 -35.17
CA CYS A 212 41.55 -4.79 -35.52
C CYS A 212 42.05 -3.77 -34.50
N GLY A 213 42.64 -4.25 -33.41
CA GLY A 213 42.99 -3.39 -32.30
C GLY A 213 43.94 -2.28 -32.72
N PRO A 214 45.05 -2.69 -33.35
CA PRO A 214 46.04 -1.68 -33.76
C PRO A 214 45.45 -0.58 -34.64
N ARG A 215 44.61 -0.90 -35.61
CA ARG A 215 44.09 0.16 -36.48
C ARG A 215 43.12 1.06 -35.76
N LEU A 216 42.23 0.47 -34.97
CA LEU A 216 41.28 1.27 -34.15
C LEU A 216 41.99 2.12 -33.08
N ARG A 217 43.02 1.58 -32.47
CA ARG A 217 43.76 2.37 -31.47
C ARG A 217 44.25 3.68 -32.07
N VAL A 218 45.05 3.54 -33.12
CA VAL A 218 45.61 4.69 -33.87
C VAL A 218 44.54 5.64 -34.37
N LEU A 219 43.48 5.09 -34.96
CA LEU A 219 42.37 5.91 -35.46
C LEU A 219 41.72 6.74 -34.40
N LEU A 220 41.66 6.24 -33.17
CA LEU A 220 40.87 6.92 -32.16
C LEU A 220 41.72 7.75 -31.21
N GLY A 221 43.03 7.76 -31.44
CA GLY A 221 43.97 8.62 -30.69
C GLY A 221 44.39 8.08 -29.32
N ARG A 222 44.30 6.76 -29.12
CA ARG A 222 44.60 6.15 -27.82
C ARG A 222 46.06 5.74 -27.73
N PRO A 223 46.61 5.79 -26.51
CA PRO A 223 48.04 5.61 -26.35
C PRO A 223 48.42 4.16 -26.45
N ALA A 224 49.70 3.93 -26.57
CA ALA A 224 50.18 2.61 -26.94
C ALA A 224 49.99 1.57 -25.87
N HIS A 225 49.74 2.02 -24.63
CA HIS A 225 49.49 1.11 -23.50
C HIS A 225 48.00 0.66 -23.40
N GLU A 226 47.12 1.21 -24.23
CA GLU A 226 45.76 0.70 -24.35
C GLU A 226 45.68 -0.31 -25.51
N LYS A 227 44.99 -1.44 -25.26
CA LYS A 227 44.65 -2.43 -26.28
C LYS A 227 43.16 -2.68 -26.26
N LEU A 228 42.58 -2.85 -27.43
CA LEU A 228 41.15 -3.03 -27.53
C LEU A 228 40.76 -4.42 -27.03
N LEU A 229 39.78 -4.48 -26.13
CA LEU A 229 39.38 -5.76 -25.60
C LEU A 229 38.06 -6.17 -26.19
N MET A 230 37.11 -5.24 -26.24
CA MET A 230 35.88 -5.52 -26.94
C MET A 230 35.07 -4.30 -27.36
N LEU A 231 34.13 -4.53 -28.27
CA LEU A 231 33.35 -3.46 -28.82
C LEU A 231 31.85 -3.78 -28.66
N LEU A 232 31.11 -2.85 -28.08
CA LEU A 232 29.67 -3.03 -27.85
C LEU A 232 28.94 -1.96 -28.59
N PRO A 233 28.18 -2.31 -29.63
CA PRO A 233 27.28 -1.30 -30.18
C PRO A 233 26.04 -1.20 -29.31
N VAL A 234 25.59 0.03 -29.07
CA VAL A 234 24.55 0.26 -28.08
C VAL A 234 23.35 1.01 -28.62
N GLY A 235 22.16 0.47 -28.41
CA GLY A 235 20.98 1.29 -28.45
C GLY A 235 19.74 0.45 -28.30
N TYR A 236 18.63 0.87 -28.92
CA TYR A 236 17.38 0.07 -28.94
C TYR A 236 17.50 -0.94 -30.06
N PRO A 237 16.84 -2.10 -29.91
CA PRO A 237 16.86 -3.10 -30.97
C PRO A 237 16.03 -2.63 -32.15
N SER A 238 16.42 -2.97 -33.38
CA SER A 238 15.59 -2.60 -34.54
C SER A 238 14.23 -3.29 -34.41
N LYS A 239 13.19 -2.68 -34.96
CA LYS A 239 11.84 -3.28 -34.88
C LYS A 239 11.83 -4.70 -35.37
N GLU A 240 12.61 -4.99 -36.41
CA GLU A 240 12.65 -6.34 -36.99
C GLU A 240 13.75 -7.27 -36.40
N ALA A 241 14.30 -6.93 -35.23
CA ALA A 241 15.46 -7.65 -34.73
C ALA A 241 15.16 -9.11 -34.41
N THR A 242 16.09 -9.97 -34.79
CA THR A 242 16.02 -11.38 -34.40
C THR A 242 17.20 -11.81 -33.48
N VAL A 243 17.02 -12.91 -32.77
CA VAL A 243 18.12 -13.55 -32.05
C VAL A 243 18.06 -15.03 -32.38
N PRO A 244 19.20 -15.74 -32.26
CA PRO A 244 19.18 -17.17 -32.43
C PRO A 244 18.51 -17.85 -31.23
N ASP A 245 17.91 -19.02 -31.46
CA ASP A 245 17.02 -19.63 -30.47
C ASP A 245 17.88 -20.55 -29.63
N LEU A 246 18.69 -19.94 -28.76
CA LEU A 246 19.67 -20.66 -27.98
C LEU A 246 19.12 -20.84 -26.58
N LYS A 247 19.56 -21.92 -25.94
CA LYS A 247 19.17 -22.22 -24.58
C LYS A 247 20.38 -22.21 -23.64
N ARG A 248 20.18 -21.70 -22.46
CA ARG A 248 21.19 -21.78 -21.41
C ARG A 248 21.14 -23.11 -20.65
N LYS A 249 22.29 -23.51 -20.13
CA LYS A 249 22.41 -24.67 -19.28
C LYS A 249 21.54 -24.56 -18.00
N PRO A 250 21.01 -25.70 -17.54
CA PRO A 250 20.30 -25.61 -16.29
C PRO A 250 21.32 -25.37 -15.20
N LEU A 251 20.87 -24.82 -14.08
CA LEU A 251 21.72 -24.61 -12.95
C LEU A 251 22.65 -25.79 -12.59
N ASP A 252 22.16 -27.02 -12.69
CA ASP A 252 22.95 -28.16 -12.20
C ASP A 252 24.04 -28.57 -13.19
N GLN A 253 24.05 -27.96 -14.37
CA GLN A 253 25.16 -28.15 -15.32
C GLN A 253 26.21 -26.98 -15.21
N ILE A 254 25.95 -25.96 -14.41
CA ILE A 254 26.96 -24.93 -14.20
C ILE A 254 27.39 -24.81 -12.74
N MET A 255 26.67 -25.45 -11.82
CA MET A 255 26.99 -25.33 -10.37
C MET A 255 27.24 -26.69 -9.73
N VAL A 256 28.35 -26.82 -9.03
CA VAL A 256 28.67 -28.04 -8.32
C VAL A 256 28.80 -27.65 -6.88
N THR A 257 28.17 -28.39 -5.98
CA THR A 257 28.25 -28.10 -4.54
C THR A 257 29.10 -29.14 -3.80
N VAL B 40 9.31 9.70 50.30
CA VAL B 40 8.70 10.33 49.10
C VAL B 40 7.73 11.44 49.54
N GLU B 41 7.88 12.62 48.94
CA GLU B 41 7.04 13.77 49.29
C GLU B 41 5.75 13.73 48.50
N HIS B 42 4.77 14.44 49.01
CA HIS B 42 3.52 14.57 48.34
C HIS B 42 3.33 16.01 47.97
N ILE B 43 2.79 16.25 46.78
CA ILE B 43 2.83 17.55 46.15
C ILE B 43 1.45 17.91 45.65
N PRO B 44 1.22 19.20 45.41
CA PRO B 44 -0.14 19.58 45.03
C PRO B 44 -0.52 19.03 43.66
N PHE B 45 -1.80 18.74 43.43
CA PHE B 45 -2.18 18.18 42.14
C PHE B 45 -2.84 19.23 41.29
N SER B 46 -2.28 19.47 40.12
CA SER B 46 -2.82 20.48 39.22
C SER B 46 -3.60 19.82 38.08
N HIS B 47 -4.65 20.49 37.65
CA HIS B 47 -5.71 19.87 36.88
C HIS B 47 -6.13 20.80 35.75
N ASN B 48 -6.18 20.29 34.54
CA ASN B 48 -6.81 21.03 33.45
C ASN B 48 -8.32 20.86 33.58
N HIS B 49 -8.99 21.94 33.99
CA HIS B 49 -10.46 21.99 34.07
C HIS B 49 -10.98 22.26 32.66
N TYR B 50 -12.06 21.59 32.26
CA TYR B 50 -12.84 21.98 31.09
C TYR B 50 -14.22 22.28 31.60
N PRO B 51 -14.89 23.28 30.99
CA PRO B 51 -16.32 23.51 31.22
C PRO B 51 -17.18 22.33 30.78
N GLU B 52 -18.34 22.18 31.41
CA GLU B 52 -19.22 21.05 31.14
C GLU B 52 -19.49 20.84 29.64
N LYS B 53 -19.50 21.91 28.86
CA LYS B 53 -19.80 21.83 27.44
C LYS B 53 -18.65 21.21 26.67
N GLU B 54 -17.43 21.65 26.94
CA GLU B 54 -16.27 21.05 26.34
C GLU B 54 -16.11 19.60 26.84
N MET B 55 -16.47 19.31 28.09
CA MET B 55 -16.35 17.96 28.61
C MET B 55 -17.21 16.98 27.80
N VAL B 56 -18.42 17.43 27.43
CA VAL B 56 -19.40 16.59 26.75
C VAL B 56 -18.93 16.32 25.34
N LYS B 57 -18.43 17.36 24.70
CA LYS B 57 -17.93 17.27 23.35
C LYS B 57 -16.61 16.47 23.29
N ARG B 58 -15.71 16.62 24.25
CA ARG B 58 -14.46 15.84 24.24
C ARG B 58 -14.82 14.37 24.43
N SER B 59 -15.76 14.10 25.32
CA SER B 59 -16.13 12.74 25.59
C SER B 59 -16.94 12.09 24.44
N GLN B 60 -17.76 12.90 23.77
CA GLN B 60 -18.47 12.45 22.58
C GLN B 60 -17.51 12.04 21.47
N GLU B 61 -16.57 12.92 21.21
CA GLU B 61 -15.64 12.75 20.10
C GLU B 61 -14.68 11.59 20.31
N PHE B 62 -14.28 11.37 21.56
CA PHE B 62 -13.39 10.27 21.91
C PHE B 62 -14.14 8.95 21.84
N TYR B 63 -15.41 8.93 22.22
CA TYR B 63 -16.24 7.75 22.01
C TYR B 63 -16.32 7.41 20.53
N GLU B 64 -16.57 8.40 19.70
CA GLU B 64 -16.62 8.18 18.25
C GLU B 64 -15.32 7.69 17.66
N LEU B 65 -14.23 8.25 18.10
CA LEU B 65 -12.94 7.83 17.64
C LEU B 65 -12.74 6.36 17.98
N LEU B 66 -12.97 6.02 19.24
CA LEU B 66 -12.57 4.70 19.71
C LEU B 66 -13.57 3.66 19.19
N ASN B 67 -14.82 4.05 19.01
CA ASN B 67 -15.81 3.11 18.47
C ASN B 67 -15.48 2.63 17.05
N LYS B 68 -14.62 3.37 16.35
CA LYS B 68 -14.20 2.97 15.02
C LYS B 68 -13.11 1.91 15.07
N ARG B 69 -12.51 1.69 16.23
CA ARG B 69 -11.46 0.68 16.41
C ARG B 69 -12.05 -0.70 16.19
N ARG B 70 -11.46 -1.49 15.28
CA ARG B 70 -11.83 -2.88 15.15
C ARG B 70 -10.54 -3.68 15.18
N SER B 71 -10.60 -4.92 15.64
CA SER B 71 -9.42 -5.78 15.62
C SER B 71 -9.26 -6.18 14.13
N VAL B 72 -8.09 -5.88 13.60
CA VAL B 72 -7.80 -6.05 12.17
C VAL B 72 -6.69 -7.06 11.99
N ARG B 73 -7.01 -8.14 11.28
CA ARG B 73 -6.13 -9.31 11.18
C ARG B 73 -5.46 -9.37 9.80
N PHE B 74 -5.45 -8.27 9.08
CA PHE B 74 -4.86 -8.16 7.72
C PHE B 74 -4.11 -6.83 7.64
N ILE B 75 -2.80 -6.90 7.78
CA ILE B 75 -1.99 -5.72 7.96
C ILE B 75 -0.99 -5.58 6.80
N SER B 76 -1.03 -4.41 6.16
CA SER B 76 -0.12 -4.05 5.08
C SER B 76 1.31 -4.06 5.54
N ASN B 77 2.23 -4.24 4.59
CA ASN B 77 3.65 -4.28 4.88
C ASN B 77 4.27 -2.89 4.86
N GLU B 78 3.46 -1.89 4.54
CA GLU B 78 3.98 -0.56 4.44
C GLU B 78 4.59 -0.11 5.77
N GLN B 79 5.73 0.55 5.69
CA GLN B 79 6.46 0.99 6.89
C GLN B 79 5.68 2.08 7.64
N VAL B 80 5.82 2.10 8.98
CA VAL B 80 5.18 3.13 9.80
C VAL B 80 6.24 3.94 10.55
N PRO B 81 5.94 5.21 10.89
CA PRO B 81 6.99 6.01 11.53
C PRO B 81 7.27 5.53 12.93
N MET B 82 8.52 5.19 13.23
CA MET B 82 8.92 4.73 14.55
C MET B 82 8.64 5.71 15.70
N GLU B 83 8.57 7.00 15.37
CA GLU B 83 8.34 8.00 16.36
C GLU B 83 6.97 7.72 16.97
N VAL B 84 6.03 7.28 16.13
CA VAL B 84 4.69 6.95 16.57
C VAL B 84 4.67 5.77 17.51
N ILE B 85 5.39 4.72 17.14
CA ILE B 85 5.49 3.52 17.93
C ILE B 85 6.08 3.90 19.28
N ASP B 86 7.15 4.67 19.27
CA ASP B 86 7.74 5.22 20.50
C ASP B 86 6.71 5.90 21.41
N ASN B 87 5.94 6.82 20.86
CA ASN B 87 5.00 7.59 21.63
C ASN B 87 3.85 6.73 22.23
N VAL B 88 3.28 5.83 21.42
CA VAL B 88 2.17 5.05 21.89
C VAL B 88 2.66 4.14 23.00
N ILE B 89 3.88 3.64 22.92
CA ILE B 89 4.45 2.89 24.03
C ILE B 89 4.69 3.72 25.29
N ARG B 90 5.24 4.93 25.15
CA ARG B 90 5.33 5.86 26.28
C ARG B 90 3.97 6.08 26.89
N THR B 91 2.96 6.26 26.03
CA THR B 91 1.61 6.51 26.46
C THR B 91 1.12 5.31 27.30
N ALA B 92 1.43 4.08 26.87
CA ALA B 92 1.07 2.91 27.66
C ALA B 92 1.75 2.91 29.01
N GLY B 93 2.97 3.40 29.05
CA GLY B 93 3.74 3.49 30.27
C GLY B 93 3.24 4.47 31.31
N THR B 94 2.29 5.32 30.93
CA THR B 94 1.64 6.23 31.86
C THR B 94 0.50 5.60 32.65
N ALA B 95 0.32 4.28 32.49
CA ALA B 95 -0.77 3.58 33.14
C ALA B 95 -0.51 3.49 34.64
N PRO B 96 -1.58 3.40 35.40
CA PRO B 96 -1.45 3.05 36.82
C PRO B 96 -0.93 1.63 36.98
N SER B 97 -0.46 1.31 38.17
CA SER B 97 0.05 0.01 38.48
C SER B 97 0.07 -0.16 40.00
N GLY B 98 -0.18 -1.39 40.46
CA GLY B 98 -0.29 -1.70 41.90
C GLY B 98 0.99 -1.29 42.59
N ALA B 99 0.85 -0.49 43.63
CA ALA B 99 2.00 0.00 44.40
C ALA B 99 3.07 0.67 43.54
N HIS B 100 2.67 1.27 42.42
CA HIS B 100 3.61 1.92 41.51
C HIS B 100 4.79 1.03 41.20
N THR B 101 4.51 -0.13 40.62
CA THR B 101 5.55 -1.05 40.24
C THR B 101 5.88 -1.04 38.74
N GLU B 102 5.01 -0.47 37.90
CA GLU B 102 5.24 -0.44 36.42
C GLU B 102 5.77 -1.75 35.80
N PRO B 103 4.99 -2.83 35.90
CA PRO B 103 5.58 -4.15 35.70
C PRO B 103 5.41 -4.65 34.29
N TRP B 104 5.72 -3.80 33.33
CA TRP B 104 5.53 -4.10 31.91
C TRP B 104 6.83 -3.97 31.12
N THR B 105 7.05 -4.87 30.17
CA THR B 105 8.05 -4.69 29.10
C THR B 105 7.37 -4.78 27.74
N PHE B 106 7.46 -3.72 26.94
CA PHE B 106 7.01 -3.71 25.57
C PHE B 106 8.17 -4.11 24.64
N VAL B 107 8.18 -5.37 24.18
CA VAL B 107 9.23 -5.85 23.23
C VAL B 107 8.75 -5.60 21.80
N VAL B 108 9.40 -4.67 21.12
CA VAL B 108 9.02 -4.23 19.82
C VAL B 108 9.93 -4.89 18.79
N VAL B 109 9.35 -5.69 17.91
CA VAL B 109 10.12 -6.42 16.91
C VAL B 109 9.86 -5.82 15.51
N LYS B 110 10.95 -5.41 14.83
CA LYS B 110 10.84 -4.94 13.44
C LYS B 110 11.58 -5.83 12.43
N ASP B 111 12.67 -6.46 12.88
CA ASP B 111 13.44 -7.37 12.06
C ASP B 111 12.61 -8.47 11.38
N PRO B 112 12.50 -8.41 10.05
CA PRO B 112 11.70 -9.46 9.37
C PRO B 112 12.12 -10.90 9.61
N ASP B 113 13.39 -11.14 9.89
CA ASP B 113 13.83 -12.50 10.18
C ASP B 113 13.38 -12.96 11.58
N VAL B 114 13.47 -12.09 12.58
CA VAL B 114 12.91 -12.45 13.91
C VAL B 114 11.37 -12.64 13.83
N LYS B 115 10.69 -11.71 13.19
CA LYS B 115 9.25 -11.83 12.97
C LYS B 115 8.91 -13.18 12.34
N HIS B 116 9.70 -13.60 11.35
CA HIS B 116 9.40 -14.83 10.63
C HIS B 116 9.57 -16.01 11.59
N LYS B 117 10.53 -15.94 12.50
CA LYS B 117 10.65 -17.01 13.52
C LYS B 117 9.49 -16.99 14.53
N ILE B 118 8.95 -15.81 14.81
CA ILE B 118 7.85 -15.72 15.76
C ILE B 118 6.66 -16.39 15.09
N ARG B 119 6.50 -16.12 13.82
CA ARG B 119 5.40 -16.69 13.08
C ARG B 119 5.41 -18.20 13.10
N LYS B 120 6.58 -18.79 12.95
CA LYS B 120 6.68 -20.25 12.94
C LYS B 120 6.35 -20.82 14.31
N ILE B 121 6.83 -20.20 15.37
CA ILE B 121 6.42 -20.66 16.71
C ILE B 121 4.89 -20.60 16.91
N ILE B 122 4.29 -19.47 16.57
CA ILE B 122 2.86 -19.28 16.88
C ILE B 122 1.97 -20.17 16.02
N GLU B 123 2.25 -20.24 14.71
CA GLU B 123 1.52 -21.15 13.80
C GLU B 123 1.63 -22.61 14.22
N GLU B 124 2.82 -23.01 14.65
CA GLU B 124 3.02 -24.38 15.15
C GLU B 124 2.17 -24.65 16.40
N GLU B 125 2.23 -23.74 17.38
CA GLU B 125 1.48 -24.00 18.61
C GLU B 125 -0.01 -23.83 18.43
N GLU B 126 -0.44 -22.86 17.63
CA GLU B 126 -1.86 -22.60 17.47
C GLU B 126 -2.56 -23.72 16.70
N GLU B 127 -1.85 -24.30 15.73
CA GLU B 127 -2.31 -25.53 15.08
C GLU B 127 -2.60 -26.67 16.08
N ILE B 128 -1.68 -26.95 16.99
CA ILE B 128 -1.96 -27.93 18.03
C ILE B 128 -3.13 -27.46 18.94
N ASN B 129 -3.18 -26.15 19.25
CA ASN B 129 -4.32 -25.61 20.02
C ASN B 129 -5.67 -25.86 19.34
N TYR B 130 -5.82 -25.48 18.08
CA TYR B 130 -7.07 -25.66 17.38
C TYR B 130 -7.45 -27.17 17.25
N MET B 131 -6.45 -28.00 17.01
CA MET B 131 -6.71 -29.42 16.73
C MET B 131 -6.91 -30.23 17.99
N LYS B 132 -6.18 -29.91 19.07
CA LYS B 132 -6.24 -30.68 20.30
C LYS B 132 -6.50 -29.88 21.59
N ARG B 133 -5.73 -28.81 21.85
CA ARG B 133 -5.73 -28.23 23.19
C ARG B 133 -6.91 -27.31 23.54
N MET B 134 -7.50 -26.59 22.58
CA MET B 134 -8.59 -25.68 22.92
C MET B 134 -9.90 -26.38 23.24
N GLY B 135 -10.20 -27.46 22.51
CA GLY B 135 -11.42 -28.19 22.68
C GLY B 135 -12.51 -27.65 21.77
N HIS B 136 -13.51 -28.49 21.52
CA HIS B 136 -14.51 -28.25 20.49
C HIS B 136 -15.37 -26.99 20.72
N ARG B 137 -15.76 -26.72 21.97
CA ARG B 137 -16.65 -25.58 22.26
C ARG B 137 -15.94 -24.24 21.88
N TRP B 138 -14.67 -24.11 22.24
CA TRP B 138 -13.88 -22.91 21.93
C TRP B 138 -13.72 -22.72 20.39
N VAL B 139 -13.35 -23.79 19.71
CA VAL B 139 -13.20 -23.71 18.25
C VAL B 139 -14.52 -23.32 17.65
N THR B 140 -15.62 -23.89 18.11
CA THR B 140 -16.93 -23.49 17.59
C THR B 140 -17.23 -22.03 17.95
N ASP B 141 -16.88 -21.61 19.17
CA ASP B 141 -17.05 -20.21 19.56
C ASP B 141 -16.30 -19.26 18.64
N LEU B 142 -15.21 -19.70 18.02
CA LEU B 142 -14.46 -18.82 17.10
C LEU B 142 -14.92 -18.75 15.67
N LYS B 143 -15.94 -19.53 15.32
CA LYS B 143 -16.31 -19.65 13.91
C LYS B 143 -16.66 -18.33 13.35
N LYS B 144 -17.39 -17.53 14.11
CA LYS B 144 -17.84 -16.25 13.61
C LYS B 144 -16.63 -15.35 13.25
N LEU B 145 -15.44 -15.69 13.77
CA LEU B 145 -14.27 -14.89 13.57
C LEU B 145 -13.41 -15.37 12.40
N ARG B 146 -13.51 -16.65 12.03
CA ARG B 146 -12.79 -17.23 10.87
C ARG B 146 -11.31 -17.28 11.07
N THR B 147 -10.91 -17.37 12.33
CA THR B 147 -9.52 -17.45 12.66
C THR B 147 -9.14 -18.91 12.67
N ASN B 148 -7.86 -19.16 12.38
CA ASN B 148 -7.26 -20.49 12.51
C ASN B 148 -5.80 -20.24 12.85
N TRP B 149 -4.92 -21.19 12.63
CA TRP B 149 -3.55 -21.08 13.09
C TRP B 149 -2.65 -20.37 12.07
N ILE B 150 -3.21 -19.96 10.95
CA ILE B 150 -2.46 -19.23 9.95
C ILE B 150 -2.54 -17.74 10.23
N LYS B 151 -1.38 -17.19 10.57
CA LYS B 151 -1.22 -15.84 11.08
C LYS B 151 -0.25 -15.07 10.16
N GLU B 152 -0.75 -14.68 9.01
CA GLU B 152 0.11 -14.09 8.01
C GLU B 152 0.56 -12.70 8.45
N TYR B 153 -0.28 -12.05 9.27
CA TYR B 153 0.06 -10.72 9.81
C TYR B 153 1.38 -10.65 10.56
N LEU B 154 1.82 -11.76 11.10
CA LEU B 154 3.10 -11.78 11.80
C LEU B 154 4.33 -11.55 10.91
N ASP B 155 4.21 -11.87 9.60
CA ASP B 155 5.22 -11.49 8.58
C ASP B 155 4.91 -10.15 7.97
N THR B 156 3.64 -9.88 7.61
CA THR B 156 3.36 -8.65 6.86
C THR B 156 3.43 -7.37 7.72
N ALA B 157 2.96 -7.44 8.98
CA ALA B 157 2.95 -6.24 9.82
C ALA B 157 4.42 -5.79 9.95
N PRO B 158 4.70 -4.49 9.75
CA PRO B 158 6.04 -3.94 9.97
C PRO B 158 6.53 -4.01 11.43
N ILE B 159 5.59 -4.03 12.37
CA ILE B 159 5.91 -4.06 13.80
C ILE B 159 5.10 -5.11 14.50
N LEU B 160 5.73 -5.87 15.39
CA LEU B 160 4.99 -6.65 16.41
C LEU B 160 5.32 -6.11 17.77
N ILE B 161 4.28 -5.92 18.59
CA ILE B 161 4.49 -5.54 20.01
C ILE B 161 4.13 -6.69 20.90
N LEU B 162 5.11 -7.21 21.60
CA LEU B 162 4.89 -8.33 22.49
C LEU B 162 4.91 -7.75 23.89
N ILE B 163 3.82 -7.93 24.62
CA ILE B 163 3.72 -7.29 25.91
C ILE B 163 3.97 -8.29 26.97
N PHE B 164 5.07 -8.12 27.69
CA PHE B 164 5.43 -9.04 28.75
C PHE B 164 5.08 -8.45 30.12
N LYS B 165 4.48 -9.25 30.98
CA LYS B 165 4.28 -8.86 32.36
C LYS B 165 5.45 -9.36 33.16
N GLN B 166 5.86 -8.55 34.15
CA GLN B 166 6.92 -8.93 35.08
C GLN B 166 6.25 -9.47 36.33
N VAL B 167 6.31 -10.78 36.54
CA VAL B 167 5.57 -11.41 37.67
C VAL B 167 6.18 -10.98 39.00
N HIS B 168 7.43 -10.51 38.95
CA HIS B 168 8.03 -9.76 40.05
C HIS B 168 9.17 -8.96 39.46
N GLY B 169 9.81 -8.15 40.27
CA GLY B 169 10.91 -7.32 39.80
C GLY B 169 12.11 -7.43 40.72
N PHE B 170 13.00 -6.45 40.63
CA PHE B 170 14.22 -6.39 41.44
C PHE B 170 14.55 -4.92 41.72
N ALA B 171 14.79 -4.57 42.99
CA ALA B 171 15.04 -3.17 43.37
C ALA B 171 15.75 -2.34 42.27
N ASN B 173 19.53 -2.42 44.00
CA ASN B 173 20.39 -3.36 44.73
C ASN B 173 20.12 -4.85 44.51
N GLY B 174 19.04 -5.17 43.78
CA GLY B 174 18.81 -6.54 43.30
C GLY B 174 18.11 -7.52 44.24
N LYS B 175 17.42 -7.06 45.27
CA LYS B 175 16.51 -7.95 45.98
C LYS B 175 15.14 -7.93 45.28
N LYS B 176 14.34 -8.99 45.49
CA LYS B 176 13.07 -9.17 44.79
C LYS B 176 11.97 -8.20 45.24
N LYS B 177 11.40 -7.50 44.27
CA LYS B 177 10.30 -6.56 44.47
C LYS B 177 9.01 -7.33 44.18
N VAL B 178 7.96 -7.12 44.98
CA VAL B 178 6.68 -7.73 44.72
C VAL B 178 5.93 -6.88 43.72
N HIS B 179 5.28 -7.50 42.74
CA HIS B 179 4.50 -6.74 41.79
C HIS B 179 2.99 -6.97 41.98
N TYR B 180 2.38 -6.09 42.74
CA TYR B 180 1.00 -6.28 43.16
C TYR B 180 0.06 -6.06 41.95
N TYR B 181 -0.87 -6.98 41.73
CA TYR B 181 -1.82 -6.88 40.61
C TYR B 181 -1.11 -6.73 39.22
N ASN B 182 0.01 -7.43 39.01
CA ASN B 182 0.82 -7.24 37.81
C ASN B 182 0.07 -7.54 36.50
N GLU B 183 -0.70 -8.62 36.48
CA GLU B 183 -1.48 -8.97 35.30
C GLU B 183 -2.54 -7.92 34.95
N ILE B 184 -3.28 -7.44 35.95
CA ILE B 184 -4.29 -6.43 35.71
C ILE B 184 -3.60 -5.12 35.28
N SER B 185 -2.49 -4.80 35.93
CA SER B 185 -1.80 -3.57 35.61
C SER B 185 -1.36 -3.52 34.15
N VAL B 186 -0.71 -4.58 33.71
CA VAL B 186 -0.23 -4.69 32.37
C VAL B 186 -1.39 -4.67 31.38
N SER B 187 -2.49 -5.34 31.73
CA SER B 187 -3.67 -5.28 30.90
C SER B 187 -4.27 -3.88 30.81
N ILE B 188 -4.31 -3.17 31.92
CA ILE B 188 -4.77 -1.81 31.86
C ILE B 188 -3.88 -1.00 30.87
N ALA B 189 -2.56 -1.19 30.95
CA ALA B 189 -1.64 -0.54 30.08
C ALA B 189 -1.85 -0.93 28.60
N CYS B 190 -2.18 -2.20 28.33
CA CYS B 190 -2.55 -2.61 26.98
C CYS B 190 -3.77 -1.89 26.46
N GLY B 191 -4.74 -1.66 27.34
CA GLY B 191 -5.89 -0.86 26.94
C GLY B 191 -5.54 0.56 26.49
N ILE B 192 -4.65 1.18 27.23
CA ILE B 192 -4.23 2.54 26.89
C ILE B 192 -3.42 2.52 25.56
N LEU B 193 -2.57 1.54 25.39
CA LEU B 193 -1.91 1.32 24.11
C LEU B 193 -2.92 1.21 22.97
N LEU B 194 -3.97 0.41 23.16
CA LEU B 194 -4.95 0.26 22.09
C LEU B 194 -5.61 1.59 21.77
N ALA B 195 -5.90 2.40 22.77
CA ALA B 195 -6.47 3.70 22.48
C ALA B 195 -5.41 4.56 21.76
N ALA B 196 -4.14 4.45 22.13
CA ALA B 196 -3.13 5.28 21.51
C ALA B 196 -2.94 4.91 20.04
N LEU B 197 -2.95 3.60 19.72
CA LEU B 197 -2.83 3.15 18.34
C LEU B 197 -3.96 3.70 17.53
N GLN B 198 -5.20 3.57 18.03
CA GLN B 198 -6.36 4.07 17.33
C GLN B 198 -6.27 5.57 17.10
N ASN B 199 -5.85 6.30 18.13
CA ASN B 199 -5.70 7.75 18.01
C ASN B 199 -4.69 8.17 16.95
N ALA B 200 -3.60 7.41 16.89
CA ALA B 200 -2.51 7.70 16.00
C ALA B 200 -2.72 7.20 14.53
N GLY B 201 -3.84 6.53 14.26
CA GLY B 201 -4.21 6.10 12.90
C GLY B 201 -3.57 4.77 12.53
N LEU B 202 -3.25 3.96 13.52
CA LEU B 202 -2.73 2.63 13.24
C LEU B 202 -3.78 1.56 13.66
N VAL B 203 -3.64 0.34 13.15
CA VAL B 203 -4.47 -0.78 13.54
C VAL B 203 -3.68 -1.94 14.09
N THR B 204 -4.41 -2.83 14.77
CA THR B 204 -3.80 -4.01 15.35
C THR B 204 -4.86 -5.02 15.68
N VAL B 205 -4.44 -6.17 16.19
CA VAL B 205 -5.39 -7.07 16.82
C VAL B 205 -4.75 -7.59 18.07
N THR B 206 -5.51 -7.57 19.16
CA THR B 206 -5.02 -8.05 20.44
C THR B 206 -4.96 -9.53 20.39
N THR B 207 -3.79 -10.15 20.54
CA THR B 207 -3.81 -11.63 20.51
C THR B 207 -3.16 -12.28 21.71
N ALA B 208 -3.68 -13.47 22.03
CA ALA B 208 -3.18 -14.26 23.10
C ALA B 208 -2.71 -15.62 22.52
N PRO B 209 -1.41 -15.73 22.24
CA PRO B 209 -0.84 -16.95 21.62
C PRO B 209 -0.61 -18.02 22.66
N LEU B 210 -1.68 -18.68 23.06
CA LEU B 210 -1.68 -19.78 24.01
C LEU B 210 -0.57 -20.79 23.70
N ASN B 211 0.12 -21.17 24.78
CA ASN B 211 1.28 -22.06 24.79
C ASN B 211 2.55 -21.59 24.08
N CYS B 212 2.59 -20.35 23.60
CA CYS B 212 3.75 -19.86 22.87
C CYS B 212 4.76 -19.14 23.74
N GLY B 213 4.34 -18.88 24.96
CA GLY B 213 5.06 -17.94 25.81
C GLY B 213 6.52 -18.30 26.03
N PRO B 214 6.78 -19.53 26.51
CA PRO B 214 8.15 -20.06 26.81
C PRO B 214 9.14 -20.02 25.61
N ARG B 215 8.67 -20.43 24.43
CA ARG B 215 9.49 -20.31 23.24
C ARG B 215 9.69 -18.86 22.80
N LEU B 216 8.66 -18.01 22.87
CA LEU B 216 8.91 -16.65 22.42
C LEU B 216 9.88 -15.96 23.38
N ARG B 217 9.80 -16.34 24.65
CA ARG B 217 10.62 -15.76 25.70
C ARG B 217 12.10 -16.09 25.48
N VAL B 218 12.37 -17.35 25.14
CA VAL B 218 13.72 -17.82 24.83
C VAL B 218 14.23 -17.22 23.52
N LEU B 219 13.44 -17.34 22.47
CA LEU B 219 13.75 -16.63 21.21
C LEU B 219 14.22 -15.18 21.40
N LEU B 220 13.60 -14.45 22.34
CA LEU B 220 13.82 -13.02 22.44
C LEU B 220 14.73 -12.59 23.61
N GLY B 221 15.36 -13.59 24.25
CA GLY B 221 16.28 -13.37 25.36
C GLY B 221 15.67 -12.55 26.50
N ARG B 222 14.47 -12.90 26.92
CA ARG B 222 13.75 -12.17 27.96
C ARG B 222 13.91 -12.91 29.26
N PRO B 223 14.09 -12.20 30.38
CA PRO B 223 14.40 -12.96 31.60
C PRO B 223 13.25 -13.78 32.18
N ALA B 224 13.59 -14.58 33.18
CA ALA B 224 12.68 -15.60 33.69
C ALA B 224 11.53 -14.98 34.49
N HIS B 225 11.67 -13.71 34.87
CA HIS B 225 10.58 -13.09 35.62
C HIS B 225 9.59 -12.40 34.66
N GLU B 226 9.83 -12.49 33.36
CA GLU B 226 8.89 -11.94 32.37
C GLU B 226 8.08 -13.08 31.74
N LYS B 227 6.76 -12.88 31.62
CA LYS B 227 5.84 -13.80 30.90
C LYS B 227 5.07 -13.01 29.85
N LEU B 228 4.87 -13.61 28.68
CA LEU B 228 4.16 -13.01 27.60
C LEU B 228 2.70 -12.97 27.95
N LEU B 229 2.09 -11.81 27.76
CA LEU B 229 0.71 -11.65 28.08
C LEU B 229 -0.05 -11.52 26.79
N MET B 230 0.40 -10.66 25.89
CA MET B 230 -0.32 -10.52 24.65
C MET B 230 0.61 -10.01 23.59
N LEU B 231 0.18 -10.14 22.33
CA LEU B 231 0.96 -9.74 21.16
C LEU B 231 0.07 -8.98 20.20
N LEU B 232 0.55 -7.84 19.74
CA LEU B 232 -0.18 -6.93 18.89
C LEU B 232 0.69 -6.65 17.67
N PRO B 233 0.30 -7.14 16.49
CA PRO B 233 0.92 -6.77 15.23
C PRO B 233 0.36 -5.40 14.82
N VAL B 234 1.24 -4.48 14.38
CA VAL B 234 0.87 -3.09 14.20
C VAL B 234 1.22 -2.59 12.78
N GLY B 235 0.31 -1.82 12.19
CA GLY B 235 0.56 -1.19 10.93
C GLY B 235 -0.72 -0.58 10.38
N TYR B 236 -0.75 -0.41 9.07
CA TYR B 236 -1.92 0.03 8.36
C TYR B 236 -2.70 -1.20 7.94
N PRO B 237 -4.00 -1.07 7.80
CA PRO B 237 -4.79 -2.17 7.32
C PRO B 237 -4.49 -2.42 5.84
N SER B 238 -4.41 -3.69 5.40
CA SER B 238 -4.26 -3.94 3.98
C SER B 238 -5.56 -3.65 3.26
N LYS B 239 -5.47 -3.48 1.95
CA LYS B 239 -6.67 -3.22 1.12
C LYS B 239 -7.60 -4.41 1.09
N GLU B 240 -7.06 -5.58 1.36
CA GLU B 240 -7.87 -6.77 1.49
C GLU B 240 -8.56 -6.89 2.88
N ALA B 241 -8.35 -5.94 3.79
CA ALA B 241 -8.75 -6.15 5.19
C ALA B 241 -10.24 -6.22 5.25
N THR B 242 -10.73 -7.26 5.91
CA THR B 242 -12.11 -7.29 6.32
C THR B 242 -12.16 -7.41 7.86
N VAL B 243 -13.36 -7.20 8.40
CA VAL B 243 -13.68 -7.58 9.80
C VAL B 243 -15.01 -8.35 9.90
N PRO B 244 -15.18 -9.17 10.93
CA PRO B 244 -16.52 -9.72 11.12
C PRO B 244 -17.53 -8.62 11.39
N ASP B 245 -18.75 -8.81 10.92
CA ASP B 245 -19.83 -7.90 11.17
C ASP B 245 -20.40 -8.09 12.58
N LEU B 246 -19.65 -7.69 13.59
CA LEU B 246 -20.09 -7.76 14.95
C LEU B 246 -20.72 -6.44 15.36
N LYS B 247 -21.71 -6.50 16.24
CA LYS B 247 -22.29 -5.31 16.86
C LYS B 247 -21.95 -5.36 18.33
N ARG B 248 -21.80 -4.17 18.94
CA ARG B 248 -21.54 -4.03 20.36
C ARG B 248 -22.84 -3.81 21.13
N LYS B 249 -22.83 -4.17 22.40
CA LYS B 249 -24.00 -4.03 23.23
C LYS B 249 -24.42 -2.58 23.39
N PRO B 250 -25.73 -2.32 23.48
CA PRO B 250 -26.19 -0.94 23.79
C PRO B 250 -25.76 -0.50 25.18
N LEU B 251 -25.73 0.79 25.42
CA LEU B 251 -25.27 1.24 26.73
C LEU B 251 -26.00 0.55 27.86
N ASP B 252 -27.30 0.36 27.74
CA ASP B 252 -28.07 -0.22 28.88
C ASP B 252 -27.80 -1.69 29.22
N GLN B 253 -26.98 -2.38 28.42
CA GLN B 253 -26.58 -3.76 28.76
C GLN B 253 -25.18 -3.87 29.32
N ILE B 254 -24.47 -2.76 29.42
CA ILE B 254 -23.17 -2.74 30.09
C ILE B 254 -23.11 -1.82 31.30
N MET B 255 -23.96 -0.79 31.33
CA MET B 255 -24.04 0.15 32.44
C MET B 255 -25.34 -0.04 33.23
N VAL B 256 -25.17 -0.24 34.54
CA VAL B 256 -26.27 -0.36 35.48
C VAL B 256 -26.12 0.74 36.52
N THR B 257 -27.16 1.58 36.64
CA THR B 257 -27.22 2.60 37.67
C THR B 257 -28.02 2.18 38.94
N VAL B 258 -27.49 2.61 40.10
CA VAL B 258 -28.16 2.44 41.39
C VAL B 258 -28.50 3.77 42.07
N VAL C 40 -22.22 -15.00 10.83
CA VAL C 40 -21.89 -13.55 10.55
C VAL C 40 -21.11 -13.29 9.23
N GLU C 41 -21.56 -12.33 8.45
CA GLU C 41 -20.78 -11.89 7.32
C GLU C 41 -19.51 -11.15 7.74
N HIS C 42 -18.54 -11.18 6.85
CA HIS C 42 -17.34 -10.39 7.03
C HIS C 42 -17.35 -9.27 6.01
N ILE C 43 -17.10 -8.07 6.48
CA ILE C 43 -17.30 -6.87 5.72
C ILE C 43 -16.00 -6.11 5.65
N PRO C 44 -15.94 -5.13 4.75
CA PRO C 44 -14.72 -4.36 4.57
C PRO C 44 -14.49 -3.47 5.74
N PHE C 45 -13.21 -3.25 6.06
CA PHE C 45 -12.84 -2.43 7.20
C PHE C 45 -12.67 -1.03 6.65
N SER C 46 -13.18 -0.03 7.32
CA SER C 46 -12.97 1.32 6.84
C SER C 46 -12.00 2.10 7.75
N HIS C 47 -10.82 2.40 7.23
CA HIS C 47 -9.88 3.18 8.03
C HIS C 47 -9.69 4.64 7.56
N ASN C 48 -9.64 5.53 8.55
CA ASN C 48 -9.08 6.87 8.42
C ASN C 48 -7.58 6.80 8.56
N HIS C 49 -6.83 7.17 7.53
CA HIS C 49 -5.41 7.42 7.70
C HIS C 49 -5.12 8.94 7.91
N TYR C 50 -4.04 9.24 8.61
CA TYR C 50 -3.51 10.61 8.66
C TYR C 50 -2.14 10.52 8.00
N PRO C 51 -1.65 11.65 7.45
CA PRO C 51 -0.27 11.67 6.98
C PRO C 51 0.66 11.32 8.11
N GLU C 52 1.86 10.87 7.77
CA GLU C 52 2.82 10.55 8.77
C GLU C 52 2.97 11.65 9.79
N LYS C 53 2.98 12.91 9.34
CA LYS C 53 3.29 14.02 10.23
C LYS C 53 2.20 14.20 11.25
N GLU C 54 0.95 14.20 10.80
CA GLU C 54 -0.20 14.29 11.67
C GLU C 54 -0.31 13.09 12.67
N MET C 55 0.07 11.88 12.22
CA MET C 55 0.15 10.71 13.07
C MET C 55 1.15 10.97 14.22
N VAL C 56 2.25 11.62 13.88
CA VAL C 56 3.30 11.88 14.87
C VAL C 56 2.78 12.89 15.88
N LYS C 57 2.14 13.92 15.35
CA LYS C 57 1.64 14.98 16.17
C LYS C 57 0.52 14.48 17.10
N ARG C 58 -0.48 13.78 16.58
CA ARG C 58 -1.56 13.22 17.41
C ARG C 58 -1.01 12.28 18.50
N SER C 59 0.01 11.49 18.18
CA SER C 59 0.56 10.57 19.15
C SER C 59 1.35 11.29 20.22
N GLN C 60 1.95 12.40 19.83
CA GLN C 60 2.65 13.24 20.77
C GLN C 60 1.65 13.90 21.73
N GLU C 61 0.60 14.49 21.21
CA GLU C 61 -0.34 15.21 22.07
C GLU C 61 -1.06 14.25 23.04
N PHE C 62 -1.39 13.07 22.55
CA PHE C 62 -2.10 12.09 23.34
C PHE C 62 -1.17 11.56 24.40
N TYR C 63 0.11 11.40 24.10
CA TYR C 63 1.03 11.04 25.18
C TYR C 63 1.04 12.12 26.30
N GLU C 64 1.07 13.39 25.90
CA GLU C 64 1.19 14.49 26.86
C GLU C 64 -0.06 14.53 27.72
N LEU C 65 -1.21 14.48 27.07
CA LEU C 65 -2.48 14.40 27.79
C LEU C 65 -2.54 13.26 28.84
N LEU C 66 -2.12 12.07 28.46
CA LEU C 66 -2.29 10.94 29.38
C LEU C 66 -1.22 10.95 30.46
N ASN C 67 -0.04 11.45 30.12
CA ASN C 67 1.05 11.49 31.07
C ASN C 67 0.69 12.40 32.24
N LYS C 68 -0.25 13.32 32.04
CA LYS C 68 -0.79 14.14 33.13
C LYS C 68 -1.77 13.40 34.04
N ARG C 69 -2.19 12.20 33.66
CA ARG C 69 -3.09 11.45 34.51
C ARG C 69 -2.35 11.06 35.75
N ARG C 70 -3.02 11.26 36.88
CA ARG C 70 -2.47 10.77 38.14
C ARG C 70 -3.62 10.17 38.92
N SER C 71 -3.35 9.11 39.67
CA SER C 71 -4.36 8.56 40.57
C SER C 71 -4.59 9.60 41.67
N VAL C 72 -5.82 10.13 41.74
CA VAL C 72 -6.22 11.15 42.70
C VAL C 72 -7.16 10.55 43.79
N ARG C 73 -6.71 10.59 45.05
CA ARG C 73 -7.46 10.00 46.14
C ARG C 73 -8.31 11.00 46.97
N PHE C 74 -8.45 12.23 46.47
CA PHE C 74 -9.19 13.32 47.09
C PHE C 74 -10.06 14.00 46.04
N ILE C 75 -11.34 13.72 46.14
CA ILE C 75 -12.25 14.08 45.14
C ILE C 75 -13.32 14.94 45.75
N SER C 76 -13.50 16.10 45.13
CA SER C 76 -14.56 17.02 45.48
C SER C 76 -15.90 16.37 45.28
N ASN C 77 -16.90 16.96 45.93
CA ASN C 77 -18.25 16.48 45.81
C ASN C 77 -19.02 17.28 44.78
N GLU C 78 -18.34 18.13 44.02
CA GLU C 78 -19.05 18.85 42.98
C GLU C 78 -19.70 17.82 42.04
N GLN C 79 -21.02 17.86 41.90
CA GLN C 79 -21.72 17.09 40.85
C GLN C 79 -21.06 17.15 39.44
N VAL C 80 -21.17 16.05 38.68
CA VAL C 80 -20.59 15.97 37.33
C VAL C 80 -21.69 15.60 36.34
N PRO C 81 -21.55 16.02 35.08
CA PRO C 81 -22.63 15.77 34.10
C PRO C 81 -22.67 14.32 33.67
N MET C 82 -23.85 13.71 33.82
CA MET C 82 -24.01 12.30 33.56
C MET C 82 -23.82 11.97 32.07
N GLU C 83 -23.95 12.97 31.20
CA GLU C 83 -23.79 12.75 29.80
C GLU C 83 -22.35 12.28 29.60
N VAL C 84 -21.42 12.83 30.37
CA VAL C 84 -20.00 12.52 30.25
C VAL C 84 -19.74 11.10 30.79
N ILE C 85 -20.40 10.76 31.89
CA ILE C 85 -20.27 9.44 32.46
C ILE C 85 -20.81 8.36 31.50
N ASP C 86 -21.92 8.68 30.85
CA ASP C 86 -22.49 7.83 29.82
C ASP C 86 -21.44 7.61 28.71
N ASN C 87 -20.88 8.69 28.22
CA ASN C 87 -19.90 8.62 27.17
C ASN C 87 -18.63 7.82 27.52
N VAL C 88 -18.00 8.07 28.66
CA VAL C 88 -16.78 7.36 29.00
C VAL C 88 -17.01 5.85 29.18
N ILE C 89 -18.20 5.45 29.62
CA ILE C 89 -18.51 4.06 29.78
C ILE C 89 -18.83 3.40 28.42
N ARG C 90 -19.56 4.10 27.57
CA ARG C 90 -19.71 3.74 26.17
C ARG C 90 -18.37 3.49 25.50
N THR C 91 -17.41 4.35 25.76
CA THR C 91 -16.05 4.26 25.23
C THR C 91 -15.41 2.98 25.76
N ALA C 92 -15.58 2.72 27.07
CA ALA C 92 -15.02 1.52 27.71
C ALA C 92 -15.55 0.27 27.02
N GLY C 93 -16.83 0.31 26.65
CA GLY C 93 -17.49 -0.77 25.95
C GLY C 93 -17.03 -1.03 24.52
N THR C 94 -16.19 -0.14 23.97
CA THR C 94 -15.60 -0.37 22.66
C THR C 94 -14.32 -1.20 22.73
N ALA C 95 -13.93 -1.67 23.91
CA ALA C 95 -12.71 -2.43 24.04
C ALA C 95 -12.89 -3.77 23.28
N PRO C 96 -11.79 -4.40 22.90
CA PRO C 96 -11.81 -5.76 22.43
C PRO C 96 -12.15 -6.71 23.57
N SER C 97 -12.55 -7.95 23.23
CA SER C 97 -12.70 -8.99 24.24
C SER C 97 -12.59 -10.37 23.62
N GLY C 98 -12.11 -11.31 24.43
CA GLY C 98 -11.96 -12.71 23.98
C GLY C 98 -13.21 -13.29 23.35
N ALA C 99 -13.07 -13.69 22.08
CA ALA C 99 -14.17 -14.27 21.32
C ALA C 99 -15.40 -13.36 21.25
N HIS C 100 -15.18 -12.05 21.26
CA HIS C 100 -16.28 -11.08 21.26
C HIS C 100 -17.35 -11.46 22.31
N THR C 101 -16.94 -11.55 23.57
CA THR C 101 -17.84 -11.80 24.69
C THR C 101 -18.26 -10.57 25.53
N GLU C 102 -17.61 -9.42 25.37
CA GLU C 102 -18.00 -8.22 26.11
C GLU C 102 -18.38 -8.50 27.58
N PRO C 103 -17.46 -9.07 28.35
CA PRO C 103 -17.81 -9.63 29.63
C PRO C 103 -17.75 -8.61 30.78
N TRP C 104 -18.22 -7.40 30.55
CA TRP C 104 -18.08 -6.35 31.54
C TRP C 104 -19.43 -5.81 32.01
N THR C 105 -19.52 -5.47 33.28
CA THR C 105 -20.64 -4.64 33.73
C THR C 105 -20.12 -3.47 34.55
N PHE C 106 -20.49 -2.26 34.15
CA PHE C 106 -20.12 -1.09 34.86
C PHE C 106 -21.28 -0.66 35.76
N VAL C 107 -21.13 -0.92 37.05
CA VAL C 107 -22.13 -0.46 38.01
C VAL C 107 -21.82 0.98 38.48
N VAL C 108 -22.67 1.92 38.12
CA VAL C 108 -22.49 3.32 38.49
C VAL C 108 -23.35 3.66 39.72
N VAL C 109 -22.71 4.19 40.75
CA VAL C 109 -23.41 4.50 42.01
C VAL C 109 -23.32 5.99 42.33
N LYS C 110 -24.51 6.57 42.51
CA LYS C 110 -24.80 8.01 42.63
C LYS C 110 -25.46 8.35 44.02
N ASP C 111 -26.33 7.47 44.48
CA ASP C 111 -27.05 7.54 45.76
C ASP C 111 -26.14 7.58 46.99
N PRO C 112 -26.27 8.66 47.79
CA PRO C 112 -25.46 8.84 48.99
C PRO C 112 -25.54 7.71 50.01
N ASP C 113 -26.69 7.06 50.15
CA ASP C 113 -26.84 6.00 51.15
C ASP C 113 -26.18 4.72 50.69
N VAL C 114 -26.27 4.40 49.40
CA VAL C 114 -25.58 3.21 48.95
C VAL C 114 -24.09 3.40 49.00
N LYS C 115 -23.64 4.56 48.61
CA LYS C 115 -22.20 4.90 48.69
C LYS C 115 -21.66 4.76 50.09
N HIS C 116 -22.46 5.19 51.07
CA HIS C 116 -22.03 5.15 52.45
C HIS C 116 -21.92 3.71 52.89
N LYS C 117 -22.86 2.88 52.46
CA LYS C 117 -22.78 1.44 52.75
C LYS C 117 -21.56 0.76 52.12
N ILE C 118 -21.24 1.17 50.90
CA ILE C 118 -20.05 0.69 50.22
C ILE C 118 -18.86 1.13 51.01
N ARG C 119 -18.87 2.41 51.38
CA ARG C 119 -17.83 2.89 52.24
C ARG C 119 -17.61 2.04 53.47
N LYS C 120 -18.70 1.71 54.19
CA LYS C 120 -18.54 0.91 55.45
C LYS C 120 -17.98 -0.46 55.16
N ILE C 121 -18.45 -1.06 54.08
CA ILE C 121 -17.91 -2.36 53.69
C ILE C 121 -16.39 -2.28 53.47
N ILE C 122 -15.97 -1.33 52.65
CA ILE C 122 -14.56 -1.33 52.21
C ILE C 122 -13.62 -0.95 53.38
N GLU C 123 -13.96 0.09 54.12
CA GLU C 123 -13.09 0.46 55.29
C GLU C 123 -12.91 -0.68 56.29
N GLU C 124 -13.99 -1.41 56.52
CA GLU C 124 -13.97 -2.56 57.44
C GLU C 124 -13.06 -3.68 56.94
N GLU C 125 -13.23 -4.08 55.68
CA GLU C 125 -12.38 -5.14 55.11
C GLU C 125 -10.93 -4.69 54.96
N GLU C 126 -10.74 -3.44 54.55
CA GLU C 126 -9.38 -2.87 54.36
C GLU C 126 -8.62 -2.70 55.64
N GLU C 127 -9.32 -2.34 56.71
CA GLU C 127 -8.70 -2.37 58.07
C GLU C 127 -8.16 -3.75 58.37
N ILE C 128 -8.99 -4.77 58.17
CA ILE C 128 -8.49 -6.16 58.40
C ILE C 128 -7.32 -6.50 57.45
N ASN C 129 -7.35 -5.97 56.22
CA ASN C 129 -6.24 -6.14 55.26
C ASN C 129 -4.99 -5.47 55.70
N TYR C 130 -5.06 -4.22 56.12
CA TYR C 130 -3.84 -3.58 56.57
C TYR C 130 -3.29 -4.22 57.85
N MET C 131 -4.20 -4.72 58.71
CA MET C 131 -3.82 -5.23 60.04
C MET C 131 -3.33 -6.66 60.00
N LYS C 132 -3.94 -7.49 59.16
CA LYS C 132 -3.60 -8.91 59.11
C LYS C 132 -3.32 -9.47 57.71
N ARG C 133 -4.28 -9.34 56.80
CA ARG C 133 -4.30 -10.13 55.56
C ARG C 133 -3.24 -9.75 54.52
N MET C 134 -2.79 -8.51 54.47
CA MET C 134 -1.86 -8.08 53.39
C MET C 134 -0.43 -8.51 53.64
N GLY C 135 -0.11 -8.60 54.93
CA GLY C 135 1.23 -8.91 55.38
C GLY C 135 2.10 -7.67 55.37
N HIS C 136 3.20 -7.78 56.11
CA HIS C 136 4.16 -6.73 56.39
C HIS C 136 4.81 -6.11 55.15
N ARG C 137 5.34 -6.96 54.28
CA ARG C 137 6.05 -6.47 53.09
C ARG C 137 5.15 -5.55 52.27
N TRP C 138 3.92 -6.00 52.03
CA TRP C 138 2.93 -5.23 51.28
C TRP C 138 2.66 -3.88 51.97
N VAL C 139 2.34 -3.89 53.25
CA VAL C 139 2.04 -2.62 53.97
C VAL C 139 3.23 -1.63 53.90
N THR C 140 4.44 -2.14 53.92
CA THR C 140 5.64 -1.33 53.78
C THR C 140 5.78 -0.79 52.35
N ASP C 141 5.50 -1.63 51.35
CA ASP C 141 5.55 -1.18 49.93
C ASP C 141 4.58 -0.02 49.67
N LEU C 142 3.52 0.06 50.48
CA LEU C 142 2.55 1.18 50.44
C LEU C 142 2.85 2.51 51.19
N LYS C 143 3.91 2.58 52.00
CA LYS C 143 4.13 3.79 52.81
C LYS C 143 4.25 4.99 51.92
N LYS C 144 5.07 4.87 50.88
CA LYS C 144 5.25 5.95 49.89
C LYS C 144 3.90 6.52 49.37
N LEU C 145 2.83 5.74 49.36
CA LEU C 145 1.53 6.30 48.93
C LEU C 145 0.70 6.87 50.06
N ARG C 146 1.03 6.50 51.30
CA ARG C 146 0.33 6.98 52.51
C ARG C 146 -1.12 6.58 52.51
N THR C 147 -1.44 5.44 51.88
CA THR C 147 -2.81 4.96 51.90
C THR C 147 -3.05 4.24 53.23
N ASN C 148 -4.31 4.20 53.65
CA ASN C 148 -4.71 3.42 54.81
C ASN C 148 -6.14 2.98 54.62
N TRP C 149 -6.81 2.56 55.69
CA TRP C 149 -8.14 2.01 55.53
C TRP C 149 -9.28 3.00 55.54
N ILE C 150 -8.97 4.29 55.69
CA ILE C 150 -9.98 5.34 55.54
C ILE C 150 -10.09 5.76 54.08
N LYS C 151 -11.31 5.75 53.56
CA LYS C 151 -11.53 5.96 52.16
C LYS C 151 -12.64 6.98 52.02
N GLU C 152 -12.26 8.21 52.27
CA GLU C 152 -13.22 9.27 52.36
C GLU C 152 -13.89 9.48 51.03
N TYR C 153 -13.11 9.28 49.95
CA TYR C 153 -13.61 9.46 48.58
C TYR C 153 -14.88 8.68 48.26
N LEU C 154 -15.12 7.61 48.96
CA LEU C 154 -16.33 6.82 48.65
C LEU C 154 -17.64 7.53 49.00
N ASP C 155 -17.57 8.45 49.97
CA ASP C 155 -18.67 9.39 50.24
C ASP C 155 -18.57 10.64 49.41
N THR C 156 -17.40 11.28 49.34
CA THR C 156 -17.34 12.58 48.68
C THR C 156 -17.55 12.47 47.17
N ALA C 157 -16.98 11.46 46.51
CA ALA C 157 -17.06 11.46 45.04
C ALA C 157 -18.52 11.41 44.69
N PRO C 158 -18.93 12.16 43.69
CA PRO C 158 -20.32 12.15 43.24
C PRO C 158 -20.76 10.85 42.50
N ILE C 159 -19.78 10.09 42.00
CA ILE C 159 -20.00 8.87 41.18
C ILE C 159 -18.95 7.83 41.60
N LEU C 160 -19.39 6.65 41.97
CA LEU C 160 -18.49 5.52 41.99
C LEU C 160 -18.76 4.64 40.77
N ILE C 161 -17.70 4.11 40.18
CA ILE C 161 -17.86 3.08 39.14
C ILE C 161 -17.27 1.76 39.59
N LEU C 162 -18.13 0.75 39.73
CA LEU C 162 -17.65 -0.54 40.14
C LEU C 162 -17.60 -1.41 38.91
N ILE C 163 -16.40 -1.92 38.57
CA ILE C 163 -16.29 -2.68 37.34
C ILE C 163 -16.32 -4.13 37.70
N PHE C 164 -17.34 -4.82 37.20
CA PHE C 164 -17.49 -6.24 37.43
C PHE C 164 -17.15 -7.04 36.17
N LYS C 165 -16.42 -8.12 36.36
CA LYS C 165 -16.18 -9.06 35.27
C LYS C 165 -17.19 -10.19 35.33
N GLN C 166 -17.62 -10.63 34.16
CA GLN C 166 -18.53 -11.76 34.07
C GLN C 166 -17.70 -12.99 33.82
N VAL C 167 -17.52 -13.85 34.83
CA VAL C 167 -16.66 -15.00 34.68
C VAL C 167 -17.22 -16.06 33.73
N HIS C 168 -18.52 -15.96 33.44
CA HIS C 168 -19.14 -16.64 32.33
C HIS C 168 -20.39 -15.89 32.05
N GLY C 169 -21.11 -16.30 31.04
CA GLY C 169 -22.40 -15.72 30.72
C GLY C 169 -23.44 -16.79 30.47
N PHE C 170 -24.60 -16.38 30.00
CA PHE C 170 -25.70 -17.29 29.67
C PHE C 170 -26.23 -16.99 28.28
N ALA C 171 -26.39 -18.02 27.45
CA ALA C 171 -27.05 -17.92 26.12
C ALA C 171 -28.60 -17.87 26.14
N GLY C 174 -31.02 -21.03 27.50
CA GLY C 174 -30.35 -20.65 28.78
C GLY C 174 -29.14 -21.49 29.23
N LYS C 175 -28.31 -21.87 28.28
CA LYS C 175 -27.09 -22.58 28.61
C LYS C 175 -25.97 -21.58 29.01
N LYS C 176 -24.95 -22.11 29.68
CA LYS C 176 -23.80 -21.34 30.07
C LYS C 176 -22.85 -21.09 28.87
N LYS C 177 -22.45 -19.83 28.67
CA LYS C 177 -21.41 -19.51 27.68
C LYS C 177 -20.02 -19.11 28.24
N VAL C 178 -18.98 -19.57 27.56
CA VAL C 178 -17.63 -19.38 28.00
C VAL C 178 -17.18 -17.93 27.71
N HIS C 179 -16.57 -17.30 28.71
CA HIS C 179 -16.00 -15.97 28.55
C HIS C 179 -14.48 -16.04 28.55
N TYR C 180 -13.90 -16.28 27.37
CA TYR C 180 -12.41 -16.43 27.24
C TYR C 180 -11.67 -15.14 27.62
N TYR C 181 -10.60 -15.26 28.39
CA TYR C 181 -9.77 -14.11 28.81
C TYR C 181 -10.63 -12.98 29.46
N ASN C 182 -11.61 -13.35 30.28
CA ASN C 182 -12.56 -12.33 30.83
C ASN C 182 -11.90 -11.27 31.70
N GLU C 183 -10.98 -11.67 32.56
CA GLU C 183 -10.32 -10.70 33.40
C GLU C 183 -9.44 -9.69 32.61
N ILE C 184 -8.63 -10.21 31.73
CA ILE C 184 -7.79 -9.39 30.86
C ILE C 184 -8.66 -8.47 30.02
N SER C 185 -9.72 -9.01 29.43
CA SER C 185 -10.60 -8.20 28.65
C SER C 185 -11.19 -7.03 29.43
N VAL C 186 -11.65 -7.29 30.66
CA VAL C 186 -12.24 -6.22 31.47
C VAL C 186 -11.20 -5.20 31.93
N SER C 187 -10.01 -5.67 32.22
CA SER C 187 -8.93 -4.77 32.57
C SER C 187 -8.57 -3.83 31.40
N ILE C 188 -8.61 -4.36 30.19
CA ILE C 188 -8.33 -3.55 29.03
C ILE C 188 -9.40 -2.47 28.89
N ALA C 189 -10.66 -2.87 29.06
CA ALA C 189 -11.74 -1.92 29.06
C ALA C 189 -11.54 -0.87 30.16
N CYS C 190 -10.98 -1.27 31.29
CA CYS C 190 -10.65 -0.33 32.31
C CYS C 190 -9.56 0.64 31.85
N GLY C 191 -8.55 0.14 31.14
CA GLY C 191 -7.50 1.03 30.59
C GLY C 191 -8.12 2.12 29.73
N ILE C 192 -9.03 1.71 28.89
CA ILE C 192 -9.69 2.62 28.00
C ILE C 192 -10.56 3.62 28.77
N LEU C 193 -11.21 3.15 29.83
CA LEU C 193 -12.05 4.04 30.65
C LEU C 193 -11.20 5.12 31.32
N LEU C 194 -10.03 4.73 31.80
CA LEU C 194 -9.10 5.66 32.39
C LEU C 194 -8.72 6.72 31.34
N ALA C 195 -8.36 6.29 30.14
CA ALA C 195 -8.01 7.26 29.08
C ALA C 195 -9.15 8.18 28.81
N ALA C 196 -10.37 7.65 28.77
CA ALA C 196 -11.51 8.48 28.50
C ALA C 196 -11.77 9.54 29.59
N LEU C 197 -11.64 9.11 30.86
CA LEU C 197 -11.73 9.99 32.00
C LEU C 197 -10.69 11.11 31.92
N GLN C 198 -9.43 10.76 31.67
CA GLN C 198 -8.41 11.78 31.53
C GLN C 198 -8.80 12.73 30.41
N ASN C 199 -9.16 12.20 29.24
CA ASN C 199 -9.62 13.00 28.13
C ASN C 199 -10.76 13.95 28.45
N ALA C 200 -11.69 13.51 29.28
CA ALA C 200 -12.87 14.28 29.54
C ALA C 200 -12.68 15.25 30.75
N GLY C 201 -11.47 15.33 31.29
CA GLY C 201 -11.19 16.23 32.41
C GLY C 201 -11.73 15.80 33.78
N LEU C 202 -11.96 14.49 33.97
CA LEU C 202 -12.31 13.95 35.28
C LEU C 202 -11.14 13.19 35.84
N VAL C 203 -11.18 12.91 37.17
CA VAL C 203 -10.11 12.18 37.85
C VAL C 203 -10.67 11.01 38.61
N THR C 204 -9.79 10.08 38.96
CA THR C 204 -10.15 8.89 39.69
C THR C 204 -8.91 8.26 40.25
N VAL C 205 -9.09 7.15 40.94
CA VAL C 205 -7.97 6.30 41.26
C VAL C 205 -8.48 4.88 41.14
N THR C 206 -7.68 4.04 40.51
CA THR C 206 -8.03 2.66 40.28
C THR C 206 -7.86 1.92 41.59
N THR C 207 -8.93 1.35 42.15
CA THR C 207 -8.74 0.60 43.42
C THR C 207 -9.22 -0.82 43.28
N ALA C 208 -8.59 -1.67 44.08
CA ALA C 208 -8.84 -3.09 44.16
C ALA C 208 -9.12 -3.42 45.63
N PRO C 209 -10.40 -3.31 46.03
CA PRO C 209 -10.76 -3.56 47.41
C PRO C 209 -10.78 -5.05 47.74
N LEU C 210 -9.61 -5.55 48.10
CA LEU C 210 -9.38 -6.92 48.49
C LEU C 210 -10.43 -7.42 49.49
N ASN C 211 -11.06 -8.54 49.16
CA ASN C 211 -12.03 -9.23 50.02
C ASN C 211 -13.37 -8.54 50.16
N CYS C 212 -13.69 -7.54 49.33
CA CYS C 212 -14.99 -6.87 49.43
C CYS C 212 -15.99 -7.34 48.39
N GLY C 213 -15.57 -8.24 47.49
CA GLY C 213 -16.37 -8.53 46.29
C GLY C 213 -17.74 -9.09 46.61
N PRO C 214 -17.74 -10.15 47.39
CA PRO C 214 -19.02 -10.82 47.74
C PRO C 214 -20.04 -9.89 48.40
N ARG C 215 -19.61 -9.10 49.37
CA ARG C 215 -20.54 -8.23 50.09
C ARG C 215 -20.99 -7.12 49.18
N LEU C 216 -20.07 -6.64 48.35
CA LEU C 216 -20.47 -5.61 47.40
C LEU C 216 -21.40 -6.14 46.31
N ARG C 217 -21.15 -7.34 45.84
CA ARG C 217 -22.05 -7.96 44.83
C ARG C 217 -23.49 -8.08 45.32
N VAL C 218 -23.64 -8.67 46.50
CA VAL C 218 -24.96 -8.81 47.12
C VAL C 218 -25.59 -7.44 47.40
N LEU C 219 -24.82 -6.52 47.98
CA LEU C 219 -25.35 -5.20 48.26
C LEU C 219 -25.91 -4.53 47.02
N LEU C 220 -25.26 -4.72 45.86
CA LEU C 220 -25.69 -4.02 44.66
C LEU C 220 -26.58 -4.83 43.70
N GLY C 221 -26.96 -6.04 44.12
CA GLY C 221 -27.95 -6.82 43.40
C GLY C 221 -27.41 -7.50 42.13
N ARG C 222 -26.10 -7.80 42.08
CA ARG C 222 -25.46 -8.33 40.88
C ARG C 222 -25.50 -9.84 40.93
N PRO C 223 -25.59 -10.48 39.77
CA PRO C 223 -25.69 -11.92 39.81
C PRO C 223 -24.37 -12.54 40.07
N ALA C 224 -24.44 -13.86 40.30
CA ALA C 224 -23.39 -14.62 40.91
C ALA C 224 -22.23 -14.81 39.97
N HIS C 225 -22.52 -14.69 38.69
CA HIS C 225 -21.47 -14.80 37.67
C HIS C 225 -20.65 -13.50 37.53
N GLU C 226 -21.04 -12.41 38.19
CA GLU C 226 -20.26 -11.17 38.26
C GLU C 226 -19.34 -11.11 39.48
N LYS C 227 -18.09 -10.73 39.26
CA LYS C 227 -17.10 -10.54 40.34
C LYS C 227 -16.48 -9.15 40.21
N LEU C 228 -16.35 -8.50 41.33
CA LEU C 228 -15.86 -7.16 41.35
C LEU C 228 -14.41 -7.17 40.98
N LEU C 229 -14.01 -6.33 40.03
CA LEU C 229 -12.60 -6.32 39.63
C LEU C 229 -11.89 -5.10 40.14
N MET C 230 -12.54 -3.93 40.03
CA MET C 230 -11.98 -2.70 40.53
C MET C 230 -13.08 -1.64 40.74
N LEU C 231 -12.75 -0.62 41.55
CA LEU C 231 -13.69 0.43 41.90
C LEU C 231 -12.99 1.77 41.64
N LEU C 232 -13.64 2.61 40.85
CA LEU C 232 -13.12 3.93 40.56
C LEU C 232 -14.09 4.99 41.10
N PRO C 233 -13.64 5.80 42.06
CA PRO C 233 -14.35 7.03 42.48
C PRO C 233 -14.09 8.10 41.48
N VAL C 234 -15.14 8.66 40.93
CA VAL C 234 -14.97 9.63 39.86
C VAL C 234 -15.51 11.03 40.21
N GLY C 235 -14.72 12.05 39.89
CA GLY C 235 -15.20 13.44 39.87
C GLY C 235 -14.06 14.43 39.66
N TYR C 236 -14.22 15.67 40.16
CA TYR C 236 -13.15 16.64 40.05
C TYR C 236 -12.24 16.46 41.23
N PRO C 237 -10.96 16.79 41.09
CA PRO C 237 -10.10 16.67 42.25
C PRO C 237 -10.52 17.69 43.34
N SER C 238 -10.25 17.42 44.62
CA SER C 238 -10.42 18.43 45.69
C SER C 238 -9.53 19.64 45.41
N LYS C 239 -9.98 20.78 45.92
CA LYS C 239 -9.12 21.97 46.05
C LYS C 239 -7.78 21.61 46.63
N GLU C 240 -7.78 20.78 47.67
CA GLU C 240 -6.57 20.44 48.41
C GLU C 240 -5.86 19.14 47.94
N ALA C 241 -6.30 18.56 46.83
CA ALA C 241 -5.81 17.25 46.41
C ALA C 241 -4.31 17.22 46.28
N THR C 242 -3.72 16.13 46.74
CA THR C 242 -2.31 15.91 46.55
C THR C 242 -2.01 14.55 45.87
N VAL C 243 -0.78 14.39 45.36
CA VAL C 243 -0.32 13.14 44.81
C VAL C 243 1.05 12.86 45.33
N PRO C 244 1.41 11.57 45.55
CA PRO C 244 2.81 11.33 45.83
C PRO C 244 3.62 11.74 44.64
N ASP C 245 4.87 12.09 44.90
CA ASP C 245 5.78 12.63 43.91
C ASP C 245 6.55 11.48 43.27
N LEU C 246 5.83 10.69 42.49
CA LEU C 246 6.36 9.50 41.84
C LEU C 246 6.87 9.94 40.46
N LYS C 247 7.88 9.26 39.97
CA LYS C 247 8.33 9.42 38.60
C LYS C 247 8.10 8.12 37.81
N ARG C 248 7.85 8.26 36.51
CA ARG C 248 7.75 7.10 35.64
C ARG C 248 9.07 6.71 35.01
N LYS C 249 9.26 5.41 34.75
CA LYS C 249 10.44 4.96 34.08
C LYS C 249 10.61 5.67 32.73
N PRO C 250 11.87 5.92 32.34
CA PRO C 250 12.10 6.41 30.96
C PRO C 250 11.74 5.33 29.91
N LEU C 251 11.54 5.77 28.70
CA LEU C 251 11.24 4.89 27.60
C LEU C 251 12.14 3.69 27.47
N ASP C 252 13.46 3.87 27.61
CA ASP C 252 14.34 2.73 27.40
C ASP C 252 14.39 1.79 28.58
N GLN C 253 13.57 2.02 29.60
CA GLN C 253 13.45 0.99 30.64
C GLN C 253 12.17 0.17 30.49
N ILE C 254 11.27 0.59 29.61
CA ILE C 254 10.03 -0.18 29.38
C ILE C 254 9.88 -0.73 27.96
N MET C 255 10.67 -0.18 27.02
CA MET C 255 10.69 -0.59 25.62
C MET C 255 12.05 -1.23 25.24
N VAL C 256 11.99 -2.43 24.69
CA VAL C 256 13.16 -3.13 24.17
C VAL C 256 12.92 -3.45 22.69
N THR C 257 13.75 -2.87 21.84
CA THR C 257 13.58 -2.94 20.40
C THR C 257 14.47 -4.04 19.83
N VAL C 258 13.95 -4.82 18.90
CA VAL C 258 14.78 -5.78 18.13
C VAL C 258 14.81 -5.45 16.61
N VAL D 40 -37.63 -1.89 -35.99
CA VAL D 40 -37.47 -2.87 -34.87
C VAL D 40 -38.83 -3.31 -34.31
N GLU D 41 -38.91 -4.57 -33.91
CA GLU D 41 -40.07 -5.03 -33.16
C GLU D 41 -39.93 -4.75 -31.67
N HIS D 42 -41.03 -4.90 -30.95
CA HIS D 42 -41.11 -4.60 -29.54
C HIS D 42 -41.42 -5.90 -28.84
N ILE D 43 -40.82 -6.11 -27.68
CA ILE D 43 -40.83 -7.42 -27.04
C ILE D 43 -41.30 -7.27 -25.62
N PRO D 44 -41.74 -8.39 -25.00
CA PRO D 44 -42.20 -8.28 -23.63
C PRO D 44 -41.01 -7.92 -22.75
N PHE D 45 -41.28 -7.24 -21.63
CA PHE D 45 -40.24 -6.81 -20.70
C PHE D 45 -40.29 -7.75 -19.49
N SER D 46 -39.19 -8.43 -19.23
CA SER D 46 -39.10 -9.31 -18.08
C SER D 46 -38.64 -8.47 -16.91
N HIS D 47 -39.25 -8.71 -15.76
CA HIS D 47 -38.90 -7.99 -14.58
C HIS D 47 -38.44 -8.94 -13.47
N ASN D 48 -37.40 -8.53 -12.77
CA ASN D 48 -37.00 -9.17 -11.53
C ASN D 48 -37.63 -8.46 -10.31
N HIS D 49 -38.57 -9.15 -9.65
CA HIS D 49 -39.23 -8.65 -8.45
C HIS D 49 -38.33 -8.75 -7.21
N TYR D 50 -38.74 -8.09 -6.14
CA TYR D 50 -38.30 -8.47 -4.80
C TYR D 50 -39.46 -8.17 -3.88
N PRO D 51 -39.65 -9.01 -2.84
CA PRO D 51 -40.66 -8.57 -1.86
C PRO D 51 -40.40 -7.15 -1.35
N GLU D 52 -41.46 -6.50 -0.88
CA GLU D 52 -41.36 -5.16 -0.37
C GLU D 52 -40.22 -5.00 0.63
N LYS D 53 -40.04 -6.01 1.47
CA LYS D 53 -39.05 -5.95 2.54
C LYS D 53 -37.61 -6.01 2.00
N GLU D 54 -37.40 -6.70 0.88
CA GLU D 54 -36.08 -6.83 0.30
C GLU D 54 -35.76 -5.55 -0.45
N MET D 55 -36.80 -4.95 -1.02
CA MET D 55 -36.71 -3.68 -1.71
C MET D 55 -36.27 -2.60 -0.71
N VAL D 56 -36.87 -2.60 0.47
CA VAL D 56 -36.48 -1.65 1.49
C VAL D 56 -35.01 -1.91 1.82
N LYS D 57 -34.62 -3.18 1.94
CA LYS D 57 -33.27 -3.52 2.34
C LYS D 57 -32.26 -3.14 1.29
N ARG D 58 -32.49 -3.50 0.03
CA ARG D 58 -31.54 -3.16 -1.01
C ARG D 58 -31.42 -1.60 -1.15
N SER D 59 -32.54 -0.88 -0.97
CA SER D 59 -32.55 0.53 -1.24
C SER D 59 -31.75 1.25 -0.16
N GLN D 60 -31.88 0.68 1.04
CA GLN D 60 -31.23 1.18 2.24
C GLN D 60 -29.73 0.89 2.19
N GLU D 61 -29.34 -0.28 1.70
CA GLU D 61 -27.90 -0.61 1.58
C GLU D 61 -27.25 0.22 0.52
N PHE D 62 -27.92 0.38 -0.60
CA PHE D 62 -27.37 1.14 -1.68
C PHE D 62 -27.20 2.63 -1.28
N TYR D 63 -28.15 3.17 -0.51
CA TYR D 63 -27.98 4.50 0.05
C TYR D 63 -26.71 4.60 0.90
N GLU D 64 -26.56 3.72 1.88
CA GLU D 64 -25.38 3.74 2.76
C GLU D 64 -24.09 3.64 1.96
N LEU D 65 -24.07 2.73 1.00
CA LEU D 65 -22.90 2.59 0.14
C LEU D 65 -22.54 3.90 -0.56
N LEU D 66 -23.51 4.54 -1.21
CA LEU D 66 -23.19 5.73 -2.03
C LEU D 66 -23.03 6.98 -1.17
N ASN D 67 -23.59 6.97 0.03
CA ASN D 67 -23.39 8.10 0.94
C ASN D 67 -21.93 8.19 1.40
N LYS D 68 -21.21 7.07 1.37
CA LYS D 68 -19.78 7.11 1.70
C LYS D 68 -18.92 7.67 0.54
N ARG D 69 -19.50 7.81 -0.68
CA ARG D 69 -18.77 8.42 -1.79
C ARG D 69 -18.50 9.88 -1.46
N ARG D 70 -17.24 10.25 -1.53
CA ARG D 70 -16.79 11.62 -1.53
C ARG D 70 -15.84 11.87 -2.70
N SER D 71 -15.80 13.12 -3.18
CA SER D 71 -14.83 13.51 -4.19
C SER D 71 -13.44 13.52 -3.51
N VAL D 72 -12.51 12.78 -4.05
CA VAL D 72 -11.19 12.55 -3.46
C VAL D 72 -10.19 13.09 -4.47
N ARG D 73 -9.46 14.11 -4.03
CA ARG D 73 -8.53 14.83 -4.89
C ARG D 73 -7.05 14.33 -4.73
N PHE D 74 -6.85 13.28 -3.94
CA PHE D 74 -5.48 12.78 -3.61
C PHE D 74 -5.45 11.27 -3.83
N ILE D 75 -4.96 10.89 -5.00
CA ILE D 75 -5.09 9.53 -5.49
C ILE D 75 -3.70 8.91 -5.53
N SER D 76 -3.56 7.74 -4.90
CA SER D 76 -2.36 6.88 -5.01
C SER D 76 -2.05 6.44 -6.44
N ASN D 77 -0.76 6.21 -6.73
CA ASN D 77 -0.34 5.77 -8.08
C ASN D 77 -0.39 4.27 -8.26
N GLU D 78 -0.83 3.58 -7.21
CA GLU D 78 -0.89 2.17 -7.25
C GLU D 78 -1.82 1.72 -8.36
N GLN D 79 -1.38 0.68 -9.09
CA GLN D 79 -2.17 0.12 -10.19
C GLN D 79 -3.53 -0.45 -9.78
N VAL D 80 -4.47 -0.32 -10.70
CA VAL D 80 -5.80 -0.91 -10.55
C VAL D 80 -6.09 -1.91 -11.70
N PRO D 81 -6.86 -2.97 -11.42
CA PRO D 81 -7.15 -3.95 -12.48
C PRO D 81 -7.98 -3.33 -13.58
N MET D 82 -7.49 -3.43 -14.81
CA MET D 82 -8.19 -2.89 -15.96
C MET D 82 -9.57 -3.50 -16.19
N GLU D 83 -9.78 -4.71 -15.68
CA GLU D 83 -11.05 -5.37 -15.86
C GLU D 83 -12.16 -4.59 -15.16
N VAL D 84 -11.86 -4.10 -13.96
CA VAL D 84 -12.79 -3.29 -13.19
C VAL D 84 -13.09 -2.00 -13.93
N ILE D 85 -12.07 -1.41 -14.53
CA ILE D 85 -12.25 -0.22 -15.36
C ILE D 85 -13.19 -0.48 -16.54
N ASP D 86 -12.91 -1.55 -17.28
CA ASP D 86 -13.77 -2.01 -18.38
C ASP D 86 -15.24 -2.12 -17.94
N ASN D 87 -15.47 -2.79 -16.80
CA ASN D 87 -16.81 -3.01 -16.30
C ASN D 87 -17.56 -1.72 -15.88
N VAL D 88 -16.86 -0.77 -15.28
CA VAL D 88 -17.54 0.43 -14.85
C VAL D 88 -17.88 1.28 -16.09
N ILE D 89 -17.08 1.20 -17.15
CA ILE D 89 -17.39 1.93 -18.38
C ILE D 89 -18.54 1.31 -19.13
N ARG D 90 -18.53 -0.03 -19.19
CA ARG D 90 -19.66 -0.80 -19.65
C ARG D 90 -20.91 -0.41 -18.92
N THR D 91 -20.82 -0.32 -17.60
CA THR D 91 -21.98 0.03 -16.81
C THR D 91 -22.48 1.42 -17.26
N ALA D 92 -21.56 2.38 -17.44
CA ALA D 92 -21.92 3.73 -17.88
C ALA D 92 -22.66 3.67 -19.19
N GLY D 93 -22.21 2.75 -20.02
CA GLY D 93 -22.79 2.56 -21.34
C GLY D 93 -24.22 2.03 -21.32
N THR D 94 -24.71 1.55 -20.17
CA THR D 94 -26.12 1.11 -20.04
C THR D 94 -27.14 2.26 -19.79
N ALA D 95 -26.64 3.50 -19.78
CA ALA D 95 -27.47 4.64 -19.51
C ALA D 95 -28.50 4.87 -20.59
N PRO D 96 -29.59 5.54 -20.20
CA PRO D 96 -30.55 5.97 -21.16
C PRO D 96 -29.98 7.07 -21.99
N SER D 97 -30.56 7.30 -23.16
CA SER D 97 -30.13 8.40 -24.05
C SER D 97 -31.29 8.85 -24.90
N GLY D 98 -31.29 10.12 -25.28
CA GLY D 98 -32.37 10.66 -26.11
C GLY D 98 -32.45 9.97 -27.46
N ALA D 99 -33.67 9.57 -27.85
CA ALA D 99 -33.83 8.82 -29.10
C ALA D 99 -32.83 7.64 -29.22
N HIS D 100 -32.38 7.08 -28.10
CA HIS D 100 -31.39 5.98 -28.07
C HIS D 100 -30.23 6.26 -29.03
N THR D 101 -29.43 7.26 -28.65
CA THR D 101 -28.31 7.74 -29.47
C THR D 101 -26.95 7.39 -28.85
N GLU D 102 -26.94 7.00 -27.57
CA GLU D 102 -25.70 6.65 -26.89
C GLU D 102 -24.55 7.61 -27.21
N PRO D 103 -24.70 8.89 -26.88
CA PRO D 103 -23.78 9.88 -27.45
C PRO D 103 -22.48 10.11 -26.67
N TRP D 104 -21.89 9.04 -26.11
CA TRP D 104 -20.80 9.19 -25.18
C TRP D 104 -19.53 8.53 -25.73
N THR D 105 -18.39 9.17 -25.51
CA THR D 105 -17.07 8.53 -25.73
C THR D 105 -16.25 8.58 -24.43
N PHE D 106 -15.87 7.42 -23.91
CA PHE D 106 -15.03 7.37 -22.71
C PHE D 106 -13.57 7.11 -23.11
N VAL D 107 -12.74 8.15 -23.01
CA VAL D 107 -11.32 8.03 -23.34
C VAL D 107 -10.53 7.70 -22.07
N VAL D 108 -10.02 6.47 -22.01
CA VAL D 108 -9.20 6.02 -20.90
C VAL D 108 -7.71 6.26 -21.16
N VAL D 109 -7.09 7.06 -20.31
CA VAL D 109 -5.65 7.30 -20.45
C VAL D 109 -4.86 6.67 -19.31
N LYS D 110 -3.92 5.80 -19.66
CA LYS D 110 -3.03 5.18 -18.68
C LYS D 110 -1.53 5.48 -18.89
N ASP D 111 -1.16 5.91 -20.09
CA ASP D 111 0.24 6.16 -20.41
C ASP D 111 0.76 7.38 -19.63
N PRO D 112 1.89 7.21 -18.91
CA PRO D 112 2.41 8.31 -18.11
C PRO D 112 2.76 9.57 -18.86
N ASP D 113 3.34 9.47 -20.05
CA ASP D 113 3.73 10.68 -20.79
C ASP D 113 2.54 11.50 -21.23
N VAL D 114 1.47 10.84 -21.65
CA VAL D 114 0.24 11.59 -21.99
C VAL D 114 -0.53 12.09 -20.74
N LYS D 115 -0.57 11.32 -19.65
CA LYS D 115 -1.12 11.89 -18.42
C LYS D 115 -0.38 13.19 -18.14
N HIS D 116 0.93 13.20 -18.35
CA HIS D 116 1.74 14.40 -18.04
C HIS D 116 1.41 15.61 -18.94
N LYS D 117 1.28 15.42 -20.25
CA LYS D 117 0.85 16.53 -21.10
C LYS D 117 -0.56 17.02 -20.73
N ILE D 118 -1.43 16.10 -20.30
CA ILE D 118 -2.78 16.52 -19.90
C ILE D 118 -2.65 17.41 -18.68
N ARG D 119 -1.75 17.01 -17.79
CA ARG D 119 -1.47 17.80 -16.59
C ARG D 119 -0.96 19.19 -16.95
N LYS D 120 0.01 19.26 -17.85
CA LYS D 120 0.51 20.57 -18.28
C LYS D 120 -0.61 21.41 -18.80
N ILE D 121 -1.46 20.84 -19.65
CA ILE D 121 -2.56 21.64 -20.24
C ILE D 121 -3.53 22.17 -19.19
N ILE D 122 -3.90 21.34 -18.23
CA ILE D 122 -4.98 21.72 -17.29
C ILE D 122 -4.49 22.78 -16.29
N GLU D 123 -3.26 22.62 -15.77
CA GLU D 123 -2.71 23.56 -14.78
C GLU D 123 -2.46 24.93 -15.39
N GLU D 124 -2.05 24.93 -16.64
CA GLU D 124 -1.87 26.15 -17.41
C GLU D 124 -3.21 26.89 -17.58
N GLU D 125 -4.24 26.19 -17.99
CA GLU D 125 -5.54 26.88 -18.19
C GLU D 125 -6.20 27.20 -16.86
N GLU D 126 -6.08 26.30 -15.88
CA GLU D 126 -6.74 26.58 -14.60
C GLU D 126 -6.11 27.77 -13.90
N GLU D 127 -4.80 27.93 -14.09
CA GLU D 127 -4.09 29.09 -13.58
C GLU D 127 -4.69 30.36 -14.08
N ILE D 128 -4.85 30.49 -15.39
CA ILE D 128 -5.53 31.67 -15.95
C ILE D 128 -6.99 31.74 -15.48
N ASN D 129 -7.62 30.60 -15.22
CA ASN D 129 -8.99 30.60 -14.68
C ASN D 129 -9.03 31.19 -13.28
N TYR D 130 -8.16 30.73 -12.38
CA TYR D 130 -8.17 31.23 -11.00
C TYR D 130 -7.70 32.69 -10.96
N MET D 131 -6.76 33.00 -11.84
CA MET D 131 -6.08 34.29 -11.86
C MET D 131 -7.05 35.33 -12.46
N LYS D 132 -7.83 34.94 -13.45
CA LYS D 132 -8.57 35.91 -14.27
C LYS D 132 -9.99 35.50 -14.68
N ARG D 133 -10.18 34.29 -15.24
CA ARG D 133 -11.41 33.99 -15.98
C ARG D 133 -12.60 33.57 -15.12
N MET D 134 -12.39 32.96 -13.96
CA MET D 134 -13.57 32.56 -13.16
C MET D 134 -14.25 33.75 -12.52
N GLY D 135 -13.46 34.71 -12.07
CA GLY D 135 -14.00 35.83 -11.30
C GLY D 135 -14.00 35.57 -9.80
N HIS D 136 -14.02 36.64 -9.02
CA HIS D 136 -13.64 36.54 -7.63
C HIS D 136 -14.71 35.80 -6.83
N ARG D 137 -15.98 35.93 -7.24
CA ARG D 137 -17.08 35.26 -6.53
C ARG D 137 -16.92 33.74 -6.55
N TRP D 138 -16.52 33.22 -7.71
CA TRP D 138 -16.33 31.80 -7.93
C TRP D 138 -15.10 31.31 -7.16
N VAL D 139 -13.98 32.04 -7.24
CA VAL D 139 -12.79 31.71 -6.44
C VAL D 139 -13.11 31.71 -4.92
N THR D 140 -13.92 32.65 -4.48
CA THR D 140 -14.31 32.70 -3.10
C THR D 140 -15.21 31.49 -2.73
N ASP D 141 -16.11 31.10 -3.64
CA ASP D 141 -16.99 29.95 -3.39
C ASP D 141 -16.20 28.64 -3.28
N LEU D 142 -15.01 28.58 -3.89
CA LEU D 142 -14.14 27.39 -3.82
C LEU D 142 -13.14 27.33 -2.65
N LYS D 143 -13.11 28.34 -1.79
CA LYS D 143 -12.12 28.34 -0.70
C LYS D 143 -12.34 27.20 0.28
N LYS D 144 -13.59 26.93 0.62
CA LYS D 144 -13.90 25.79 1.50
C LYS D 144 -13.43 24.45 0.94
N LEU D 145 -13.19 24.37 -0.37
CA LEU D 145 -12.69 23.15 -0.98
C LEU D 145 -11.18 23.12 -1.04
N ARG D 146 -10.55 24.28 -0.96
CA ARG D 146 -9.06 24.40 -1.04
C ARG D 146 -8.53 23.91 -2.35
N THR D 147 -9.35 23.96 -3.40
CA THR D 147 -8.79 23.77 -4.71
C THR D 147 -7.92 24.95 -5.19
N ASN D 148 -6.96 24.63 -6.07
CA ASN D 148 -6.12 25.61 -6.71
C ASN D 148 -5.75 25.10 -8.11
N TRP D 149 -4.78 25.70 -8.77
CA TRP D 149 -4.50 25.24 -10.14
C TRP D 149 -3.53 24.09 -10.26
N ILE D 150 -2.99 23.62 -9.15
CA ILE D 150 -2.10 22.48 -9.17
C ILE D 150 -2.95 21.23 -9.00
N LYS D 151 -2.75 20.29 -9.92
CA LYS D 151 -3.59 19.10 -10.05
C LYS D 151 -2.72 17.84 -10.13
N GLU D 152 -2.16 17.46 -8.99
CA GLU D 152 -1.16 16.38 -8.95
C GLU D 152 -1.73 15.02 -9.31
N TYR D 153 -3.00 14.81 -8.96
CA TYR D 153 -3.68 13.56 -9.33
C TYR D 153 -3.63 13.20 -10.84
N LEU D 154 -3.41 14.19 -11.69
CA LEU D 154 -3.31 13.94 -13.13
C LEU D 154 -2.10 13.10 -13.52
N ASP D 155 -1.03 13.18 -12.72
CA ASP D 155 0.15 12.28 -12.82
C ASP D 155 0.02 11.09 -11.92
N THR D 156 -0.39 11.27 -10.66
CA THR D 156 -0.35 10.14 -9.72
C THR D 156 -1.43 9.08 -9.99
N ALA D 157 -2.63 9.49 -10.38
CA ALA D 157 -3.68 8.52 -10.63
C ALA D 157 -3.23 7.57 -11.75
N PRO D 158 -3.43 6.27 -11.57
CA PRO D 158 -3.02 5.31 -12.64
C PRO D 158 -3.87 5.46 -13.91
N ILE D 159 -5.10 5.96 -13.76
CA ILE D 159 -6.04 6.12 -14.87
C ILE D 159 -6.71 7.49 -14.86
N LEU D 160 -6.80 8.11 -16.03
CA LEU D 160 -7.75 9.19 -16.28
C LEU D 160 -8.86 8.69 -17.20
N ILE D 161 -10.08 9.06 -16.87
CA ILE D 161 -11.21 8.86 -17.79
C ILE D 161 -11.70 10.21 -18.20
N LEU D 162 -11.57 10.52 -19.50
CA LEU D 162 -12.10 11.74 -20.06
C LEU D 162 -13.42 11.45 -20.80
N ILE D 163 -14.52 12.00 -20.30
CA ILE D 163 -15.82 11.70 -20.87
C ILE D 163 -16.12 12.76 -21.88
N PHE D 164 -16.25 12.36 -23.15
CA PHE D 164 -16.64 13.28 -24.22
C PHE D 164 -18.09 13.11 -24.65
N LYS D 165 -18.76 14.22 -24.89
CA LYS D 165 -20.07 14.13 -25.52
C LYS D 165 -19.95 14.20 -27.05
N GLN D 166 -20.72 13.38 -27.74
CA GLN D 166 -20.86 13.56 -29.19
C GLN D 166 -22.01 14.52 -29.49
N VAL D 167 -21.73 15.73 -29.97
CA VAL D 167 -22.80 16.73 -30.15
C VAL D 167 -23.68 16.41 -31.36
N HIS D 168 -23.16 15.61 -32.26
CA HIS D 168 -23.97 14.87 -33.21
C HIS D 168 -23.21 13.60 -33.53
N GLY D 169 -23.88 12.67 -34.18
CA GLY D 169 -23.28 11.42 -34.64
C GLY D 169 -23.34 11.31 -36.17
N PHE D 170 -23.24 10.08 -36.69
CA PHE D 170 -23.23 9.85 -38.15
C PHE D 170 -24.10 8.67 -38.63
N GLY D 174 -23.08 6.35 -43.64
CA GLY D 174 -22.55 7.64 -43.18
C GLY D 174 -23.52 8.82 -43.34
N LYS D 176 -25.22 11.94 -41.05
CA LYS D 176 -25.10 12.84 -39.89
C LYS D 176 -26.35 12.91 -39.02
N LYS D 177 -26.40 12.11 -37.95
CA LYS D 177 -27.60 12.06 -37.08
C LYS D 177 -27.58 12.95 -35.85
N VAL D 178 -28.80 13.30 -35.41
CA VAL D 178 -29.05 14.27 -34.35
C VAL D 178 -28.97 13.55 -33.00
N HIS D 179 -28.28 14.18 -32.04
CA HIS D 179 -28.15 13.62 -30.69
C HIS D 179 -28.99 14.43 -29.70
N TYR D 180 -30.23 13.97 -29.50
CA TYR D 180 -31.26 14.71 -28.77
C TYR D 180 -30.84 14.69 -27.31
N TYR D 181 -30.78 15.87 -26.68
CA TYR D 181 -30.43 15.93 -25.28
C TYR D 181 -29.07 15.26 -24.99
N ASN D 182 -28.04 15.54 -25.78
CA ASN D 182 -26.79 14.79 -25.63
C ASN D 182 -26.01 15.09 -24.34
N GLU D 183 -25.96 16.35 -23.93
CA GLU D 183 -25.20 16.72 -22.76
C GLU D 183 -25.85 16.10 -21.54
N ILE D 184 -27.17 16.17 -21.43
CA ILE D 184 -27.87 15.53 -20.30
C ILE D 184 -27.66 14.01 -20.30
N SER D 185 -27.77 13.40 -21.48
CA SER D 185 -27.60 11.95 -21.58
C SER D 185 -26.19 11.52 -21.13
N VAL D 186 -25.18 12.27 -21.53
CA VAL D 186 -23.83 11.90 -21.14
C VAL D 186 -23.59 12.08 -19.64
N SER D 187 -24.19 13.12 -19.07
CA SER D 187 -24.06 13.38 -17.64
C SER D 187 -24.74 12.33 -16.82
N ILE D 188 -25.89 11.84 -17.33
CA ILE D 188 -26.57 10.73 -16.68
C ILE D 188 -25.61 9.50 -16.65
N ALA D 189 -25.00 9.23 -17.78
CA ALA D 189 -24.05 8.13 -17.89
C ALA D 189 -22.95 8.32 -16.87
N CYS D 190 -22.50 9.56 -16.72
CA CYS D 190 -21.47 9.87 -15.75
C CYS D 190 -21.90 9.56 -14.32
N GLY D 191 -23.16 9.83 -13.98
CA GLY D 191 -23.68 9.50 -12.64
C GLY D 191 -23.61 8.00 -12.38
N ILE D 192 -24.00 7.22 -13.39
CA ILE D 192 -23.93 5.78 -13.31
C ILE D 192 -22.48 5.30 -13.16
N LEU D 193 -21.57 5.93 -13.89
CA LEU D 193 -20.15 5.61 -13.79
C LEU D 193 -19.65 5.88 -12.38
N LEU D 194 -20.09 6.99 -11.80
CA LEU D 194 -19.70 7.34 -10.44
C LEU D 194 -20.26 6.31 -9.46
N ALA D 195 -21.52 5.89 -9.61
CA ALA D 195 -22.05 4.86 -8.71
C ALA D 195 -21.27 3.54 -8.84
N ALA D 196 -20.89 3.18 -10.07
CA ALA D 196 -20.18 1.96 -10.32
C ALA D 196 -18.77 2.00 -9.74
N LEU D 197 -18.12 3.15 -9.80
CA LEU D 197 -16.77 3.28 -9.23
C LEU D 197 -16.87 3.13 -7.73
N GLN D 198 -17.84 3.81 -7.12
CA GLN D 198 -18.01 3.67 -5.68
C GLN D 198 -18.30 2.19 -5.33
N ASN D 199 -19.12 1.53 -6.16
CA ASN D 199 -19.45 0.13 -5.95
C ASN D 199 -18.23 -0.81 -6.08
N ALA D 200 -17.30 -0.48 -6.95
CA ALA D 200 -16.16 -1.33 -7.12
C ALA D 200 -15.01 -0.96 -6.18
N GLY D 201 -15.24 -0.05 -5.26
CA GLY D 201 -14.21 0.33 -4.31
C GLY D 201 -13.11 1.20 -4.89
N LEU D 202 -13.39 1.97 -5.95
CA LEU D 202 -12.48 3.00 -6.41
C LEU D 202 -12.97 4.41 -6.08
N VAL D 203 -12.08 5.37 -6.27
CA VAL D 203 -12.38 6.75 -6.01
C VAL D 203 -12.02 7.64 -7.16
N THR D 204 -12.60 8.83 -7.12
CA THR D 204 -12.38 9.80 -8.16
C THR D 204 -12.90 11.14 -7.68
N VAL D 205 -12.73 12.13 -8.55
CA VAL D 205 -13.36 13.41 -8.39
C VAL D 205 -13.80 13.89 -9.75
N THR D 206 -15.07 14.24 -9.86
CA THR D 206 -15.65 14.77 -11.08
C THR D 206 -15.09 16.18 -11.33
N THR D 207 -14.29 16.33 -12.37
CA THR D 207 -13.75 17.65 -12.70
C THR D 207 -14.23 18.13 -14.05
N ALA D 208 -14.42 19.45 -14.13
CA ALA D 208 -14.70 20.11 -15.39
C ALA D 208 -13.56 21.10 -15.65
N PRO D 209 -12.53 20.67 -16.39
CA PRO D 209 -11.40 21.56 -16.63
C PRO D 209 -11.73 22.64 -17.63
N LEU D 210 -12.33 23.72 -17.13
CA LEU D 210 -12.77 24.89 -17.92
C LEU D 210 -11.68 25.40 -18.88
N ASN D 211 -12.07 25.64 -20.14
CA ASN D 211 -11.17 26.09 -21.20
C ASN D 211 -10.08 25.10 -21.63
N CYS D 212 -10.20 23.83 -21.25
CA CYS D 212 -9.20 22.83 -21.58
C CYS D 212 -9.58 21.90 -22.74
N GLY D 213 -10.82 21.99 -23.22
CA GLY D 213 -11.38 21.00 -24.13
C GLY D 213 -10.76 20.94 -25.52
N PRO D 214 -10.70 22.10 -26.21
CA PRO D 214 -10.09 22.11 -27.54
C PRO D 214 -8.71 21.47 -27.52
N ARG D 215 -7.86 21.90 -26.59
CA ARG D 215 -6.50 21.38 -26.52
C ARG D 215 -6.46 19.90 -26.14
N LEU D 216 -7.32 19.46 -25.25
CA LEU D 216 -7.31 18.05 -24.88
C LEU D 216 -7.90 17.19 -26.02
N ARG D 217 -8.92 17.71 -26.68
CA ARG D 217 -9.50 17.06 -27.85
C ARG D 217 -8.42 16.76 -28.92
N VAL D 218 -7.61 17.76 -29.27
CA VAL D 218 -6.51 17.64 -30.26
C VAL D 218 -5.46 16.70 -29.73
N LEU D 219 -4.97 16.97 -28.52
CA LEU D 219 -4.00 16.08 -27.92
C LEU D 219 -4.38 14.62 -28.09
N LEU D 220 -5.65 14.27 -27.86
CA LEU D 220 -6.03 12.86 -27.83
C LEU D 220 -6.55 12.35 -29.16
N GLY D 221 -6.60 13.22 -30.17
CA GLY D 221 -6.96 12.81 -31.52
C GLY D 221 -8.45 12.50 -31.70
N ARG D 222 -9.31 13.21 -30.96
CA ARG D 222 -10.74 13.00 -31.03
C ARG D 222 -11.35 13.85 -32.15
N PRO D 223 -12.43 13.33 -32.77
CA PRO D 223 -13.03 14.04 -33.89
C PRO D 223 -13.73 15.27 -33.45
N ALA D 224 -14.02 16.16 -34.40
CA ALA D 224 -14.50 17.51 -34.11
C ALA D 224 -15.94 17.57 -33.58
N HIS D 225 -16.67 16.46 -33.69
CA HIS D 225 -18.03 16.38 -33.14
C HIS D 225 -18.03 15.94 -31.64
N GLU D 226 -16.85 15.59 -31.11
CA GLU D 226 -16.68 15.29 -29.68
C GLU D 226 -16.25 16.55 -28.89
N LYS D 227 -16.88 16.78 -27.73
CA LYS D 227 -16.53 17.90 -26.80
C LYS D 227 -16.27 17.31 -25.43
N LEU D 228 -15.32 17.87 -24.69
CA LEU D 228 -14.98 17.29 -23.40
C LEU D 228 -16.00 17.77 -22.43
N LEU D 229 -16.62 16.86 -21.69
CA LEU D 229 -17.58 17.26 -20.69
C LEU D 229 -17.01 17.18 -19.27
N MET D 230 -16.29 16.12 -18.94
CA MET D 230 -15.69 16.04 -17.61
C MET D 230 -14.52 15.04 -17.59
N LEU D 231 -13.66 15.15 -16.57
CA LEU D 231 -12.47 14.32 -16.47
C LEU D 231 -12.44 13.74 -15.09
N LEU D 232 -12.32 12.41 -14.99
CA LEU D 232 -12.30 11.74 -13.71
C LEU D 232 -10.99 10.98 -13.53
N PRO D 233 -10.14 11.38 -12.58
CA PRO D 233 -8.94 10.59 -12.28
C PRO D 233 -9.36 9.47 -11.36
N VAL D 234 -8.89 8.27 -11.65
CA VAL D 234 -9.39 7.10 -10.93
C VAL D 234 -8.22 6.31 -10.34
N GLY D 235 -8.39 5.89 -9.09
CA GLY D 235 -7.43 5.04 -8.42
C GLY D 235 -7.89 4.75 -7.00
N TYR D 236 -6.96 4.34 -6.13
CA TYR D 236 -7.27 4.28 -4.72
C TYR D 236 -6.91 5.63 -4.09
N PRO D 237 -7.60 6.00 -2.99
CA PRO D 237 -7.19 7.16 -2.23
C PRO D 237 -5.80 7.00 -1.57
N SER D 238 -4.98 8.05 -1.59
CA SER D 238 -3.71 8.10 -0.85
C SER D 238 -4.03 7.89 0.61
N LYS D 239 -3.04 7.45 1.36
CA LYS D 239 -3.13 7.43 2.82
C LYS D 239 -3.15 8.86 3.38
N GLU D 240 -2.85 9.83 2.54
CA GLU D 240 -2.85 11.20 2.96
C GLU D 240 -4.15 11.91 2.62
N ALA D 241 -5.02 11.25 1.85
CA ALA D 241 -6.27 11.85 1.40
C ALA D 241 -7.09 12.44 2.53
N THR D 242 -7.45 13.70 2.39
CA THR D 242 -8.47 14.29 3.22
C THR D 242 -9.65 14.69 2.32
N VAL D 243 -10.73 15.13 2.94
CA VAL D 243 -11.84 15.75 2.23
C VAL D 243 -12.38 16.92 3.07
N PRO D 244 -13.03 17.87 2.39
CA PRO D 244 -13.66 18.92 3.21
C PRO D 244 -14.81 18.31 4.01
N ASP D 245 -15.04 18.85 5.19
CA ASP D 245 -16.05 18.37 6.10
C ASP D 245 -17.34 19.03 5.68
N LEU D 246 -17.92 18.57 4.58
CA LEU D 246 -19.20 19.07 4.08
C LEU D 246 -20.34 18.19 4.57
N LYS D 247 -21.52 18.79 4.76
CA LYS D 247 -22.74 18.04 5.04
C LYS D 247 -23.70 18.08 3.86
N ARG D 248 -24.40 16.97 3.68
CA ARG D 248 -25.44 16.87 2.72
C ARG D 248 -26.76 17.30 3.35
N LYS D 249 -27.63 17.87 2.52
CA LYS D 249 -28.95 18.21 2.99
C LYS D 249 -29.78 17.01 3.49
N PRO D 250 -30.56 17.24 4.53
CA PRO D 250 -31.54 16.26 4.89
C PRO D 250 -32.61 16.05 3.81
N LEU D 251 -33.32 14.93 3.93
CA LEU D 251 -34.23 14.57 2.90
C LEU D 251 -35.32 15.61 2.70
N ASP D 252 -35.83 16.17 3.77
CA ASP D 252 -36.91 17.14 3.64
C ASP D 252 -36.48 18.48 3.01
N GLN D 253 -35.19 18.66 2.75
CA GLN D 253 -34.71 19.81 1.96
C GLN D 253 -34.39 19.48 0.49
N ILE D 254 -34.50 18.21 0.08
CA ILE D 254 -34.35 17.90 -1.36
C ILE D 254 -35.57 17.31 -2.01
N MET D 255 -36.53 16.86 -1.19
CA MET D 255 -37.69 16.12 -1.62
C MET D 255 -38.91 16.89 -1.14
N VAL D 256 -39.82 17.18 -2.07
CA VAL D 256 -41.10 17.77 -1.76
C VAL D 256 -42.18 16.81 -2.29
N THR D 257 -43.10 16.43 -1.43
CA THR D 257 -44.21 15.53 -1.73
C THR D 257 -45.52 16.31 -1.88
N VAL D 258 -46.27 15.99 -2.94
CA VAL D 258 -47.63 16.49 -3.15
C VAL D 258 -48.69 15.36 -2.99
N VAL E 40 -14.33 25.97 6.44
CA VAL E 40 -14.52 24.57 6.99
C VAL E 40 -13.24 23.72 7.00
N GLU E 41 -13.14 22.86 8.00
CA GLU E 41 -11.93 22.05 8.16
C GLU E 41 -11.95 20.83 7.24
N HIS E 42 -10.77 20.28 6.99
CA HIS E 42 -10.59 19.06 6.19
C HIS E 42 -10.24 17.88 7.09
N ILE E 43 -10.78 16.70 6.77
CA ILE E 43 -10.80 15.59 7.71
C ILE E 43 -10.33 14.41 6.92
N PRO E 44 -9.85 13.37 7.61
CA PRO E 44 -9.45 12.17 6.89
C PRO E 44 -10.58 11.58 6.09
N PHE E 45 -10.20 10.94 4.99
CA PHE E 45 -11.15 10.26 4.13
C PHE E 45 -11.24 8.81 4.56
N SER E 46 -12.46 8.29 4.74
CA SER E 46 -12.55 6.88 5.10
C SER E 46 -13.05 5.98 3.94
N HIS E 47 -12.27 4.96 3.62
CA HIS E 47 -12.58 4.11 2.47
C HIS E 47 -12.65 2.60 2.82
N ASN E 48 -13.74 1.97 2.39
CA ASN E 48 -13.79 0.54 2.15
C ASN E 48 -13.01 0.14 0.89
N HIS E 49 -11.91 -0.58 1.06
CA HIS E 49 -11.28 -1.26 -0.06
C HIS E 49 -11.71 -2.75 -0.09
N TYR E 50 -11.72 -3.30 -1.31
CA TYR E 50 -11.91 -4.71 -1.52
C TYR E 50 -10.65 -5.28 -2.12
N PRO E 51 -10.43 -6.60 -1.94
CA PRO E 51 -9.36 -7.21 -2.73
C PRO E 51 -9.74 -7.09 -4.20
N GLU E 52 -8.76 -7.09 -5.08
CA GLU E 52 -8.98 -7.01 -6.52
C GLU E 52 -10.04 -7.97 -7.08
N LYS E 53 -10.03 -9.20 -6.56
CA LYS E 53 -10.98 -10.22 -7.00
C LYS E 53 -12.44 -9.85 -6.64
N GLU E 54 -12.64 -9.32 -5.44
CA GLU E 54 -13.96 -8.89 -5.01
C GLU E 54 -14.36 -7.58 -5.76
N MET E 55 -13.37 -6.86 -6.30
CA MET E 55 -13.61 -5.67 -7.14
C MET E 55 -14.09 -6.05 -8.57
N VAL E 56 -13.45 -7.03 -9.18
CA VAL E 56 -13.94 -7.60 -10.44
C VAL E 56 -15.38 -8.11 -10.25
N LYS E 57 -15.60 -8.92 -9.23
CA LYS E 57 -16.92 -9.51 -8.99
C LYS E 57 -18.00 -8.43 -8.76
N ARG E 58 -17.71 -7.43 -7.92
CA ARG E 58 -18.71 -6.43 -7.62
C ARG E 58 -19.03 -5.63 -8.88
N SER E 59 -18.01 -5.30 -9.66
CA SER E 59 -18.21 -4.50 -10.87
C SER E 59 -18.90 -5.27 -12.01
N GLN E 60 -18.70 -6.59 -12.02
CA GLN E 60 -19.40 -7.51 -12.94
C GLN E 60 -20.88 -7.60 -12.59
N GLU E 61 -21.18 -7.77 -11.31
CA GLU E 61 -22.56 -7.93 -10.85
C GLU E 61 -23.38 -6.65 -11.01
N PHE E 62 -22.72 -5.52 -10.78
CA PHE E 62 -23.37 -4.22 -10.97
C PHE E 62 -23.57 -3.96 -12.43
N TYR E 63 -22.61 -4.32 -13.27
CA TYR E 63 -22.85 -4.14 -14.71
C TYR E 63 -24.07 -4.95 -15.18
N GLU E 64 -24.16 -6.20 -14.76
CA GLU E 64 -25.28 -7.06 -15.19
C GLU E 64 -26.59 -6.57 -14.60
N LEU E 65 -26.54 -6.04 -13.39
CA LEU E 65 -27.77 -5.51 -12.81
C LEU E 65 -28.26 -4.30 -13.63
N LEU E 66 -27.37 -3.39 -13.97
CA LEU E 66 -27.77 -2.18 -14.67
C LEU E 66 -28.01 -2.46 -16.14
N ASN E 67 -27.33 -3.45 -16.69
CA ASN E 67 -27.59 -3.75 -18.11
C ASN E 67 -29.01 -4.27 -18.31
N LYS E 68 -29.62 -4.89 -17.31
CA LYS E 68 -31.05 -5.22 -17.38
C LYS E 68 -32.03 -4.01 -17.33
N ARG E 69 -31.58 -2.82 -16.92
CA ARG E 69 -32.45 -1.66 -16.90
C ARG E 69 -32.93 -1.33 -18.30
N ARG E 70 -34.24 -1.12 -18.44
CA ARG E 70 -34.76 -0.57 -19.69
C ARG E 70 -35.73 0.56 -19.39
N SER E 71 -35.87 1.48 -20.34
CA SER E 71 -36.92 2.48 -20.24
C SER E 71 -38.29 1.81 -20.45
N VAL E 72 -39.10 1.82 -19.40
CA VAL E 72 -40.43 1.19 -19.41
C VAL E 72 -41.56 2.23 -19.43
N ARG E 73 -42.32 2.26 -20.53
CA ARG E 73 -43.40 3.24 -20.71
C ARG E 73 -44.80 2.68 -20.33
N PHE E 74 -44.84 1.53 -19.66
CA PHE E 74 -46.10 0.89 -19.27
C PHE E 74 -45.99 0.48 -17.83
N ILE E 75 -46.71 1.18 -16.96
CA ILE E 75 -46.48 1.06 -15.53
C ILE E 75 -47.76 0.75 -14.79
N SER E 76 -47.68 -0.26 -13.96
CA SER E 76 -48.81 -0.77 -13.26
C SER E 76 -49.19 0.24 -12.19
N ASN E 77 -50.44 0.17 -11.74
CA ASN E 77 -50.88 1.05 -10.66
C ASN E 77 -50.68 0.44 -9.30
N GLU E 78 -50.07 -0.73 -9.21
CA GLU E 78 -49.80 -1.30 -7.91
C GLU E 78 -48.94 -0.35 -7.06
N GLN E 79 -49.36 -0.21 -5.80
CA GLN E 79 -48.76 0.67 -4.83
C GLN E 79 -47.29 0.24 -4.56
N VAL E 80 -46.41 1.22 -4.31
CA VAL E 80 -45.00 0.94 -3.94
C VAL E 80 -44.62 1.48 -2.59
N PRO E 81 -43.73 0.76 -1.85
CA PRO E 81 -43.50 1.21 -0.47
C PRO E 81 -42.72 2.50 -0.51
N MET E 82 -43.27 3.46 0.18
CA MET E 82 -42.84 4.83 0.16
C MET E 82 -41.44 5.00 0.74
N GLU E 83 -41.09 4.18 1.72
CA GLU E 83 -39.74 4.20 2.29
C GLU E 83 -38.64 3.93 1.24
N VAL E 84 -38.95 3.09 0.27
CA VAL E 84 -38.05 2.83 -0.83
C VAL E 84 -37.86 4.12 -1.64
N ILE E 85 -38.96 4.85 -1.85
CA ILE E 85 -38.90 6.08 -2.61
C ILE E 85 -38.03 7.07 -1.87
N ASP E 86 -38.21 7.17 -0.55
CA ASP E 86 -37.38 8.05 0.26
C ASP E 86 -35.90 7.70 0.05
N ASN E 87 -35.60 6.41 0.04
CA ASN E 87 -34.24 5.96 -0.03
C ASN E 87 -33.58 6.27 -1.36
N VAL E 88 -34.29 6.05 -2.46
CA VAL E 88 -33.69 6.29 -3.77
C VAL E 88 -33.42 7.78 -3.97
N ILE E 89 -34.26 8.62 -3.38
CA ILE E 89 -34.10 10.03 -3.47
C ILE E 89 -32.98 10.51 -2.59
N ARG E 90 -32.84 9.97 -1.40
CA ARG E 90 -31.73 10.36 -0.59
C ARG E 90 -30.40 9.83 -1.16
N THR E 91 -30.46 8.73 -1.91
CA THR E 91 -29.33 8.25 -2.72
C THR E 91 -28.96 9.24 -3.84
N ALA E 92 -29.96 9.73 -4.57
CA ALA E 92 -29.72 10.77 -5.58
C ALA E 92 -29.04 11.99 -4.95
N GLY E 93 -29.47 12.36 -3.75
CA GLY E 93 -28.84 13.45 -3.01
C GLY E 93 -27.37 13.34 -2.57
N THR E 94 -26.76 12.16 -2.73
CA THR E 94 -25.33 11.94 -2.48
C THR E 94 -24.51 12.21 -3.75
N ALA E 95 -25.17 12.71 -4.81
CA ALA E 95 -24.44 13.03 -6.00
C ALA E 95 -23.39 14.12 -5.75
N PRO E 96 -22.35 14.18 -6.56
CA PRO E 96 -21.53 15.39 -6.50
C PRO E 96 -22.27 16.61 -7.05
N SER E 97 -21.76 17.78 -6.75
CA SER E 97 -22.28 18.99 -7.37
C SER E 97 -21.22 20.08 -7.35
N GLY E 98 -21.24 20.93 -8.38
CA GLY E 98 -20.32 22.06 -8.49
C GLY E 98 -20.31 22.96 -7.29
N ALA E 99 -19.12 23.14 -6.73
CA ALA E 99 -18.91 23.91 -5.48
C ALA E 99 -19.82 23.51 -4.36
N HIS E 100 -20.20 22.24 -4.34
CA HIS E 100 -21.08 21.73 -3.28
C HIS E 100 -22.30 22.61 -3.11
N THR E 101 -23.08 22.67 -4.17
CA THR E 101 -24.31 23.45 -4.19
C THR E 101 -25.61 22.63 -4.08
N GLU E 102 -25.56 21.34 -4.37
CA GLU E 102 -26.77 20.47 -4.26
C GLU E 102 -28.01 21.12 -4.88
N PRO E 103 -27.92 21.49 -6.15
CA PRO E 103 -28.95 22.34 -6.75
C PRO E 103 -30.14 21.52 -7.27
N TRP E 104 -30.59 20.53 -6.52
CA TRP E 104 -31.69 19.70 -6.97
C TRP E 104 -32.89 19.77 -6.02
N THR E 105 -34.06 19.74 -6.64
CA THR E 105 -35.31 19.48 -5.95
C THR E 105 -36.04 18.32 -6.65
N PHE E 106 -36.36 17.27 -5.87
CA PHE E 106 -37.15 16.14 -6.37
C PHE E 106 -38.60 16.27 -5.91
N VAL E 107 -39.50 16.52 -6.85
CA VAL E 107 -40.92 16.68 -6.52
C VAL E 107 -41.63 15.37 -6.77
N VAL E 108 -42.09 14.76 -5.68
CA VAL E 108 -42.71 13.47 -5.73
C VAL E 108 -44.23 13.63 -5.65
N VAL E 109 -44.92 13.20 -6.70
CA VAL E 109 -46.37 13.35 -6.76
C VAL E 109 -47.08 11.99 -6.65
N LYS E 110 -47.90 11.83 -5.60
CA LYS E 110 -48.74 10.65 -5.46
C LYS E 110 -50.25 10.93 -5.67
N ASP E 111 -50.69 12.15 -5.38
CA ASP E 111 -52.12 12.46 -5.48
C ASP E 111 -52.68 12.27 -6.90
N PRO E 112 -53.72 11.43 -7.03
CA PRO E 112 -54.19 11.17 -8.39
C PRO E 112 -54.71 12.41 -9.14
N ASP E 113 -55.31 13.38 -8.47
CA ASP E 113 -55.85 14.53 -9.20
C ASP E 113 -54.77 15.45 -9.77
N VAL E 114 -53.73 15.72 -9.01
CA VAL E 114 -52.63 16.53 -9.52
C VAL E 114 -51.87 15.80 -10.64
N LYS E 115 -51.62 14.50 -10.47
CA LYS E 115 -51.09 13.67 -11.57
C LYS E 115 -51.90 13.77 -12.82
N HIS E 116 -53.23 13.83 -12.69
CA HIS E 116 -54.07 13.99 -13.86
C HIS E 116 -53.86 15.33 -14.52
N LYS E 117 -53.69 16.37 -13.72
CA LYS E 117 -53.45 17.70 -14.27
C LYS E 117 -52.12 17.75 -14.97
N ILE E 118 -51.14 17.04 -14.40
CA ILE E 118 -49.82 16.95 -15.04
C ILE E 118 -49.98 16.29 -16.40
N ARG E 119 -50.72 15.18 -16.41
CA ARG E 119 -50.98 14.50 -17.66
C ARG E 119 -51.66 15.38 -18.69
N LYS E 120 -52.65 16.16 -18.29
CA LYS E 120 -53.32 17.08 -19.24
C LYS E 120 -52.31 18.04 -19.81
N ILE E 121 -51.52 18.67 -18.95
CA ILE E 121 -50.51 19.63 -19.41
C ILE E 121 -49.56 19.00 -20.41
N ILE E 122 -49.07 17.80 -20.13
CA ILE E 122 -48.02 17.24 -21.00
C ILE E 122 -48.57 16.68 -22.31
N GLU E 123 -49.73 16.02 -22.26
CA GLU E 123 -50.34 15.52 -23.51
C GLU E 123 -50.68 16.68 -24.41
N GLU E 124 -51.22 17.74 -23.81
CA GLU E 124 -51.50 18.97 -24.57
C GLU E 124 -50.25 19.55 -25.23
N GLU E 125 -49.16 19.79 -24.49
CA GLU E 125 -47.93 20.36 -25.12
C GLU E 125 -47.24 19.41 -26.09
N GLU E 126 -47.16 18.13 -25.76
CA GLU E 126 -46.45 17.15 -26.63
C GLU E 126 -47.17 16.93 -27.96
N GLU E 127 -48.50 17.09 -27.96
CA GLU E 127 -49.27 16.98 -29.22
C GLU E 127 -48.83 18.08 -30.13
N ILE E 128 -48.73 19.28 -29.57
CA ILE E 128 -48.21 20.39 -30.39
C ILE E 128 -46.74 20.15 -30.78
N ASN E 129 -45.98 19.49 -29.90
CA ASN E 129 -44.59 19.20 -30.18
C ASN E 129 -44.48 18.26 -31.37
N TYR E 130 -45.17 17.12 -31.32
CA TYR E 130 -45.06 16.13 -32.41
C TYR E 130 -45.59 16.70 -33.70
N MET E 131 -46.69 17.46 -33.61
CA MET E 131 -47.34 18.02 -34.83
C MET E 131 -46.67 19.24 -35.44
N LYS E 132 -45.94 20.04 -34.65
CA LYS E 132 -45.40 21.30 -35.17
C LYS E 132 -44.00 21.70 -34.67
N ARG E 133 -43.72 21.48 -33.39
CA ARG E 133 -42.58 22.13 -32.79
C ARG E 133 -41.29 21.32 -32.98
N MET E 134 -41.36 20.00 -32.93
CA MET E 134 -40.17 19.15 -32.99
C MET E 134 -39.51 19.06 -34.36
N GLY E 135 -40.31 19.17 -35.43
CA GLY E 135 -39.82 19.00 -36.79
C GLY E 135 -39.90 17.55 -37.19
N HIS E 136 -39.81 17.30 -38.50
CA HIS E 136 -40.07 15.96 -39.02
C HIS E 136 -38.90 14.99 -38.79
N ARG E 137 -37.66 15.47 -38.71
CA ARG E 137 -36.54 14.54 -38.45
C ARG E 137 -36.70 13.89 -37.07
N TRP E 138 -37.06 14.70 -36.09
CA TRP E 138 -37.18 14.18 -34.73
C TRP E 138 -38.32 13.16 -34.66
N VAL E 139 -39.49 13.50 -35.21
CA VAL E 139 -40.62 12.58 -35.25
C VAL E 139 -40.23 11.29 -35.98
N THR E 140 -39.44 11.38 -37.05
CA THR E 140 -38.95 10.17 -37.74
C THR E 140 -37.99 9.38 -36.87
N ASP E 141 -37.12 10.08 -36.15
CA ASP E 141 -36.09 9.39 -35.34
C ASP E 141 -36.75 8.63 -34.18
N LEU E 142 -37.94 9.07 -33.76
CA LEU E 142 -38.71 8.37 -32.68
C LEU E 142 -39.62 7.25 -33.13
N LYS E 143 -39.74 7.05 -34.45
CA LYS E 143 -40.59 5.93 -34.96
C LYS E 143 -40.29 4.58 -34.31
N LYS E 144 -39.02 4.24 -34.23
CA LYS E 144 -38.59 3.00 -33.59
C LYS E 144 -39.09 2.88 -32.14
N LEU E 145 -39.34 4.00 -31.47
CA LEU E 145 -39.86 3.92 -30.10
C LEU E 145 -41.39 3.90 -30.02
N ARG E 146 -42.10 4.28 -31.09
CA ARG E 146 -43.58 4.22 -31.04
C ARG E 146 -44.18 5.15 -29.94
N THR E 147 -43.45 6.19 -29.58
CA THR E 147 -43.95 7.17 -28.62
C THR E 147 -44.85 8.18 -29.36
N ASN E 148 -45.85 8.71 -28.67
CA ASN E 148 -46.53 9.91 -29.15
C ASN E 148 -46.96 10.76 -27.98
N TRP E 149 -47.96 11.62 -28.17
CA TRP E 149 -48.37 12.54 -27.10
C TRP E 149 -49.29 11.86 -26.08
N ILE E 150 -49.68 10.61 -26.30
CA ILE E 150 -50.48 9.94 -25.29
C ILE E 150 -49.57 9.36 -24.20
N LYS E 151 -49.71 9.86 -22.98
CA LYS E 151 -48.86 9.40 -21.89
C LYS E 151 -49.67 8.85 -20.71
N GLU E 152 -50.09 7.59 -20.84
CA GLU E 152 -50.99 6.99 -19.87
C GLU E 152 -50.33 6.70 -18.49
N TYR E 153 -49.02 6.51 -18.51
CA TYR E 153 -48.29 6.22 -17.28
C TYR E 153 -48.38 7.38 -16.28
N LEU E 154 -48.67 8.58 -16.76
CA LEU E 154 -48.77 9.72 -15.85
C LEU E 154 -49.95 9.57 -14.90
N ASP E 155 -51.03 8.91 -15.36
CA ASP E 155 -52.11 8.51 -14.46
C ASP E 155 -51.82 7.19 -13.78
N THR E 156 -51.34 6.17 -14.50
CA THR E 156 -51.30 4.81 -13.92
C THR E 156 -50.19 4.62 -12.90
N ALA E 157 -49.04 5.23 -13.12
CA ALA E 157 -47.95 5.10 -12.15
C ALA E 157 -48.40 5.61 -10.77
N PRO E 158 -48.05 4.88 -9.71
CA PRO E 158 -48.31 5.34 -8.33
C PRO E 158 -47.50 6.56 -7.88
N ILE E 159 -46.38 6.84 -8.56
CA ILE E 159 -45.47 7.92 -8.17
C ILE E 159 -44.99 8.58 -9.44
N LEU E 160 -44.95 9.91 -9.44
CA LEU E 160 -44.19 10.64 -10.45
C LEU E 160 -43.12 11.44 -9.73
N ILE E 161 -41.90 11.38 -10.27
CA ILE E 161 -40.76 12.11 -9.71
C ILE E 161 -40.40 13.17 -10.71
N LEU E 162 -40.64 14.42 -10.34
CA LEU E 162 -40.26 15.54 -11.22
C LEU E 162 -38.97 16.13 -10.68
N ILE E 163 -37.93 16.05 -11.50
CA ILE E 163 -36.62 16.56 -11.13
C ILE E 163 -36.39 17.97 -11.65
N PHE E 164 -36.31 18.91 -10.71
CA PHE E 164 -36.14 20.31 -10.96
C PHE E 164 -34.70 20.72 -10.66
N LYS E 165 -34.07 21.41 -11.60
CA LYS E 165 -32.79 21.99 -11.30
C LYS E 165 -32.97 23.38 -10.73
N GLN E 166 -32.13 23.73 -9.75
CA GLN E 166 -32.04 25.09 -9.25
C GLN E 166 -30.97 25.88 -10.01
N VAL E 167 -31.37 26.77 -10.92
CA VAL E 167 -30.40 27.55 -11.74
C VAL E 167 -29.60 28.59 -10.94
N HIS E 168 -30.08 28.92 -9.75
CA HIS E 168 -29.27 29.55 -8.73
C HIS E 168 -29.97 29.26 -7.43
N GLY E 169 -29.34 29.56 -6.31
CA GLY E 169 -29.95 29.41 -5.00
C GLY E 169 -30.00 30.67 -4.14
N PHE E 170 -30.37 30.49 -2.88
CA PHE E 170 -30.45 31.59 -1.95
C PHE E 170 -29.84 31.21 -0.63
N ALA E 171 -28.85 32.00 -0.19
CA ALA E 171 -28.34 31.97 1.20
C ALA E 171 -29.40 32.42 2.22
N ALA E 172 -29.09 32.24 3.50
CA ALA E 172 -30.11 32.46 4.55
C ALA E 172 -30.40 33.96 4.70
N ASN E 173 -29.38 34.78 4.47
CA ASN E 173 -29.52 36.22 4.41
C ASN E 173 -30.29 36.73 3.17
N GLY E 174 -30.82 35.81 2.37
CA GLY E 174 -31.64 36.15 1.21
C GLY E 174 -30.87 36.62 0.00
N LYS E 175 -29.55 36.61 0.07
CA LYS E 175 -28.74 36.95 -1.12
C LYS E 175 -28.63 35.74 -2.04
N LYS E 176 -28.31 36.01 -3.29
CA LYS E 176 -28.27 35.00 -4.32
C LYS E 176 -26.95 34.22 -4.27
N LYS E 177 -27.03 32.92 -4.49
CA LYS E 177 -25.83 32.12 -4.72
C LYS E 177 -25.79 31.38 -6.06
N VAL E 178 -24.58 31.27 -6.57
CA VAL E 178 -24.31 30.74 -7.86
C VAL E 178 -24.30 29.21 -7.80
N HIS E 179 -24.93 28.60 -8.80
CA HIS E 179 -24.95 27.15 -8.89
C HIS E 179 -24.16 26.69 -10.11
N TYR E 180 -22.86 26.51 -9.89
CA TYR E 180 -21.94 26.11 -10.95
C TYR E 180 -22.27 24.73 -11.50
N TYR E 181 -22.32 24.63 -12.82
CA TYR E 181 -22.64 23.38 -13.51
C TYR E 181 -23.94 22.75 -12.91
N ASN E 182 -24.98 23.57 -12.71
CA ASN E 182 -26.20 23.07 -12.10
C ASN E 182 -26.93 22.04 -12.96
N GLU E 183 -26.95 22.21 -14.30
CA GLU E 183 -27.62 21.22 -15.17
C GLU E 183 -26.89 19.87 -15.18
N ILE E 184 -25.58 19.90 -15.43
CA ILE E 184 -24.78 18.69 -15.33
C ILE E 184 -24.92 18.01 -13.99
N SER E 185 -24.96 18.78 -12.91
CA SER E 185 -24.99 18.22 -11.58
C SER E 185 -26.29 17.48 -11.30
N VAL E 186 -27.41 18.09 -11.71
CA VAL E 186 -28.70 17.48 -11.50
C VAL E 186 -28.84 16.24 -12.37
N SER E 187 -28.27 16.29 -13.57
CA SER E 187 -28.27 15.15 -14.45
C SER E 187 -27.49 13.96 -13.90
N ILE E 188 -26.37 14.20 -13.23
CA ILE E 188 -25.55 13.14 -12.62
C ILE E 188 -26.38 12.56 -11.48
N ALA E 189 -27.06 13.44 -10.75
CA ALA E 189 -27.93 12.99 -9.68
C ALA E 189 -29.06 12.08 -10.23
N CYS E 190 -29.59 12.44 -11.41
CA CYS E 190 -30.65 11.63 -12.01
C CYS E 190 -30.12 10.24 -12.40
N GLY E 191 -28.92 10.18 -12.97
CA GLY E 191 -28.24 8.90 -13.29
C GLY E 191 -28.08 8.02 -12.05
N ILE E 192 -27.73 8.63 -10.93
CA ILE E 192 -27.68 7.91 -9.69
C ILE E 192 -29.05 7.42 -9.27
N LEU E 193 -30.07 8.27 -9.38
CA LEU E 193 -31.46 7.89 -9.10
C LEU E 193 -31.89 6.69 -9.95
N LEU E 194 -31.57 6.71 -11.23
CA LEU E 194 -31.86 5.59 -12.14
C LEU E 194 -31.19 4.30 -11.65
N ALA E 195 -29.94 4.38 -11.23
CA ALA E 195 -29.29 3.18 -10.72
C ALA E 195 -29.98 2.70 -9.48
N ALA E 196 -30.37 3.63 -8.62
CA ALA E 196 -31.00 3.23 -7.39
C ALA E 196 -32.38 2.56 -7.58
N LEU E 197 -33.11 2.99 -8.61
CA LEU E 197 -34.44 2.46 -8.90
C LEU E 197 -34.23 1.05 -9.42
N GLN E 198 -33.38 0.88 -10.43
CA GLN E 198 -33.06 -0.45 -10.90
C GLN E 198 -32.67 -1.42 -9.73
N ASN E 199 -31.85 -0.93 -8.81
CA ASN E 199 -31.42 -1.75 -7.68
C ASN E 199 -32.55 -2.09 -6.71
N ALA E 200 -33.50 -1.19 -6.56
CA ALA E 200 -34.57 -1.39 -5.61
C ALA E 200 -35.73 -2.23 -6.21
N GLY E 201 -35.59 -2.59 -7.49
CA GLY E 201 -36.60 -3.37 -8.20
C GLY E 201 -37.74 -2.55 -8.75
N LEU E 202 -37.54 -1.25 -8.99
CA LEU E 202 -38.58 -0.42 -9.63
C LEU E 202 -38.21 -0.09 -11.07
N VAL E 203 -39.18 0.36 -11.85
CA VAL E 203 -38.93 0.78 -13.22
C VAL E 203 -39.45 2.18 -13.49
N THR E 204 -38.98 2.75 -14.59
CA THR E 204 -39.29 4.10 -14.95
C THR E 204 -38.86 4.34 -16.36
N VAL E 205 -39.17 5.52 -16.86
CA VAL E 205 -38.58 6.00 -18.10
C VAL E 205 -38.22 7.45 -17.85
N THR E 206 -37.03 7.85 -18.33
CA THR E 206 -36.56 9.21 -18.22
C THR E 206 -37.25 10.06 -19.27
N THR E 207 -38.02 11.08 -18.86
CA THR E 207 -38.69 11.92 -19.91
C THR E 207 -38.34 13.39 -19.79
N ALA E 208 -38.33 14.04 -20.95
CA ALA E 208 -38.11 15.47 -21.12
C ALA E 208 -39.35 16.05 -21.78
N PRO E 209 -40.30 16.50 -20.97
CA PRO E 209 -41.50 17.09 -21.48
C PRO E 209 -41.25 18.48 -22.01
N LEU E 210 -40.81 18.53 -23.26
CA LEU E 210 -40.52 19.80 -23.94
C LEU E 210 -41.67 20.80 -23.87
N ASN E 211 -41.33 22.05 -23.56
CA ASN E 211 -42.26 23.16 -23.38
C ASN E 211 -43.29 22.97 -22.29
N CYS E 212 -43.08 22.04 -21.36
CA CYS E 212 -44.06 21.90 -20.25
C CYS E 212 -43.62 22.52 -18.93
N GLY E 213 -42.40 22.99 -18.83
CA GLY E 213 -41.81 23.31 -17.55
C GLY E 213 -42.48 24.47 -16.83
N PRO E 214 -42.74 25.56 -17.53
CA PRO E 214 -43.31 26.66 -16.78
C PRO E 214 -44.73 26.34 -16.30
N ARG E 215 -45.53 25.67 -17.11
CA ARG E 215 -46.84 25.30 -16.58
C ARG E 215 -46.75 24.35 -15.40
N LEU E 216 -45.82 23.42 -15.48
CA LEU E 216 -45.69 22.42 -14.41
C LEU E 216 -45.11 23.04 -13.14
N ARG E 217 -44.21 23.99 -13.31
CA ARG E 217 -43.65 24.72 -12.15
C ARG E 217 -44.78 25.41 -11.37
N VAL E 218 -45.71 26.07 -12.09
CA VAL E 218 -46.81 26.81 -11.46
C VAL E 218 -47.81 25.87 -10.83
N LEU E 219 -48.23 24.85 -11.55
CA LEU E 219 -49.10 23.87 -10.97
C LEU E 219 -48.58 23.34 -9.63
N LEU E 220 -47.27 23.10 -9.54
CA LEU E 220 -46.72 22.42 -8.36
C LEU E 220 -46.19 23.38 -7.28
N GLY E 221 -46.45 24.67 -7.44
CA GLY E 221 -46.02 25.66 -6.49
C GLY E 221 -44.52 25.80 -6.29
N ARG E 222 -43.71 25.50 -7.33
CA ARG E 222 -42.27 25.59 -7.20
C ARG E 222 -41.80 27.01 -7.54
N PRO E 223 -40.76 27.48 -6.84
CA PRO E 223 -40.27 28.84 -7.09
C PRO E 223 -39.59 28.98 -8.45
N ALA E 224 -39.30 30.23 -8.80
CA ALA E 224 -38.89 30.61 -10.14
C ALA E 224 -37.45 30.23 -10.46
N HIS E 225 -36.63 29.98 -9.45
CA HIS E 225 -35.27 29.51 -9.71
C HIS E 225 -35.20 27.99 -9.97
N GLU E 226 -36.32 27.30 -9.92
CA GLU E 226 -36.37 25.86 -10.23
C GLU E 226 -36.94 25.68 -11.63
N LYS E 227 -36.25 24.91 -12.46
CA LYS E 227 -36.68 24.63 -13.80
C LYS E 227 -36.76 23.14 -13.91
N LEU E 228 -37.82 22.66 -14.55
CA LEU E 228 -37.96 21.24 -14.75
C LEU E 228 -36.88 20.73 -15.68
N LEU E 229 -36.23 19.66 -15.29
CA LEU E 229 -35.21 19.06 -16.13
C LEU E 229 -35.69 17.72 -16.67
N MET E 230 -36.29 16.89 -15.82
CA MET E 230 -36.86 15.63 -16.31
C MET E 230 -37.96 15.07 -15.42
N LEU E 231 -38.80 14.20 -16.01
CA LEU E 231 -39.87 13.53 -15.27
C LEU E 231 -39.80 12.02 -15.42
N LEU E 232 -39.89 11.35 -14.29
CA LEU E 232 -39.75 9.92 -14.21
C LEU E 232 -41.02 9.34 -13.55
N PRO E 233 -41.85 8.70 -14.35
CA PRO E 233 -42.88 7.92 -13.67
C PRO E 233 -42.27 6.68 -13.04
N VAL E 234 -42.74 6.31 -11.85
CA VAL E 234 -42.10 5.22 -11.10
C VAL E 234 -43.13 4.17 -10.62
N GLY E 235 -42.79 2.90 -10.73
CA GLY E 235 -43.52 1.82 -10.04
C GLY E 235 -43.14 0.47 -10.60
N TYR E 236 -44.06 -0.49 -10.63
CA TYR E 236 -43.78 -1.80 -11.20
C TYR E 236 -44.17 -1.75 -12.66
N PRO E 237 -43.50 -2.55 -13.51
CA PRO E 237 -43.96 -2.67 -14.92
C PRO E 237 -45.39 -3.27 -15.00
N SER E 238 -46.23 -2.82 -15.96
CA SER E 238 -47.50 -3.52 -16.26
C SER E 238 -47.15 -4.94 -16.67
N LYS E 239 -48.00 -5.88 -16.27
CA LYS E 239 -47.91 -7.26 -16.74
C LYS E 239 -47.86 -7.38 -18.25
N GLU E 240 -48.40 -6.39 -18.96
CA GLU E 240 -48.34 -6.36 -20.42
C GLU E 240 -47.38 -5.31 -20.97
N ALA E 241 -46.35 -4.95 -20.20
CA ALA E 241 -45.33 -3.99 -20.67
C ALA E 241 -44.43 -4.59 -21.75
N THR E 242 -44.07 -3.78 -22.73
CA THR E 242 -43.11 -4.14 -23.74
C THR E 242 -42.00 -3.06 -23.79
N VAL E 243 -40.92 -3.35 -24.48
CA VAL E 243 -39.88 -2.38 -24.75
C VAL E 243 -39.44 -2.58 -26.17
N PRO E 244 -38.95 -1.53 -26.81
CA PRO E 244 -38.33 -1.77 -28.11
C PRO E 244 -37.05 -2.63 -28.00
N ASP E 245 -36.86 -3.48 -28.99
CA ASP E 245 -35.74 -4.42 -29.06
C ASP E 245 -34.47 -3.71 -29.51
N LEU E 246 -34.04 -2.75 -28.71
CA LEU E 246 -32.89 -1.94 -29.07
C LEU E 246 -31.66 -2.66 -28.63
N LYS E 247 -30.53 -2.40 -29.27
CA LYS E 247 -29.26 -2.95 -28.75
C LYS E 247 -28.25 -1.83 -28.39
N ARG E 248 -27.40 -2.13 -27.41
CA ARG E 248 -26.37 -1.16 -26.98
C ARG E 248 -25.08 -1.39 -27.73
N LYS E 249 -24.22 -0.38 -27.74
CA LYS E 249 -22.95 -0.48 -28.42
C LYS E 249 -22.00 -1.45 -27.71
N PRO E 250 -21.09 -2.08 -28.45
CA PRO E 250 -20.13 -2.90 -27.71
C PRO E 250 -19.08 -2.03 -27.03
N LEU E 251 -18.40 -2.59 -26.05
CA LEU E 251 -17.46 -1.82 -25.27
C LEU E 251 -16.47 -1.04 -26.12
N ASP E 252 -15.97 -1.63 -27.20
CA ASP E 252 -14.95 -0.97 -28.04
C ASP E 252 -15.50 0.08 -28.99
N GLN E 253 -16.82 0.27 -28.97
CA GLN E 253 -17.40 1.45 -29.61
C GLN E 253 -17.65 2.64 -28.67
N ILE E 254 -17.59 2.41 -27.35
CA ILE E 254 -17.75 3.50 -26.37
C ILE E 254 -16.45 3.84 -25.61
N MET E 255 -15.52 2.89 -25.53
CA MET E 255 -14.24 3.04 -24.84
C MET E 255 -13.05 3.10 -25.81
N VAL E 256 -12.24 4.14 -25.67
CA VAL E 256 -11.04 4.35 -26.47
C VAL E 256 -9.88 4.47 -25.49
N THR E 257 -8.99 3.46 -25.51
CA THR E 257 -7.80 3.40 -24.62
C THR E 257 -6.61 4.01 -25.35
N VAL E 258 -5.80 4.78 -24.64
CA VAL E 258 -4.59 5.37 -25.20
C VAL E 258 -3.31 4.72 -24.65
N VAL F 40 19.86 -24.52 -35.74
CA VAL F 40 18.96 -23.71 -34.84
C VAL F 40 18.28 -22.56 -35.60
N GLU F 41 17.00 -22.34 -35.31
CA GLU F 41 16.25 -21.27 -36.00
C GLU F 41 16.37 -19.96 -35.26
N HIS F 42 16.00 -18.87 -35.92
CA HIS F 42 16.11 -17.53 -35.34
C HIS F 42 14.72 -16.94 -35.17
N ILE F 43 14.53 -16.24 -34.06
CA ILE F 43 13.24 -15.83 -33.62
C ILE F 43 13.26 -14.35 -33.31
N PRO F 44 12.07 -13.72 -33.27
CA PRO F 44 11.99 -12.31 -32.96
C PRO F 44 12.50 -12.02 -31.55
N PHE F 45 13.12 -10.87 -31.38
CA PHE F 45 13.59 -10.50 -30.07
C PHE F 45 12.55 -9.57 -29.49
N SER F 46 12.14 -9.81 -28.25
CA SER F 46 11.27 -8.84 -27.62
C SER F 46 11.89 -8.21 -26.40
N HIS F 47 11.53 -6.96 -26.21
CA HIS F 47 12.32 -6.02 -25.47
C HIS F 47 11.45 -5.21 -24.51
N ASN F 48 11.81 -5.19 -23.24
CA ASN F 48 11.12 -4.33 -22.31
C ASN F 48 11.64 -2.88 -22.46
N HIS F 49 10.79 -2.01 -23.00
CA HIS F 49 11.10 -0.59 -23.19
C HIS F 49 10.85 0.17 -21.89
N TYR F 50 11.51 1.30 -21.73
CA TYR F 50 11.18 2.26 -20.68
C TYR F 50 11.18 3.69 -21.26
N PRO F 51 10.30 4.56 -20.75
CA PRO F 51 10.46 5.97 -21.09
C PRO F 51 11.84 6.49 -20.71
N GLU F 52 12.39 7.39 -21.50
CA GLU F 52 13.70 7.95 -21.23
C GLU F 52 13.86 8.33 -19.78
N LYS F 53 12.79 8.86 -19.17
CA LYS F 53 12.86 9.40 -17.81
C LYS F 53 13.10 8.29 -16.78
N GLU F 54 12.51 7.11 -17.03
CA GLU F 54 12.71 5.94 -16.16
C GLU F 54 14.04 5.22 -16.43
N MET F 55 14.55 5.28 -17.67
CA MET F 55 15.90 4.79 -18.01
C MET F 55 16.94 5.56 -17.21
N VAL F 56 16.79 6.89 -17.22
CA VAL F 56 17.69 7.77 -16.49
C VAL F 56 17.67 7.40 -15.02
N LYS F 57 16.49 7.19 -14.46
CA LYS F 57 16.37 6.86 -13.03
C LYS F 57 16.90 5.44 -12.67
N ARG F 58 16.51 4.42 -13.44
CA ARG F 58 17.06 3.05 -13.25
C ARG F 58 18.59 3.05 -13.35
N SER F 59 19.15 3.81 -14.29
CA SER F 59 20.58 3.86 -14.49
C SER F 59 21.26 4.57 -13.33
N GLN F 60 20.59 5.56 -12.77
CA GLN F 60 21.14 6.30 -11.63
C GLN F 60 21.10 5.45 -10.36
N GLU F 61 20.00 4.73 -10.13
CA GLU F 61 19.92 3.97 -8.88
C GLU F 61 20.97 2.87 -8.89
N PHE F 62 21.08 2.21 -10.04
CA PHE F 62 21.98 1.10 -10.22
C PHE F 62 23.45 1.59 -10.13
N TYR F 63 23.77 2.76 -10.65
CA TYR F 63 25.08 3.33 -10.30
C TYR F 63 25.29 3.40 -8.79
N GLU F 64 24.34 3.99 -8.06
CA GLU F 64 24.52 4.26 -6.63
C GLU F 64 24.56 2.95 -5.84
N LEU F 65 23.77 1.99 -6.27
CA LEU F 65 23.82 0.70 -5.68
C LEU F 65 25.18 0.00 -5.84
N LEU F 66 25.70 -0.06 -7.06
CA LEU F 66 26.98 -0.81 -7.28
C LEU F 66 28.15 -0.03 -6.81
N ASN F 67 28.01 1.27 -6.69
CA ASN F 67 29.13 2.08 -6.21
C ASN F 67 29.35 1.87 -4.72
N LYS F 68 28.32 1.41 -4.01
CA LYS F 68 28.52 1.03 -2.60
C LYS F 68 29.31 -0.27 -2.43
N ARG F 69 29.38 -1.10 -3.49
CA ARG F 69 30.10 -2.36 -3.41
C ARG F 69 31.56 -2.10 -3.09
N ARG F 70 32.07 -2.84 -2.13
CA ARG F 70 33.46 -2.82 -1.80
C ARG F 70 33.91 -4.26 -1.59
N SER F 71 35.16 -4.54 -1.87
CA SER F 71 35.77 -5.84 -1.58
C SER F 71 35.95 -5.96 -0.07
N VAL F 72 35.37 -6.97 0.51
CA VAL F 72 35.35 -7.14 1.98
C VAL F 72 36.11 -8.40 2.32
N ARG F 73 37.14 -8.25 3.15
CA ARG F 73 38.04 -9.33 3.46
C ARG F 73 37.82 -9.89 4.88
N PHE F 74 36.72 -9.45 5.52
CA PHE F 74 36.32 -9.85 6.91
C PHE F 74 34.82 -10.20 6.92
N ILE F 75 34.54 -11.49 6.87
CA ILE F 75 33.23 -12.04 6.56
C ILE F 75 32.77 -12.85 7.78
N SER F 76 31.55 -12.60 8.24
CA SER F 76 31.05 -13.36 9.39
C SER F 76 30.65 -14.79 9.05
N ASN F 77 30.54 -15.61 10.09
CA ASN F 77 30.21 -17.03 9.94
C ASN F 77 28.73 -17.27 9.86
N GLU F 78 27.92 -16.22 9.96
CA GLU F 78 26.46 -16.38 9.93
C GLU F 78 26.06 -17.03 8.63
N GLN F 79 25.20 -18.04 8.68
CA GLN F 79 24.79 -18.73 7.47
C GLN F 79 23.96 -17.76 6.64
N VAL F 80 23.82 -18.08 5.36
CA VAL F 80 23.08 -17.28 4.39
C VAL F 80 22.21 -18.25 3.61
N PRO F 81 21.09 -17.75 3.10
CA PRO F 81 20.14 -18.65 2.45
C PRO F 81 20.60 -19.10 1.08
N MET F 82 20.62 -20.42 0.89
CA MET F 82 21.09 -21.03 -0.33
C MET F 82 20.27 -20.67 -1.56
N GLU F 83 19.04 -20.24 -1.38
CA GLU F 83 18.25 -19.83 -2.53
C GLU F 83 18.86 -18.58 -3.19
N VAL F 84 19.47 -17.72 -2.37
CA VAL F 84 20.14 -16.52 -2.83
C VAL F 84 21.40 -16.90 -3.65
N ILE F 85 22.18 -17.83 -3.12
CA ILE F 85 23.38 -18.31 -3.77
C ILE F 85 22.99 -18.95 -5.10
N ASP F 86 22.01 -19.84 -5.06
CA ASP F 86 21.52 -20.48 -6.27
C ASP F 86 21.18 -19.44 -7.34
N ASN F 87 20.55 -18.35 -6.92
CA ASN F 87 20.05 -17.36 -7.86
C ASN F 87 21.15 -16.44 -8.45
N VAL F 88 22.11 -16.01 -7.62
CA VAL F 88 23.20 -15.25 -8.14
C VAL F 88 24.08 -16.10 -9.11
N ILE F 89 24.31 -17.37 -8.81
CA ILE F 89 24.94 -18.26 -9.78
C ILE F 89 24.16 -18.34 -11.08
N ARG F 90 22.86 -18.51 -10.98
CA ARG F 90 22.04 -18.60 -12.17
C ARG F 90 22.09 -17.30 -12.95
N THR F 91 22.23 -16.20 -12.24
CA THR F 91 22.37 -14.90 -12.89
C THR F 91 23.72 -14.79 -13.66
N ALA F 92 24.79 -15.28 -13.03
CA ALA F 92 26.12 -15.34 -13.66
C ALA F 92 26.08 -16.13 -14.94
N GLY F 93 25.29 -17.21 -14.93
CA GLY F 93 25.07 -18.08 -16.10
C GLY F 93 24.28 -17.50 -17.27
N THR F 94 23.70 -16.31 -17.08
CA THR F 94 23.08 -15.56 -18.18
C THR F 94 24.06 -14.75 -19.02
N ALA F 95 25.34 -14.74 -18.61
CA ALA F 95 26.39 -14.04 -19.32
C ALA F 95 26.47 -14.41 -20.78
N PRO F 96 26.94 -13.48 -21.61
CA PRO F 96 27.36 -13.84 -22.96
C PRO F 96 28.59 -14.74 -22.94
N SER F 97 28.84 -15.49 -24.01
CA SER F 97 30.06 -16.30 -24.10
C SER F 97 30.43 -16.52 -25.57
N GLY F 98 31.73 -16.57 -25.82
CA GLY F 98 32.25 -16.83 -27.17
C GLY F 98 31.61 -18.02 -27.84
N ALA F 99 30.95 -17.76 -28.97
CA ALA F 99 30.25 -18.80 -29.74
C ALA F 99 29.25 -19.60 -28.90
N HIS F 100 28.65 -18.98 -27.89
CA HIS F 100 27.67 -19.66 -27.03
C HIS F 100 28.21 -20.98 -26.50
N THR F 101 29.32 -20.90 -25.79
CA THR F 101 29.95 -22.08 -25.18
C THR F 101 29.71 -22.23 -23.68
N GLU F 102 29.28 -21.17 -23.03
CA GLU F 102 29.11 -21.18 -21.59
C GLU F 102 30.20 -21.88 -20.80
N PRO F 103 31.49 -21.42 -20.89
CA PRO F 103 32.63 -22.22 -20.39
C PRO F 103 32.92 -22.08 -18.88
N TRP F 104 31.88 -22.07 -18.06
CA TRP F 104 32.03 -21.77 -16.65
C TRP F 104 31.48 -22.88 -15.78
N THR F 105 32.20 -23.14 -14.68
CA THR F 105 31.78 -24.03 -13.63
C THR F 105 31.94 -23.26 -12.35
N PHE F 106 30.84 -23.06 -11.63
CA PHE F 106 30.84 -22.42 -10.30
C PHE F 106 30.80 -23.51 -9.23
N VAL F 107 31.90 -23.64 -8.50
CA VAL F 107 32.02 -24.66 -7.50
C VAL F 107 31.82 -23.98 -6.17
N VAL F 108 30.84 -24.48 -5.42
CA VAL F 108 30.42 -23.93 -4.14
C VAL F 108 30.76 -24.85 -2.98
N VAL F 109 31.48 -24.35 -2.02
CA VAL F 109 31.83 -25.15 -0.87
C VAL F 109 31.17 -24.58 0.40
N LYS F 110 30.39 -25.43 1.06
CA LYS F 110 29.79 -25.15 2.37
C LYS F 110 30.50 -25.89 3.51
N ASP F 111 31.16 -26.99 3.19
CA ASP F 111 31.72 -27.87 4.21
C ASP F 111 33.00 -27.36 4.89
N PRO F 112 32.94 -27.12 6.22
CA PRO F 112 34.10 -26.56 6.90
C PRO F 112 35.36 -27.41 6.79
N ASP F 113 35.22 -28.72 6.65
CA ASP F 113 36.40 -29.58 6.51
C ASP F 113 37.07 -29.27 5.16
N VAL F 114 36.28 -29.26 4.10
CA VAL F 114 36.78 -28.87 2.78
C VAL F 114 37.28 -27.40 2.81
N LYS F 115 36.50 -26.49 3.37
CA LYS F 115 36.97 -25.11 3.46
C LYS F 115 38.30 -24.97 4.18
N HIS F 116 38.55 -25.83 5.17
CA HIS F 116 39.78 -25.75 5.96
C HIS F 116 40.97 -26.26 5.16
N LYS F 117 40.75 -27.26 4.32
CA LYS F 117 41.84 -27.70 3.43
C LYS F 117 42.16 -26.64 2.37
N ILE F 118 41.13 -25.94 1.92
CA ILE F 118 41.30 -24.88 0.93
C ILE F 118 42.18 -23.82 1.55
N ARG F 119 41.80 -23.43 2.77
CA ARG F 119 42.57 -22.46 3.51
C ARG F 119 44.03 -22.80 3.65
N LYS F 120 44.32 -24.02 4.06
CA LYS F 120 45.72 -24.45 4.23
C LYS F 120 46.49 -24.35 2.92
N ILE F 121 45.85 -24.74 1.84
CA ILE F 121 46.53 -24.69 0.57
C ILE F 121 46.83 -23.27 0.18
N ILE F 122 45.87 -22.39 0.35
CA ILE F 122 46.02 -21.01 -0.11
C ILE F 122 46.98 -20.22 0.76
N GLU F 123 46.89 -20.36 2.09
CA GLU F 123 47.83 -19.67 3.00
C GLU F 123 49.27 -20.13 2.79
N GLU F 124 49.45 -21.41 2.49
CA GLU F 124 50.80 -21.94 2.26
C GLU F 124 51.36 -21.40 0.95
N GLU F 125 50.58 -21.53 -0.10
CA GLU F 125 51.01 -21.03 -1.37
C GLU F 125 51.21 -19.48 -1.34
N GLU F 126 50.31 -18.72 -0.70
CA GLU F 126 50.44 -17.28 -0.70
C GLU F 126 51.62 -16.78 0.14
N GLU F 127 51.97 -17.50 1.20
CA GLU F 127 53.11 -17.08 2.02
C GLU F 127 54.36 -17.16 1.17
N ILE F 128 54.50 -18.23 0.40
CA ILE F 128 55.59 -18.32 -0.55
C ILE F 128 55.46 -17.28 -1.66
N ASN F 129 54.22 -16.95 -2.05
CA ASN F 129 54.03 -15.89 -3.03
C ASN F 129 54.56 -14.55 -2.52
N TYR F 130 54.10 -14.14 -1.35
CA TYR F 130 54.54 -12.88 -0.75
C TYR F 130 56.06 -12.86 -0.45
N MET F 131 56.56 -13.91 0.14
CA MET F 131 57.97 -13.93 0.50
C MET F 131 58.93 -14.16 -0.66
N LYS F 132 58.49 -14.71 -1.77
CA LYS F 132 59.45 -15.02 -2.84
C LYS F 132 58.92 -14.73 -4.26
N ARG F 133 57.73 -15.20 -4.61
CA ARG F 133 57.39 -15.30 -6.03
C ARG F 133 56.78 -14.04 -6.61
N MET F 134 56.24 -13.18 -5.77
CA MET F 134 55.55 -12.01 -6.29
C MET F 134 56.52 -10.92 -6.67
N GLY F 135 57.58 -10.77 -5.89
CA GLY F 135 58.54 -9.69 -6.05
C GLY F 135 58.23 -8.45 -5.24
N HIS F 136 59.30 -7.74 -4.89
CA HIS F 136 59.27 -6.51 -4.11
C HIS F 136 58.21 -5.52 -4.59
N ARG F 137 58.16 -5.28 -5.89
CA ARG F 137 57.29 -4.26 -6.43
C ARG F 137 55.79 -4.57 -6.23
N TRP F 138 55.39 -5.82 -6.47
CA TRP F 138 54.00 -6.25 -6.23
C TRP F 138 53.66 -6.12 -4.73
N VAL F 139 54.52 -6.69 -3.90
CA VAL F 139 54.29 -6.65 -2.47
C VAL F 139 54.14 -5.20 -2.03
N THR F 140 54.94 -4.28 -2.59
CA THR F 140 54.83 -2.86 -2.20
C THR F 140 53.48 -2.27 -2.64
N ASP F 141 53.06 -2.64 -3.85
CA ASP F 141 51.86 -2.10 -4.44
C ASP F 141 50.64 -2.52 -3.63
N LEU F 142 50.72 -3.67 -2.96
CA LEU F 142 49.67 -4.12 -2.04
C LEU F 142 49.59 -3.51 -0.59
N LYS F 143 50.62 -2.80 -0.17
CA LYS F 143 50.68 -2.21 1.18
C LYS F 143 49.43 -1.45 1.52
N LYS F 144 48.95 -0.65 0.59
CA LYS F 144 47.76 0.15 0.82
C LYS F 144 46.55 -0.71 1.17
N LEU F 145 46.57 -1.99 0.82
CA LEU F 145 45.44 -2.89 1.07
C LEU F 145 45.59 -3.76 2.34
N ARG F 146 46.82 -3.85 2.86
CA ARG F 146 47.13 -4.60 4.09
C ARG F 146 46.84 -6.08 4.01
N THR F 147 46.88 -6.62 2.81
CA THR F 147 46.70 -8.04 2.59
C THR F 147 47.99 -8.76 2.90
N ASN F 148 47.89 -10.00 3.36
CA ASN F 148 49.04 -10.89 3.41
C ASN F 148 48.54 -12.30 3.13
N TRP F 149 49.35 -13.33 3.42
CA TRP F 149 48.98 -14.72 3.19
C TRP F 149 47.93 -15.28 4.19
N ILE F 150 47.51 -14.50 5.18
CA ILE F 150 46.56 -15.02 6.20
C ILE F 150 45.16 -14.75 5.72
N LYS F 151 44.39 -15.79 5.43
CA LYS F 151 43.06 -15.63 4.84
C LYS F 151 41.96 -16.28 5.69
N GLU F 152 41.49 -15.52 6.69
CA GLU F 152 40.68 -16.07 7.76
C GLU F 152 39.30 -16.35 7.21
N TYR F 153 38.93 -15.54 6.22
CA TYR F 153 37.66 -15.66 5.58
C TYR F 153 37.47 -17.03 4.95
N LEU F 154 38.52 -17.78 4.68
CA LEU F 154 38.32 -19.09 4.07
C LEU F 154 37.65 -20.07 5.06
N ASP F 155 37.81 -19.87 6.36
CA ASP F 155 37.10 -20.65 7.39
C ASP F 155 35.80 -19.96 7.76
N THR F 156 35.86 -18.65 7.98
CA THR F 156 34.72 -17.96 8.57
C THR F 156 33.57 -17.89 7.61
N ALA F 157 33.85 -17.68 6.33
CA ALA F 157 32.78 -17.42 5.39
C ALA F 157 32.00 -18.68 5.25
N PRO F 158 30.68 -18.59 5.16
CA PRO F 158 29.90 -19.81 5.09
C PRO F 158 29.98 -20.46 3.71
N ILE F 159 30.22 -19.64 2.69
CA ILE F 159 30.27 -20.11 1.32
C ILE F 159 31.55 -19.63 0.67
N LEU F 160 32.22 -20.52 -0.01
CA LEU F 160 33.21 -20.13 -0.95
C LEU F 160 32.71 -20.46 -2.34
N ILE F 161 32.78 -19.52 -3.27
CA ILE F 161 32.54 -19.82 -4.71
C ILE F 161 33.84 -19.83 -5.51
N LEU F 162 34.22 -21.00 -6.01
CA LEU F 162 35.42 -21.11 -6.84
C LEU F 162 34.96 -21.10 -8.30
N ILE F 163 35.35 -20.07 -9.04
CA ILE F 163 35.01 -19.97 -10.45
C ILE F 163 36.12 -20.55 -11.32
N PHE F 164 35.82 -21.69 -11.93
CA PHE F 164 36.67 -22.35 -12.92
C PHE F 164 36.28 -22.01 -14.37
N LYS F 165 37.28 -21.70 -15.18
CA LYS F 165 37.07 -21.62 -16.62
C LYS F 165 37.33 -23.00 -17.21
N GLN F 166 36.56 -23.35 -18.23
CA GLN F 166 36.80 -24.54 -19.02
C GLN F 166 37.60 -24.14 -20.27
N VAL F 167 38.84 -24.59 -20.35
CA VAL F 167 39.74 -24.15 -21.42
C VAL F 167 39.33 -24.72 -22.78
N HIS F 168 38.64 -25.85 -22.73
CA HIS F 168 37.89 -26.38 -23.86
C HIS F 168 36.80 -27.25 -23.26
N GLY F 169 35.90 -27.74 -24.12
CA GLY F 169 34.88 -28.64 -23.63
C GLY F 169 34.89 -29.96 -24.38
N PHE F 170 33.81 -30.71 -24.19
CA PHE F 170 33.64 -32.01 -24.80
C PHE F 170 32.22 -32.14 -25.39
N ALA F 171 32.10 -32.48 -26.66
CA ALA F 171 30.82 -32.93 -27.20
C ALA F 171 30.36 -34.26 -26.59
N ALA F 172 29.14 -34.66 -26.95
CA ALA F 172 28.48 -35.85 -26.37
C ALA F 172 29.12 -37.16 -26.83
N ASN F 173 29.70 -37.13 -28.03
CA ASN F 173 30.51 -38.21 -28.57
C ASN F 173 31.96 -38.18 -28.12
N GLY F 174 32.29 -37.32 -27.14
CA GLY F 174 33.57 -37.36 -26.48
C GLY F 174 34.70 -36.63 -27.18
N LYS F 175 34.42 -36.03 -28.32
CA LYS F 175 35.38 -35.20 -28.99
C LYS F 175 35.41 -33.79 -28.41
N LYS F 176 36.54 -33.12 -28.60
CA LYS F 176 36.83 -31.83 -27.98
C LYS F 176 36.04 -30.75 -28.66
N LYS F 177 35.52 -29.80 -27.90
CA LYS F 177 35.01 -28.57 -28.50
C LYS F 177 35.75 -27.32 -28.03
N VAL F 178 35.87 -26.36 -28.94
CA VAL F 178 36.66 -25.19 -28.72
C VAL F 178 35.86 -24.19 -27.88
N HIS F 179 36.53 -23.55 -26.93
CA HIS F 179 35.89 -22.52 -26.16
C HIS F 179 36.56 -21.18 -26.45
N TYR F 180 36.01 -20.49 -27.42
CA TYR F 180 36.51 -19.23 -27.88
C TYR F 180 36.35 -18.19 -26.78
N TYR F 181 37.43 -17.44 -26.54
CA TYR F 181 37.44 -16.38 -25.56
C TYR F 181 36.96 -16.89 -24.20
N ASN F 182 37.45 -18.03 -23.75
CA ASN F 182 36.94 -18.59 -22.51
C ASN F 182 37.27 -17.80 -21.25
N GLU F 183 38.50 -17.31 -21.12
CA GLU F 183 38.83 -16.52 -19.96
C GLU F 183 38.01 -15.24 -19.90
N ILE F 184 37.86 -14.56 -21.01
CA ILE F 184 37.10 -13.36 -20.99
C ILE F 184 35.62 -13.59 -20.66
N SER F 185 35.06 -14.63 -21.25
CA SER F 185 33.69 -15.03 -21.07
C SER F 185 33.47 -15.31 -19.58
N VAL F 186 34.40 -16.04 -18.97
CA VAL F 186 34.25 -16.33 -17.56
C VAL F 186 34.38 -15.13 -16.65
N SER F 187 35.27 -14.22 -17.00
CA SER F 187 35.44 -13.02 -16.21
C SER F 187 34.20 -12.14 -16.36
N ILE F 188 33.59 -12.14 -17.52
CA ILE F 188 32.40 -11.31 -17.68
C ILE F 188 31.25 -11.85 -16.77
N ALA F 189 31.10 -13.16 -16.73
CA ALA F 189 30.12 -13.78 -15.85
C ALA F 189 30.47 -13.49 -14.38
N CYS F 190 31.76 -13.42 -14.05
CA CYS F 190 32.17 -13.08 -12.71
C CYS F 190 31.73 -11.65 -12.39
N GLY F 191 31.75 -10.75 -13.38
CA GLY F 191 31.32 -9.40 -13.15
C GLY F 191 29.82 -9.33 -12.88
N ILE F 192 29.05 -10.03 -13.68
CA ILE F 192 27.64 -10.19 -13.41
C ILE F 192 27.38 -10.81 -12.02
N LEU F 193 28.12 -11.84 -11.63
CA LEU F 193 27.99 -12.44 -10.30
C LEU F 193 28.19 -11.43 -9.21
N LEU F 194 29.19 -10.57 -9.36
CA LEU F 194 29.43 -9.54 -8.37
C LEU F 194 28.27 -8.54 -8.26
N ALA F 195 27.76 -8.12 -9.39
CA ALA F 195 26.61 -7.25 -9.42
C ALA F 195 25.46 -7.91 -8.64
N ALA F 196 25.17 -9.15 -8.99
CA ALA F 196 24.10 -9.90 -8.38
C ALA F 196 24.29 -10.03 -6.86
N LEU F 197 25.49 -10.28 -6.39
CA LEU F 197 25.76 -10.35 -4.97
C LEU F 197 25.53 -9.00 -4.31
N GLN F 198 25.98 -7.92 -4.95
CA GLN F 198 25.79 -6.63 -4.35
C GLN F 198 24.27 -6.35 -4.19
N ASN F 199 23.49 -6.83 -5.13
CA ASN F 199 22.10 -6.52 -5.24
C ASN F 199 21.26 -7.47 -4.39
N ALA F 200 21.93 -8.46 -3.82
CA ALA F 200 21.28 -9.36 -2.91
C ALA F 200 21.79 -9.15 -1.49
N GLY F 201 22.57 -8.09 -1.28
CA GLY F 201 23.03 -7.73 0.05
C GLY F 201 24.10 -8.60 0.66
N LEU F 202 24.87 -9.29 -0.18
CA LEU F 202 25.99 -10.10 0.26
C LEU F 202 27.29 -9.45 -0.19
N VAL F 203 28.37 -9.77 0.50
CA VAL F 203 29.66 -9.21 0.22
C VAL F 203 30.62 -10.30 -0.13
N THR F 204 31.74 -9.88 -0.73
CA THR F 204 32.79 -10.78 -1.12
C THR F 204 34.03 -9.99 -1.41
N VAL F 205 35.09 -10.71 -1.74
CA VAL F 205 36.24 -10.10 -2.35
C VAL F 205 36.70 -11.06 -3.45
N THR F 206 36.91 -10.52 -4.65
CA THR F 206 37.43 -11.26 -5.78
C THR F 206 38.90 -11.57 -5.49
N THR F 207 39.27 -12.84 -5.39
CA THR F 207 40.68 -13.14 -5.17
C THR F 207 41.21 -14.04 -6.26
N ALA F 208 42.51 -13.96 -6.50
CA ALA F 208 43.25 -14.74 -7.48
C ALA F 208 44.37 -15.40 -6.72
N PRO F 209 44.12 -16.59 -6.17
CA PRO F 209 45.13 -17.35 -5.42
C PRO F 209 46.24 -17.99 -6.32
N LEU F 210 47.18 -17.13 -6.72
CA LEU F 210 48.34 -17.48 -7.53
C LEU F 210 48.99 -18.81 -7.10
N ASN F 211 49.19 -19.71 -8.07
CA ASN F 211 49.84 -21.02 -7.89
C ASN F 211 49.03 -22.03 -7.06
N CYS F 212 47.78 -21.70 -6.75
CA CYS F 212 46.90 -22.62 -6.02
C CYS F 212 45.98 -23.47 -6.91
N GLY F 213 45.91 -23.14 -8.20
CA GLY F 213 44.98 -23.77 -9.13
C GLY F 213 44.95 -25.28 -9.11
N PRO F 214 46.09 -25.93 -9.43
CA PRO F 214 46.23 -27.41 -9.50
C PRO F 214 45.85 -28.13 -8.23
N ARG F 215 46.40 -27.70 -7.10
CA ARG F 215 46.06 -28.35 -5.84
C ARG F 215 44.59 -28.19 -5.53
N LEU F 216 44.02 -27.02 -5.80
CA LEU F 216 42.60 -26.82 -5.52
C LEU F 216 41.73 -27.64 -6.46
N ARG F 217 42.11 -27.68 -7.74
CA ARG F 217 41.41 -28.52 -8.75
C ARG F 217 41.36 -30.00 -8.33
N VAL F 218 42.45 -30.51 -7.82
CA VAL F 218 42.57 -31.90 -7.42
C VAL F 218 41.77 -32.20 -6.15
N LEU F 219 41.95 -31.35 -5.15
CA LEU F 219 41.18 -31.42 -3.92
C LEU F 219 39.67 -31.43 -4.18
N LEU F 220 39.21 -30.65 -5.15
CA LEU F 220 37.76 -30.57 -5.41
C LEU F 220 37.26 -31.54 -6.47
N GLY F 221 38.14 -32.44 -6.91
CA GLY F 221 37.77 -33.46 -7.87
C GLY F 221 37.32 -32.92 -9.22
N ARG F 222 37.89 -31.80 -9.65
CA ARG F 222 37.50 -31.20 -10.94
C ARG F 222 38.40 -31.73 -12.06
N PRO F 223 37.86 -31.85 -13.27
CA PRO F 223 38.65 -32.40 -14.37
C PRO F 223 39.64 -31.39 -14.91
N ALA F 224 40.53 -31.91 -15.74
CA ALA F 224 41.77 -31.22 -16.11
C ALA F 224 41.53 -30.03 -17.03
N HIS F 225 40.44 -30.05 -17.79
CA HIS F 225 40.09 -28.95 -18.67
C HIS F 225 39.44 -27.75 -17.91
N GLU F 226 39.29 -27.89 -16.61
CA GLU F 226 38.87 -26.75 -15.79
C GLU F 226 40.09 -26.19 -15.03
N LYS F 227 40.26 -24.86 -15.11
CA LYS F 227 41.29 -24.14 -14.35
C LYS F 227 40.67 -23.08 -13.49
N LEU F 228 41.22 -22.86 -12.32
CA LEU F 228 40.68 -21.94 -11.39
C LEU F 228 40.97 -20.52 -11.82
N LEU F 229 39.95 -19.71 -11.93
CA LEU F 229 40.17 -18.35 -12.38
C LEU F 229 40.09 -17.39 -11.20
N MET F 230 39.02 -17.48 -10.41
CA MET F 230 38.98 -16.69 -9.18
C MET F 230 38.20 -17.36 -8.06
N LEU F 231 38.40 -16.88 -6.84
CA LEU F 231 37.74 -17.42 -5.64
C LEU F 231 37.08 -16.29 -4.88
N LEU F 232 35.80 -16.46 -4.56
CA LEU F 232 35.05 -15.42 -3.87
C LEU F 232 34.44 -15.97 -2.57
N PRO F 233 34.95 -15.51 -1.44
CA PRO F 233 34.26 -15.84 -0.17
C PRO F 233 32.97 -15.08 -0.11
N VAL F 234 31.88 -15.74 0.26
CA VAL F 234 30.58 -15.05 0.28
C VAL F 234 29.89 -15.11 1.64
N GLY F 235 29.49 -13.94 2.12
CA GLY F 235 28.57 -13.84 3.24
C GLY F 235 28.25 -12.41 3.65
N TYR F 236 28.04 -12.21 4.95
CA TYR F 236 27.82 -10.87 5.47
C TYR F 236 29.11 -10.39 6.01
N PRO F 237 29.31 -9.08 6.06
CA PRO F 237 30.53 -8.54 6.63
C PRO F 237 30.58 -8.83 8.13
N SER F 238 31.77 -8.85 8.71
CA SER F 238 31.90 -8.89 10.15
C SER F 238 31.53 -7.54 10.72
N LYS F 239 30.89 -7.57 11.89
CA LYS F 239 30.69 -6.38 12.69
C LYS F 239 31.89 -5.43 12.59
N GLU F 240 33.08 -5.97 12.76
CA GLU F 240 34.30 -5.15 12.78
C GLU F 240 34.98 -4.90 11.41
N ALA F 241 34.29 -5.17 10.29
CA ALA F 241 34.97 -5.21 8.98
C ALA F 241 35.46 -3.83 8.60
N THR F 242 36.70 -3.74 8.15
CA THR F 242 37.17 -2.49 7.54
C THR F 242 37.29 -2.69 6.00
N VAL F 243 37.35 -1.57 5.30
CA VAL F 243 37.91 -1.52 3.95
C VAL F 243 38.92 -0.40 3.90
N PRO F 244 39.89 -0.50 2.97
CA PRO F 244 40.80 0.61 2.76
C PRO F 244 40.03 1.80 2.20
N ASP F 245 40.51 3.00 2.46
CA ASP F 245 39.77 4.21 2.09
C ASP F 245 40.19 4.62 0.69
N LEU F 246 39.69 3.92 -0.32
CA LEU F 246 40.13 4.13 -1.70
C LEU F 246 39.11 4.98 -2.43
N LYS F 247 39.55 5.73 -3.42
CA LYS F 247 38.68 6.57 -4.24
C LYS F 247 38.66 5.98 -5.61
N ARG F 248 37.51 6.07 -6.26
CA ARG F 248 37.41 5.79 -7.68
C ARG F 248 37.61 7.02 -8.58
N LYS F 249 38.14 6.76 -9.77
CA LYS F 249 38.35 7.81 -10.74
C LYS F 249 37.03 8.49 -11.10
N PRO F 250 37.07 9.80 -11.33
CA PRO F 250 35.95 10.50 -11.91
C PRO F 250 35.68 10.04 -13.34
N LEU F 251 34.44 10.17 -13.75
CA LEU F 251 34.01 9.72 -15.06
C LEU F 251 34.90 10.19 -16.24
N ASP F 252 35.46 11.39 -16.16
CA ASP F 252 36.24 11.92 -17.26
C ASP F 252 37.65 11.36 -17.29
N GLN F 253 37.99 10.48 -16.34
CA GLN F 253 39.26 9.76 -16.45
C GLN F 253 39.07 8.30 -16.85
N ILE F 254 37.82 7.90 -17.04
CA ILE F 254 37.57 6.54 -17.55
C ILE F 254 36.80 6.52 -18.85
N MET F 255 36.22 7.67 -19.23
CA MET F 255 35.32 7.76 -20.38
C MET F 255 35.87 8.82 -21.33
N VAL F 256 35.98 8.47 -22.59
CA VAL F 256 36.42 9.38 -23.65
C VAL F 256 35.33 9.38 -24.71
N THR F 257 34.81 10.56 -25.05
CA THR F 257 33.80 10.66 -26.11
C THR F 257 34.45 11.14 -27.41
N VAL F 258 33.78 10.84 -28.54
CA VAL F 258 34.11 11.48 -29.84
C VAL F 258 32.85 11.85 -30.67
#